data_2PLU
# 
_entry.id   2PLU 
# 
_audit_conform.dict_name       mmcif_pdbx.dic 
_audit_conform.dict_version    5.377 
_audit_conform.dict_location   http://mmcif.pdb.org/dictionaries/ascii/mmcif_pdbx.dic 
# 
loop_
_database_2.database_id 
_database_2.database_code 
_database_2.pdbx_database_accession 
_database_2.pdbx_DOI 
PDB   2PLU         pdb_00002plu 10.2210/pdb2plu/pdb 
RCSB  RCSB042518   ?            ?                   
WWPDB D_1000042518 ?            ?                   
# 
_pdbx_database_status.entry_id                        2PLU 
_pdbx_database_status.deposit_site                    RCSB 
_pdbx_database_status.process_site                    RCSB 
_pdbx_database_status.recvd_initial_deposition_date   2007-04-20 
_pdbx_database_status.status_code                     REL 
_pdbx_database_status.status_code_sf                  REL 
_pdbx_database_status.status_code_mr                  ? 
_pdbx_database_status.SG_entry                        Y 
_pdbx_database_status.pdb_format_compatible           Y 
_pdbx_database_status.status_code_cs                  ? 
_pdbx_database_status.methods_development_category    ? 
_pdbx_database_status.status_code_nmr_data            ? 
# 
loop_
_audit_author.name 
_audit_author.pdbx_ordinal 
'Wernimont, A.K.'                      1  
'Lew, J.'                              2  
'Hills, T.'                            3  
'Kozieradzki, I.'                      4  
'Lin, Y.H.'                            5  
'Hassanali, A.'                        6  
'Zhao, Y.'                             7  
'Schapira, M.'                         8  
'Arrowsmith, C.H.'                     9  
'Edwards, A.M.'                        10 
'Weigelt, J.'                          11 
'Sundstrom, M.'                        12 
'Bochkarev, A.'                        13 
'Hui, R.'                              14 
'Artz, J.D.'                           15 
'Xiao, T.'                             16 
'Structural Genomics Consortium (SGC)' 17 
# 
_citation.id                        primary 
_citation.title                     
'Crystal structure of Cryptosporidium parvum cyclophilin type peptidyl-prolyl cis-trans isomerase cgd2_4120.' 
_citation.journal_abbrev            'To be Published' 
_citation.journal_volume            ? 
_citation.page_first                ? 
_citation.page_last                 ? 
_citation.year                      ? 
_citation.journal_id_ASTM           ? 
_citation.country                   ? 
_citation.journal_id_ISSN           ? 
_citation.journal_id_CSD            0353 
_citation.book_publisher            ? 
_citation.pdbx_database_id_PubMed   ? 
_citation.pdbx_database_id_DOI      ? 
# 
loop_
_citation_author.citation_id 
_citation_author.name 
_citation_author.ordinal 
_citation_author.identifier_ORCID 
primary 'Wernimont, A.K.'  1  ? 
primary 'Lew, J.'          2  ? 
primary 'Hills, T.'        3  ? 
primary 'Kozieradzki, I.'  4  ? 
primary 'Lin, Y.H.'        5  ? 
primary 'Hassanali, A.'    6  ? 
primary 'Zhao, Y.'         7  ? 
primary 'Schapira, M.'     8  ? 
primary 'Arrowsmith, C.H.' 9  ? 
primary 'Edwards, A.M.'    10 ? 
primary 'Weigelt, J.'      11 ? 
primary 'Sundstrom, M.'    12 ? 
primary 'Bochkarev, A.'    13 ? 
primary 'Hui, R.'          14 ? 
primary 'Artz, J.D.'       15 ? 
primary 'Xiao, T.'         16 ? 
# 
_cell.length_a           56.856 
_cell.length_b           56.856 
_cell.length_c           107.255 
_cell.angle_alpha        90.000 
_cell.angle_beta         90.000 
_cell.angle_gamma        120.000 
_cell.entry_id           2PLU 
_cell.pdbx_unique_axis   ? 
_cell.Z_PDB              6 
_cell.length_a_esd       ? 
_cell.length_b_esd       ? 
_cell.length_c_esd       ? 
_cell.angle_alpha_esd    ? 
_cell.angle_beta_esd     ? 
_cell.angle_gamma_esd    ? 
# 
_symmetry.space_group_name_H-M             'P 31 2 1' 
_symmetry.entry_id                         2PLU 
_symmetry.Int_Tables_number                152 
_symmetry.pdbx_full_space_group_name_H-M   ? 
_symmetry.cell_setting                     ? 
_symmetry.space_group_name_Hall            ? 
# 
loop_
_entity.id 
_entity.type 
_entity.src_method 
_entity.pdbx_description 
_entity.formula_weight 
_entity.pdbx_number_of_molecules 
_entity.pdbx_ec 
_entity.pdbx_mutation 
_entity.pdbx_fragment 
_entity.details 
1 polymer man '20k cyclophilin, putative' 20334.020 1   ? ? ? ? 
2 water   nat water                       18.015    215 ? ? ? ? 
# 
_entity_poly.entity_id                      1 
_entity_poly.type                           'polypeptide(L)' 
_entity_poly.nstd_linkage                   no 
_entity_poly.nstd_monomer                   no 
_entity_poly.pdbx_seq_one_letter_code       
;MHHHHHHSSGRENLYFQGNPVVYFDISIGQTPAGRITMELFADKVPITAENFRALCTGEKGMGQSGKPLCYTGSFFHRII
PQFMIQGGDFTRGDGTGGESIYGSKFRDENFVYTHDAPFLLSMANAGPNTNGSQFFITTVPCPWLDGKHVVFGKVLEGME
VVKSIEKCGSQNGKPTKSVCITASGV
;
_entity_poly.pdbx_seq_one_letter_code_can   
;MHHHHHHSSGRENLYFQGNPVVYFDISIGQTPAGRITMELFADKVPITAENFRALCTGEKGMGQSGKPLCYTGSFFHRII
PQFMIQGGDFTRGDGTGGESIYGSKFRDENFVYTHDAPFLLSMANAGPNTNGSQFFITTVPCPWLDGKHVVFGKVLEGME
VVKSIEKCGSQNGKPTKSVCITASGV
;
_entity_poly.pdbx_strand_id                 A 
_entity_poly.pdbx_target_identifier         ? 
# 
loop_
_entity_poly_seq.entity_id 
_entity_poly_seq.num 
_entity_poly_seq.mon_id 
_entity_poly_seq.hetero 
1 1   MET n 
1 2   HIS n 
1 3   HIS n 
1 4   HIS n 
1 5   HIS n 
1 6   HIS n 
1 7   HIS n 
1 8   SER n 
1 9   SER n 
1 10  GLY n 
1 11  ARG n 
1 12  GLU n 
1 13  ASN n 
1 14  LEU n 
1 15  TYR n 
1 16  PHE n 
1 17  GLN n 
1 18  GLY n 
1 19  ASN n 
1 20  PRO n 
1 21  VAL n 
1 22  VAL n 
1 23  TYR n 
1 24  PHE n 
1 25  ASP n 
1 26  ILE n 
1 27  SER n 
1 28  ILE n 
1 29  GLY n 
1 30  GLN n 
1 31  THR n 
1 32  PRO n 
1 33  ALA n 
1 34  GLY n 
1 35  ARG n 
1 36  ILE n 
1 37  THR n 
1 38  MET n 
1 39  GLU n 
1 40  LEU n 
1 41  PHE n 
1 42  ALA n 
1 43  ASP n 
1 44  LYS n 
1 45  VAL n 
1 46  PRO n 
1 47  ILE n 
1 48  THR n 
1 49  ALA n 
1 50  GLU n 
1 51  ASN n 
1 52  PHE n 
1 53  ARG n 
1 54  ALA n 
1 55  LEU n 
1 56  CYS n 
1 57  THR n 
1 58  GLY n 
1 59  GLU n 
1 60  LYS n 
1 61  GLY n 
1 62  MET n 
1 63  GLY n 
1 64  GLN n 
1 65  SER n 
1 66  GLY n 
1 67  LYS n 
1 68  PRO n 
1 69  LEU n 
1 70  CYS n 
1 71  TYR n 
1 72  THR n 
1 73  GLY n 
1 74  SER n 
1 75  PHE n 
1 76  PHE n 
1 77  HIS n 
1 78  ARG n 
1 79  ILE n 
1 80  ILE n 
1 81  PRO n 
1 82  GLN n 
1 83  PHE n 
1 84  MET n 
1 85  ILE n 
1 86  GLN n 
1 87  GLY n 
1 88  GLY n 
1 89  ASP n 
1 90  PHE n 
1 91  THR n 
1 92  ARG n 
1 93  GLY n 
1 94  ASP n 
1 95  GLY n 
1 96  THR n 
1 97  GLY n 
1 98  GLY n 
1 99  GLU n 
1 100 SER n 
1 101 ILE n 
1 102 TYR n 
1 103 GLY n 
1 104 SER n 
1 105 LYS n 
1 106 PHE n 
1 107 ARG n 
1 108 ASP n 
1 109 GLU n 
1 110 ASN n 
1 111 PHE n 
1 112 VAL n 
1 113 TYR n 
1 114 THR n 
1 115 HIS n 
1 116 ASP n 
1 117 ALA n 
1 118 PRO n 
1 119 PHE n 
1 120 LEU n 
1 121 LEU n 
1 122 SER n 
1 123 MET n 
1 124 ALA n 
1 125 ASN n 
1 126 ALA n 
1 127 GLY n 
1 128 PRO n 
1 129 ASN n 
1 130 THR n 
1 131 ASN n 
1 132 GLY n 
1 133 SER n 
1 134 GLN n 
1 135 PHE n 
1 136 PHE n 
1 137 ILE n 
1 138 THR n 
1 139 THR n 
1 140 VAL n 
1 141 PRO n 
1 142 CYS n 
1 143 PRO n 
1 144 TRP n 
1 145 LEU n 
1 146 ASP n 
1 147 GLY n 
1 148 LYS n 
1 149 HIS n 
1 150 VAL n 
1 151 VAL n 
1 152 PHE n 
1 153 GLY n 
1 154 LYS n 
1 155 VAL n 
1 156 LEU n 
1 157 GLU n 
1 158 GLY n 
1 159 MET n 
1 160 GLU n 
1 161 VAL n 
1 162 VAL n 
1 163 LYS n 
1 164 SER n 
1 165 ILE n 
1 166 GLU n 
1 167 LYS n 
1 168 CYS n 
1 169 GLY n 
1 170 SER n 
1 171 GLN n 
1 172 ASN n 
1 173 GLY n 
1 174 LYS n 
1 175 PRO n 
1 176 THR n 
1 177 LYS n 
1 178 SER n 
1 179 VAL n 
1 180 CYS n 
1 181 ILE n 
1 182 THR n 
1 183 ALA n 
1 184 SER n 
1 185 GLY n 
1 186 VAL n 
# 
_entity_src_gen.entity_id                          1 
_entity_src_gen.pdbx_src_id                        1 
_entity_src_gen.pdbx_alt_source_flag               sample 
_entity_src_gen.pdbx_seq_type                      ? 
_entity_src_gen.pdbx_beg_seq_num                   ? 
_entity_src_gen.pdbx_end_seq_num                   ? 
_entity_src_gen.gene_src_common_name               ? 
_entity_src_gen.gene_src_genus                     Cryptosporidium 
_entity_src_gen.pdbx_gene_src_gene                 cgd2_4120 
_entity_src_gen.gene_src_species                   'Cryptosporidium parvum' 
_entity_src_gen.gene_src_strain                    'Iowa type II' 
_entity_src_gen.gene_src_tissue                    ? 
_entity_src_gen.gene_src_tissue_fraction           ? 
_entity_src_gen.gene_src_details                   ? 
_entity_src_gen.pdbx_gene_src_fragment             ? 
_entity_src_gen.pdbx_gene_src_scientific_name      'Cryptosporidium parvum Iowa II' 
_entity_src_gen.pdbx_gene_src_ncbi_taxonomy_id     353152 
_entity_src_gen.pdbx_gene_src_variant              ? 
_entity_src_gen.pdbx_gene_src_cell_line            ? 
_entity_src_gen.pdbx_gene_src_atcc                 ? 
_entity_src_gen.pdbx_gene_src_organ                ? 
_entity_src_gen.pdbx_gene_src_organelle            ? 
_entity_src_gen.pdbx_gene_src_cell                 ? 
_entity_src_gen.pdbx_gene_src_cellular_location    ? 
_entity_src_gen.host_org_common_name               ? 
_entity_src_gen.pdbx_host_org_scientific_name      'Escherichia coli' 
_entity_src_gen.pdbx_host_org_ncbi_taxonomy_id     562 
_entity_src_gen.host_org_genus                     Escherichia 
_entity_src_gen.pdbx_host_org_gene                 ? 
_entity_src_gen.pdbx_host_org_organ                ? 
_entity_src_gen.host_org_species                   ? 
_entity_src_gen.pdbx_host_org_tissue               ? 
_entity_src_gen.pdbx_host_org_tissue_fraction      ? 
_entity_src_gen.pdbx_host_org_strain               DH5a 
_entity_src_gen.pdbx_host_org_variant              ? 
_entity_src_gen.pdbx_host_org_cell_line            ? 
_entity_src_gen.pdbx_host_org_atcc                 ? 
_entity_src_gen.pdbx_host_org_culture_collection   ? 
_entity_src_gen.pdbx_host_org_cell                 ? 
_entity_src_gen.pdbx_host_org_organelle            ? 
_entity_src_gen.pdbx_host_org_cellular_location    ? 
_entity_src_gen.pdbx_host_org_vector_type          Plasmid 
_entity_src_gen.pdbx_host_org_vector               ? 
_entity_src_gen.host_org_details                   ? 
_entity_src_gen.expression_system_id               ? 
_entity_src_gen.plasmid_name                       p15_mhl 
_entity_src_gen.plasmid_details                    ? 
_entity_src_gen.pdbx_description                   ? 
# 
_struct_ref.id                         1 
_struct_ref.db_name                    UNP 
_struct_ref.db_code                    A3FQA7_CRYPV 
_struct_ref.pdbx_db_accession          A3FQA7 
_struct_ref.entity_id                  1 
_struct_ref.pdbx_seq_one_letter_code   
;NPVVYFDISIGQTPAGRITMELFADKVPITAENFRALCTGEKGMGQSGKPLCYTGSFFHRIIPQFMIQGGDFTRGDGTGG
ESIYGSKFRDENFVYTHDAPFLLSMANAGPNTNGSQFFITTVPCPWLDGKHVVFGKVLEGMEVVKSIEKCGSQNGKPTKS
VCITASGV
;
_struct_ref.pdbx_align_begin           3 
_struct_ref.pdbx_db_isoform            ? 
# 
_struct_ref_seq.align_id                      1 
_struct_ref_seq.ref_id                        1 
_struct_ref_seq.pdbx_PDB_id_code              2PLU 
_struct_ref_seq.pdbx_strand_id                A 
_struct_ref_seq.seq_align_beg                 19 
_struct_ref_seq.pdbx_seq_align_beg_ins_code   ? 
_struct_ref_seq.seq_align_end                 186 
_struct_ref_seq.pdbx_seq_align_end_ins_code   ? 
_struct_ref_seq.pdbx_db_accession             A3FQA7 
_struct_ref_seq.db_align_beg                  3 
_struct_ref_seq.pdbx_db_align_beg_ins_code    ? 
_struct_ref_seq.db_align_end                  170 
_struct_ref_seq.pdbx_db_align_end_ins_code    ? 
_struct_ref_seq.pdbx_auth_seq_align_beg       19 
_struct_ref_seq.pdbx_auth_seq_align_end       186 
# 
loop_
_struct_ref_seq_dif.align_id 
_struct_ref_seq_dif.pdbx_pdb_id_code 
_struct_ref_seq_dif.mon_id 
_struct_ref_seq_dif.pdbx_pdb_strand_id 
_struct_ref_seq_dif.seq_num 
_struct_ref_seq_dif.pdbx_pdb_ins_code 
_struct_ref_seq_dif.pdbx_seq_db_name 
_struct_ref_seq_dif.pdbx_seq_db_accession_code 
_struct_ref_seq_dif.db_mon_id 
_struct_ref_seq_dif.pdbx_seq_db_seq_num 
_struct_ref_seq_dif.details 
_struct_ref_seq_dif.pdbx_auth_seq_num 
_struct_ref_seq_dif.pdbx_ordinal 
1 2PLU MET A 1  ? UNP A3FQA7 ? ? 'cloning artifact' 1  1  
1 2PLU HIS A 2  ? UNP A3FQA7 ? ? 'cloning artifact' 2  2  
1 2PLU HIS A 3  ? UNP A3FQA7 ? ? 'cloning artifact' 3  3  
1 2PLU HIS A 4  ? UNP A3FQA7 ? ? 'cloning artifact' 4  4  
1 2PLU HIS A 5  ? UNP A3FQA7 ? ? 'cloning artifact' 5  5  
1 2PLU HIS A 6  ? UNP A3FQA7 ? ? 'cloning artifact' 6  6  
1 2PLU HIS A 7  ? UNP A3FQA7 ? ? 'cloning artifact' 7  7  
1 2PLU SER A 8  ? UNP A3FQA7 ? ? 'cloning artifact' 8  8  
1 2PLU SER A 9  ? UNP A3FQA7 ? ? 'cloning artifact' 9  9  
1 2PLU GLY A 10 ? UNP A3FQA7 ? ? 'cloning artifact' 10 10 
1 2PLU ARG A 11 ? UNP A3FQA7 ? ? 'cloning artifact' 11 11 
1 2PLU GLU A 12 ? UNP A3FQA7 ? ? 'cloning artifact' 12 12 
1 2PLU ASN A 13 ? UNP A3FQA7 ? ? 'cloning artifact' 13 13 
1 2PLU LEU A 14 ? UNP A3FQA7 ? ? 'cloning artifact' 14 14 
1 2PLU TYR A 15 ? UNP A3FQA7 ? ? 'cloning artifact' 15 15 
1 2PLU PHE A 16 ? UNP A3FQA7 ? ? 'cloning artifact' 16 16 
1 2PLU GLN A 17 ? UNP A3FQA7 ? ? 'cloning artifact' 17 17 
1 2PLU GLY A 18 ? UNP A3FQA7 ? ? 'cloning artifact' 18 18 
# 
loop_
_chem_comp.id 
_chem_comp.type 
_chem_comp.mon_nstd_flag 
_chem_comp.name 
_chem_comp.pdbx_synonyms 
_chem_comp.formula 
_chem_comp.formula_weight 
ALA 'L-peptide linking' y ALANINE         ? 'C3 H7 N O2'     89.093  
ARG 'L-peptide linking' y ARGININE        ? 'C6 H15 N4 O2 1' 175.209 
ASN 'L-peptide linking' y ASPARAGINE      ? 'C4 H8 N2 O3'    132.118 
ASP 'L-peptide linking' y 'ASPARTIC ACID' ? 'C4 H7 N O4'     133.103 
CYS 'L-peptide linking' y CYSTEINE        ? 'C3 H7 N O2 S'   121.158 
GLN 'L-peptide linking' y GLUTAMINE       ? 'C5 H10 N2 O3'   146.144 
GLU 'L-peptide linking' y 'GLUTAMIC ACID' ? 'C5 H9 N O4'     147.129 
GLY 'peptide linking'   y GLYCINE         ? 'C2 H5 N O2'     75.067  
HIS 'L-peptide linking' y HISTIDINE       ? 'C6 H10 N3 O2 1' 156.162 
HOH non-polymer         . WATER           ? 'H2 O'           18.015  
ILE 'L-peptide linking' y ISOLEUCINE      ? 'C6 H13 N O2'    131.173 
LEU 'L-peptide linking' y LEUCINE         ? 'C6 H13 N O2'    131.173 
LYS 'L-peptide linking' y LYSINE          ? 'C6 H15 N2 O2 1' 147.195 
MET 'L-peptide linking' y METHIONINE      ? 'C5 H11 N O2 S'  149.211 
PHE 'L-peptide linking' y PHENYLALANINE   ? 'C9 H11 N O2'    165.189 
PRO 'L-peptide linking' y PROLINE         ? 'C5 H9 N O2'     115.130 
SER 'L-peptide linking' y SERINE          ? 'C3 H7 N O3'     105.093 
THR 'L-peptide linking' y THREONINE       ? 'C4 H9 N O3'     119.119 
TRP 'L-peptide linking' y TRYPTOPHAN      ? 'C11 H12 N2 O2'  204.225 
TYR 'L-peptide linking' y TYROSINE        ? 'C9 H11 N O3'    181.189 
VAL 'L-peptide linking' y VALINE          ? 'C5 H11 N O2'    117.146 
# 
_exptl.crystals_number   1 
_exptl.entry_id          2PLU 
_exptl.method            'X-RAY DIFFRACTION' 
# 
_exptl_crystal.id                    1 
_exptl_crystal.density_Matthews      2.46 
_exptl_crystal.density_meas          ? 
_exptl_crystal.density_percent_sol   50.00 
_exptl_crystal.description           ? 
_exptl_crystal.F_000                 ? 
_exptl_crystal.preparation           ? 
# 
_exptl_crystal_grow.crystal_id      1 
_exptl_crystal_grow.method          'VAPOR DIFFUSION, HANGING DROP' 
_exptl_crystal_grow.pH              5.5 
_exptl_crystal_grow.temp            293 
_exptl_crystal_grow.temp_details    ? 
_exptl_crystal_grow.pdbx_details    
'20% PEG 8000, 0.2 M Ammonium sulfate, 0.1 M Sodium cacodylate, pH 5.5, VAPOR DIFFUSION, HANGING DROP, temperature 293K' 
_exptl_crystal_grow.pdbx_pH_range   . 
# 
_diffrn.id                     1 
_diffrn.ambient_temp           100 
_diffrn.ambient_temp_details   ? 
_diffrn.crystal_id             1 
# 
_diffrn_detector.diffrn_id              1 
_diffrn_detector.detector               'IMAGE PLATE' 
_diffrn_detector.type                   'RIGAKU RAXIS IV' 
_diffrn_detector.pdbx_collection_date   2007-04-09 
_diffrn_detector.details                ? 
# 
_diffrn_radiation.diffrn_id                        1 
_diffrn_radiation.wavelength_id                    1 
_diffrn_radiation.pdbx_diffrn_protocol             'SINGLE WAVELENGTH' 
_diffrn_radiation.monochromator                    ? 
_diffrn_radiation.pdbx_monochromatic_or_laue_m_l   M 
_diffrn_radiation.pdbx_scattering_type             x-ray 
# 
_diffrn_radiation_wavelength.id           1 
_diffrn_radiation_wavelength.wavelength   1.54 
_diffrn_radiation_wavelength.wt           1.0 
# 
_diffrn_source.diffrn_id                   1 
_diffrn_source.source                      'ROTATING ANODE' 
_diffrn_source.type                        RIGAKU 
_diffrn_source.pdbx_wavelength             ? 
_diffrn_source.pdbx_wavelength_list        1.54 
_diffrn_source.pdbx_synchrotron_site       ? 
_diffrn_source.pdbx_synchrotron_beamline   ? 
# 
_reflns.entry_id                     2PLU 
_reflns.d_resolution_high            1.82 
_reflns.d_resolution_low             50.000 
_reflns.number_obs                   18650 
_reflns.pdbx_Rmerge_I_obs            0.121 
_reflns.pdbx_netI_over_sigmaI        6.700 
_reflns.pdbx_chi_squared             1.156 
_reflns.pdbx_redundancy              5.500 
_reflns.percent_possible_obs         97.700 
_reflns.observed_criterion_sigma_F   0 
_reflns.observed_criterion_sigma_I   0 
_reflns.number_all                   18650 
_reflns.pdbx_Rsym_value              0.082 
_reflns.B_iso_Wilson_estimate        ? 
_reflns.R_free_details               ? 
_reflns.limit_h_max                  ? 
_reflns.limit_h_min                  ? 
_reflns.limit_k_max                  ? 
_reflns.limit_k_min                  ? 
_reflns.limit_l_max                  ? 
_reflns.limit_l_min                  ? 
_reflns.observed_criterion_F_max     ? 
_reflns.observed_criterion_F_min     ? 
_reflns.pdbx_scaling_rejects         ? 
_reflns.pdbx_diffrn_id               1 
_reflns.pdbx_ordinal                 1 
# 
_reflns_shell.d_res_high             1.82 
_reflns_shell.d_res_low              1.90 
_reflns_shell.number_measured_obs    ? 
_reflns_shell.number_measured_all    ? 
_reflns_shell.number_unique_obs      ? 
_reflns_shell.Rmerge_I_obs           0.584 
_reflns_shell.meanI_over_sigI_obs    2.1 
_reflns_shell.pdbx_Rsym_value        0.501 
_reflns_shell.pdbx_chi_squared       1.062 
_reflns_shell.pdbx_redundancy        3.90 
_reflns_shell.percent_possible_obs   ? 
_reflns_shell.number_unique_all      2413 
_reflns_shell.percent_possible_all   79.50 
_reflns_shell.pdbx_diffrn_id         ? 
_reflns_shell.pdbx_ordinal           1 
# 
_refine.entry_id                                 2PLU 
_refine.ls_d_res_high                            1.820 
_refine.ls_d_res_low                             49.270 
_refine.pdbx_ls_sigma_F                          0.00 
_refine.ls_percent_reflns_obs                    93.860 
_refine.ls_number_reflns_obs                     18407 
_refine.pdbx_ls_cross_valid_method               THROUGHOUT 
_refine.pdbx_R_Free_selection_details            RANDOM 
_refine.details                                  'HYDROGENS HAVE BEEN ADDED IN THE RIDING POSITIONS' 
_refine.ls_R_factor_obs                          0.177 
_refine.ls_R_factor_R_work                       0.175 
_refine.ls_R_factor_R_free                       0.217 
_refine.ls_percent_reflns_R_free                 5.100 
_refine.ls_number_reflns_R_free                  899 
_refine.B_iso_mean                               18.765 
_refine.aniso_B[1][1]                            0.110 
_refine.aniso_B[2][2]                            0.110 
_refine.aniso_B[3][3]                            -0.160 
_refine.aniso_B[1][2]                            0.050 
_refine.aniso_B[1][3]                            0.000 
_refine.aniso_B[2][3]                            0.000 
_refine.correlation_coeff_Fo_to_Fc               0.957 
_refine.correlation_coeff_Fo_to_Fc_free          0.935 
_refine.pdbx_overall_ESU_R                       0.127 
_refine.pdbx_overall_ESU_R_Free                  0.125 
_refine.overall_SU_ML                            0.074 
_refine.overall_SU_B                             2.349 
_refine.solvent_model_details                    MASK 
_refine.pdbx_solvent_vdw_probe_radii             1.400 
_refine.pdbx_solvent_ion_probe_radii             0.800 
_refine.pdbx_solvent_shrinkage_radii             0.800 
_refine.pdbx_stereochemistry_target_values       'MAXIMUM LIKELIHOOD' 
_refine.pdbx_ls_sigma_I                          ? 
_refine.ls_number_reflns_all                     18407 
_refine.ls_R_factor_all                          0.177 
_refine.ls_redundancy_reflns_obs                 ? 
_refine.pdbx_data_cutoff_high_absF               ? 
_refine.pdbx_data_cutoff_low_absF                ? 
_refine.ls_number_parameters                     ? 
_refine.ls_number_restraints                     ? 
_refine.ls_R_factor_R_free_error                 ? 
_refine.ls_R_factor_R_free_error_details         ? 
_refine.pdbx_method_to_determine_struct          'MOLECULAR REPLACEMENT' 
_refine.pdbx_starting_model                      'PDB entry 1DYW' 
_refine.pdbx_stereochem_target_val_spec_case     ? 
_refine.solvent_model_param_bsol                 ? 
_refine.solvent_model_param_ksol                 ? 
_refine.occupancy_max                            ? 
_refine.occupancy_min                            ? 
_refine.pdbx_isotropic_thermal_model             ? 
_refine.B_iso_min                                ? 
_refine.B_iso_max                                ? 
_refine.overall_SU_R_Cruickshank_DPI             ? 
_refine.overall_SU_R_free                        ? 
_refine.pdbx_data_cutoff_high_rms_absF           ? 
_refine.ls_wR_factor_R_free                      ? 
_refine.ls_wR_factor_R_work                      ? 
_refine.overall_FOM_free_R_set                   ? 
_refine.overall_FOM_work_R_set                   ? 
_refine.pdbx_refine_id                           'X-RAY DIFFRACTION' 
_refine.pdbx_diffrn_id                           1 
_refine.pdbx_TLS_residual_ADP_flag               ? 
_refine.pdbx_overall_phase_error                 ? 
_refine.pdbx_overall_SU_R_free_Cruickshank_DPI   ? 
_refine.pdbx_overall_SU_R_Blow_DPI               ? 
_refine.pdbx_overall_SU_R_free_Blow_DPI          ? 
# 
_refine_hist.pdbx_refine_id                   'X-RAY DIFFRACTION' 
_refine_hist.cycle_id                         LAST 
_refine_hist.pdbx_number_atoms_protein        1310 
_refine_hist.pdbx_number_atoms_nucleic_acid   0 
_refine_hist.pdbx_number_atoms_ligand         0 
_refine_hist.number_atoms_solvent             215 
_refine_hist.number_atoms_total               1525 
_refine_hist.d_res_high                       1.820 
_refine_hist.d_res_low                        49.270 
# 
loop_
_refine_ls_restr.type 
_refine_ls_restr.number 
_refine_ls_restr.dev_ideal 
_refine_ls_restr.dev_ideal_target 
_refine_ls_restr.weight 
_refine_ls_restr.pdbx_refine_id 
_refine_ls_restr.pdbx_restraint_function 
r_bond_refined_d         1342 0.014  0.022  ? 'X-RAY DIFFRACTION' ? 
r_angle_refined_deg      1812 1.320  1.952  ? 'X-RAY DIFFRACTION' ? 
r_dihedral_angle_1_deg   170  6.492  5.000  ? 'X-RAY DIFFRACTION' ? 
r_dihedral_angle_2_deg   57   33.100 24.211 ? 'X-RAY DIFFRACTION' ? 
r_dihedral_angle_3_deg   215  13.752 15.000 ? 'X-RAY DIFFRACTION' ? 
r_dihedral_angle_4_deg   5    22.769 15.000 ? 'X-RAY DIFFRACTION' ? 
r_chiral_restr           193  0.094  0.200  ? 'X-RAY DIFFRACTION' ? 
r_gen_planes_refined     1031 0.005  0.020  ? 'X-RAY DIFFRACTION' ? 
r_nbd_refined            652  0.223  0.200  ? 'X-RAY DIFFRACTION' ? 
r_nbtor_refined          914  0.309  0.200  ? 'X-RAY DIFFRACTION' ? 
r_xyhbond_nbd_refined    179  0.175  0.200  ? 'X-RAY DIFFRACTION' ? 
r_symmetry_vdw_refined   29   0.204  0.200  ? 'X-RAY DIFFRACTION' ? 
r_symmetry_hbond_refined 17   0.179  0.200  ? 'X-RAY DIFFRACTION' ? 
r_mcbond_it              871  0.781  1.500  ? 'X-RAY DIFFRACTION' ? 
r_mcangle_it             1361 1.265  2.000  ? 'X-RAY DIFFRACTION' ? 
r_scbond_it              536  2.193  3.000  ? 'X-RAY DIFFRACTION' ? 
r_scangle_it             451  3.322  4.500  ? 'X-RAY DIFFRACTION' ? 
# 
_refine_ls_shell.d_res_high                       1.82 
_refine_ls_shell.d_res_low                        1.87 
_refine_ls_shell.pdbx_total_number_of_bins_used   20 
_refine_ls_shell.percent_reflns_obs               59.380 
_refine_ls_shell.number_reflns_R_work             749 
_refine_ls_shell.R_factor_all                     ? 
_refine_ls_shell.R_factor_R_work                  0.348 
_refine_ls_shell.R_factor_R_free                  0.454 
_refine_ls_shell.percent_reflns_R_free            ? 
_refine_ls_shell.number_reflns_R_free             55 
_refine_ls_shell.R_factor_R_free_error            ? 
_refine_ls_shell.number_reflns_all                ? 
_refine_ls_shell.number_reflns_obs                804 
_refine_ls_shell.redundancy_reflns_obs            ? 
_refine_ls_shell.pdbx_refine_id                   'X-RAY DIFFRACTION' 
# 
_struct.entry_id                  2PLU 
_struct.title                     
'Crystal structure of Cryptosporidium parvum cyclophilin type peptidyl-prolyl cis-trans isomerase cgd2_4120' 
_struct.pdbx_model_details        ? 
_struct.pdbx_CASP_flag            N 
_struct.pdbx_model_type_details   ? 
# 
_struct_keywords.entry_id        2PLU 
_struct_keywords.pdbx_keywords   ISOMERASE 
_struct_keywords.text            
'cyclophilin, malaria, cryptosporidium, Structural Genomics, Structural Genomics Consortium, SGC, ISOMERASE' 
# 
loop_
_struct_asym.id 
_struct_asym.pdbx_blank_PDB_chainid_flag 
_struct_asym.pdbx_modified 
_struct_asym.entity_id 
_struct_asym.details 
A N N 1 ? 
B N N 2 ? 
# 
_struct_biol.id                    1 
_struct_biol.details               'The biological assembly is a monomer, described by the contents of the asymmetric unit.' 
_struct_biol.pdbx_parent_biol_id   ? 
# 
loop_
_struct_conf.conf_type_id 
_struct_conf.id 
_struct_conf.pdbx_PDB_helix_id 
_struct_conf.beg_label_comp_id 
_struct_conf.beg_label_asym_id 
_struct_conf.beg_label_seq_id 
_struct_conf.pdbx_beg_PDB_ins_code 
_struct_conf.end_label_comp_id 
_struct_conf.end_label_asym_id 
_struct_conf.end_label_seq_id 
_struct_conf.pdbx_end_PDB_ins_code 
_struct_conf.beg_auth_comp_id 
_struct_conf.beg_auth_asym_id 
_struct_conf.beg_auth_seq_id 
_struct_conf.end_auth_comp_id 
_struct_conf.end_auth_asym_id 
_struct_conf.end_auth_seq_id 
_struct_conf.pdbx_PDB_helix_class 
_struct_conf.details 
_struct_conf.pdbx_PDB_helix_length 
HELX_P HELX_P1 1 VAL A 45  ? GLY A 58  ? VAL A 45  GLY A 58  1 ? 14 
HELX_P HELX_P2 2 CYS A 142 ? ASP A 146 ? CYS A 142 ASP A 146 5 ? 5  
HELX_P HELX_P3 3 GLY A 158 ? LYS A 167 ? GLY A 158 LYS A 167 1 ? 10 
# 
_struct_conf_type.id          HELX_P 
_struct_conf_type.criteria    ? 
_struct_conf_type.reference   ? 
# 
loop_
_struct_sheet.id 
_struct_sheet.type 
_struct_sheet.number_strands 
_struct_sheet.details 
A ? 8 ? 
B ? 3 ? 
# 
loop_
_struct_sheet_order.sheet_id 
_struct_sheet_order.range_id_1 
_struct_sheet_order.range_id_2 
_struct_sheet_order.offset 
_struct_sheet_order.sense 
A 1 2 ? anti-parallel 
A 2 3 ? anti-parallel 
A 3 4 ? anti-parallel 
A 4 5 ? anti-parallel 
A 5 6 ? anti-parallel 
A 6 7 ? anti-parallel 
A 7 8 ? anti-parallel 
B 1 2 ? anti-parallel 
B 2 3 ? anti-parallel 
# 
loop_
_struct_sheet_range.sheet_id 
_struct_sheet_range.id 
_struct_sheet_range.beg_label_comp_id 
_struct_sheet_range.beg_label_asym_id 
_struct_sheet_range.beg_label_seq_id 
_struct_sheet_range.pdbx_beg_PDB_ins_code 
_struct_sheet_range.end_label_comp_id 
_struct_sheet_range.end_label_asym_id 
_struct_sheet_range.end_label_seq_id 
_struct_sheet_range.pdbx_end_PDB_ins_code 
_struct_sheet_range.beg_auth_comp_id 
_struct_sheet_range.beg_auth_asym_id 
_struct_sheet_range.beg_auth_seq_id 
_struct_sheet_range.end_auth_comp_id 
_struct_sheet_range.end_auth_asym_id 
_struct_sheet_range.end_auth_seq_id 
A 1 TYR A 15  ? PHE A 16  ? TYR A 15  PHE A 16  
A 2 ASN A 19  ? ILE A 28  ? ASN A 19  ILE A 28  
A 3 THR A 31  ? LEU A 40  ? THR A 31  LEU A 40  
A 4 VAL A 151 ? GLU A 157 ? VAL A 151 GLU A 157 
A 5 LEU A 120 ? MET A 123 ? LEU A 120 MET A 123 
A 6 PHE A 135 ? THR A 138 ? PHE A 135 THR A 138 
A 7 MET A 84  ? GLY A 87  ? MET A 84  GLY A 87  
A 8 ARG A 78  ? ILE A 80  ? ARG A 78  ILE A 80  
B 1 TYR A 15  ? PHE A 16  ? TYR A 15  PHE A 16  
B 2 ASN A 19  ? ILE A 28  ? ASN A 19  ILE A 28  
B 3 VAL A 179 ? GLY A 185 ? VAL A 179 GLY A 185 
# 
loop_
_pdbx_struct_sheet_hbond.sheet_id 
_pdbx_struct_sheet_hbond.range_id_1 
_pdbx_struct_sheet_hbond.range_id_2 
_pdbx_struct_sheet_hbond.range_1_label_atom_id 
_pdbx_struct_sheet_hbond.range_1_label_comp_id 
_pdbx_struct_sheet_hbond.range_1_label_asym_id 
_pdbx_struct_sheet_hbond.range_1_label_seq_id 
_pdbx_struct_sheet_hbond.range_1_PDB_ins_code 
_pdbx_struct_sheet_hbond.range_1_auth_atom_id 
_pdbx_struct_sheet_hbond.range_1_auth_comp_id 
_pdbx_struct_sheet_hbond.range_1_auth_asym_id 
_pdbx_struct_sheet_hbond.range_1_auth_seq_id 
_pdbx_struct_sheet_hbond.range_2_label_atom_id 
_pdbx_struct_sheet_hbond.range_2_label_comp_id 
_pdbx_struct_sheet_hbond.range_2_label_asym_id 
_pdbx_struct_sheet_hbond.range_2_label_seq_id 
_pdbx_struct_sheet_hbond.range_2_PDB_ins_code 
_pdbx_struct_sheet_hbond.range_2_auth_atom_id 
_pdbx_struct_sheet_hbond.range_2_auth_comp_id 
_pdbx_struct_sheet_hbond.range_2_auth_asym_id 
_pdbx_struct_sheet_hbond.range_2_auth_seq_id 
A 1 2 N PHE A 16  ? N PHE A 16  O ASN A 19  ? O ASN A 19  
A 2 3 N ILE A 26  ? N ILE A 26  O ALA A 33  ? O ALA A 33  
A 3 4 N THR A 37  ? N THR A 37  O LEU A 156 ? O LEU A 156 
A 4 5 O GLY A 153 ? O GLY A 153 N LEU A 121 ? N LEU A 121 
A 5 6 N SER A 122 ? N SER A 122 O PHE A 136 ? O PHE A 136 
A 6 7 O ILE A 137 ? O ILE A 137 N ILE A 85  ? N ILE A 85  
A 7 8 O GLN A 86  ? O GLN A 86  N ARG A 78  ? N ARG A 78  
B 1 2 N PHE A 16  ? N PHE A 16  O ASN A 19  ? O ASN A 19  
B 2 3 N ASP A 25  ? N ASP A 25  O ALA A 183 ? O ALA A 183 
# 
_atom_sites.entry_id                    2PLU 
_atom_sites.fract_transf_matrix[1][1]   -0.00348041 
_atom_sites.fract_transf_matrix[1][2]   0.01509708 
_atom_sites.fract_transf_matrix[1][3]   0.01313113 
_atom_sites.fract_transf_matrix[2][1]   0.01516077 
_atom_sites.fract_transf_matrix[2][2]   0.00722141 
_atom_sites.fract_transf_matrix[2][3]   0.01142182 
_atom_sites.fract_transf_matrix[3][1]   0.00202591 
_atom_sites.fract_transf_matrix[3][2]   0.00623430 
_atom_sites.fract_transf_matrix[3][3]   -0.00663070 
_atom_sites.fract_transf_vector[1]      0.629471 
_atom_sites.fract_transf_vector[2]      0.595663 
_atom_sites.fract_transf_vector[3]      0.158070 
# 
loop_
_atom_type.symbol 
C 
N 
O 
S 
# 
loop_
_atom_site.group_PDB 
_atom_site.id 
_atom_site.type_symbol 
_atom_site.label_atom_id 
_atom_site.label_alt_id 
_atom_site.label_comp_id 
_atom_site.label_asym_id 
_atom_site.label_entity_id 
_atom_site.label_seq_id 
_atom_site.pdbx_PDB_ins_code 
_atom_site.Cartn_x 
_atom_site.Cartn_y 
_atom_site.Cartn_z 
_atom_site.occupancy 
_atom_site.B_iso_or_equiv 
_atom_site.pdbx_formal_charge 
_atom_site.auth_seq_id 
_atom_site.auth_comp_id 
_atom_site.auth_asym_id 
_atom_site.auth_atom_id 
_atom_site.pdbx_PDB_model_num 
ATOM   1    N N   . LEU A 1 14  ? 9.089   4.300   15.665  1.00 30.14 ? 14  LEU A N   1 
ATOM   2    C CA  . LEU A 1 14  ? 8.548   5.684   15.741  1.00 29.72 ? 14  LEU A CA  1 
ATOM   3    C C   . LEU A 1 14  ? 7.023   5.646   15.636  1.00 28.90 ? 14  LEU A C   1 
ATOM   4    O O   . LEU A 1 14  ? 6.455   4.868   14.854  1.00 28.05 ? 14  LEU A O   1 
ATOM   5    C CB  . LEU A 1 14  ? 9.127   6.575   14.637  1.00 30.51 ? 14  LEU A CB  1 
ATOM   6    C CG  . LEU A 1 14  ? 8.601   8.015   14.610  1.00 32.47 ? 14  LEU A CG  1 
ATOM   7    C CD1 . LEU A 1 14  ? 9.363   8.926   15.587  1.00 34.35 ? 14  LEU A CD1 1 
ATOM   8    C CD2 . LEU A 1 14  ? 8.611   8.577   13.191  1.00 34.08 ? 14  LEU A CD2 1 
ATOM   9    N N   . TYR A 1 15  ? 6.379   6.498   16.429  1.00 27.65 ? 15  TYR A N   1 
ATOM   10   C CA  . TYR A 1 15  ? 4.929   6.501   16.567  1.00 26.66 ? 15  TYR A CA  1 
ATOM   11   C C   . TYR A 1 15  ? 4.347   7.894   16.378  1.00 26.00 ? 15  TYR A C   1 
ATOM   12   O O   . TYR A 1 15  ? 5.038   8.897   16.598  1.00 25.95 ? 15  TYR A O   1 
ATOM   13   C CB  . TYR A 1 15  ? 4.529   5.915   17.926  1.00 27.35 ? 15  TYR A CB  1 
ATOM   14   C CG  . TYR A 1 15  ? 4.889   4.456   18.062  1.00 27.58 ? 15  TYR A CG  1 
ATOM   15   C CD1 . TYR A 1 15  ? 3.975   3.456   17.724  1.00 27.71 ? 15  TYR A CD1 1 
ATOM   16   C CD2 . TYR A 1 15  ? 6.157   4.068   18.502  1.00 29.73 ? 15  TYR A CD2 1 
ATOM   17   C CE1 . TYR A 1 15  ? 4.311   2.103   17.825  1.00 28.15 ? 15  TYR A CE1 1 
ATOM   18   C CE2 . TYR A 1 15  ? 6.496   2.728   18.607  1.00 29.70 ? 15  TYR A CE2 1 
ATOM   19   C CZ  . TYR A 1 15  ? 5.574   1.751   18.270  1.00 28.82 ? 15  TYR A CZ  1 
ATOM   20   O OH  . TYR A 1 15  ? 5.930   0.417   18.394  1.00 29.79 ? 15  TYR A OH  1 
ATOM   21   N N   . PHE A 1 16  ? 3.096   7.940   15.920  1.00 24.39 ? 16  PHE A N   1 
ATOM   22   C CA  . PHE A 1 16  ? 2.342   9.179   15.765  1.00 23.50 ? 16  PHE A CA  1 
ATOM   23   C C   . PHE A 1 16  ? 0.944   8.917   16.291  1.00 22.33 ? 16  PHE A C   1 
ATOM   24   O O   . PHE A 1 16  ? 0.252   8.007   15.806  1.00 20.86 ? 16  PHE A O   1 
ATOM   25   C CB  . PHE A 1 16  ? 2.307   9.643   14.300  1.00 24.30 ? 16  PHE A CB  1 
ATOM   26   C CG  . PHE A 1 16  ? 1.414   10.851  14.050  1.00 25.08 ? 16  PHE A CG  1 
ATOM   27   C CD1 . PHE A 1 16  ? 1.857   12.140  14.363  1.00 27.76 ? 16  PHE A CD1 1 
ATOM   28   C CD2 . PHE A 1 16  ? 0.131   10.694  13.497  1.00 27.89 ? 16  PHE A CD2 1 
ATOM   29   C CE1 . PHE A 1 16  ? 1.040   13.263  14.131  1.00 26.64 ? 16  PHE A CE1 1 
ATOM   30   C CE2 . PHE A 1 16  ? -0.705  11.805  13.255  1.00 27.75 ? 16  PHE A CE2 1 
ATOM   31   C CZ  . PHE A 1 16  ? -0.244  13.097  13.574  1.00 27.64 ? 16  PHE A CZ  1 
ATOM   32   N N   . GLN A 1 17  ? 0.544   9.705   17.291  1.00 20.68 ? 17  GLN A N   1 
ATOM   33   C CA  . GLN A 1 17  ? -0.732  9.497   17.984  1.00 20.49 ? 17  GLN A CA  1 
ATOM   34   C C   . GLN A 1 17  ? -0.918  8.051   18.478  1.00 19.28 ? 17  GLN A C   1 
ATOM   35   O O   . GLN A 1 17  ? -2.037  7.522   18.501  1.00 18.44 ? 17  GLN A O   1 
ATOM   36   C CB  . GLN A 1 17  ? -1.917  9.946   17.124  1.00 21.25 ? 17  GLN A CB  1 
ATOM   37   C CG  . GLN A 1 17  ? -1.807  11.371  16.636  1.00 24.69 ? 17  GLN A CG  1 
ATOM   38   C CD  . GLN A 1 17  ? -3.096  11.901  16.030  1.00 30.11 ? 17  GLN A CD  1 
ATOM   39   O OE1 . GLN A 1 17  ? -3.995  11.137  15.633  1.00 33.13 ? 17  GLN A OE1 1 
ATOM   40   N NE2 . GLN A 1 17  ? -3.194  13.215  15.948  1.00 29.34 ? 17  GLN A NE2 1 
ATOM   41   N N   . GLY A 1 18  ? 0.188   7.428   18.886  1.00 18.01 ? 18  GLY A N   1 
ATOM   42   C CA  . GLY A 1 18  ? 0.167   6.078   19.451  1.00 17.90 ? 18  GLY A CA  1 
ATOM   43   C C   . GLY A 1 18  ? 0.273   4.964   18.426  1.00 17.79 ? 18  GLY A C   1 
ATOM   44   O O   . GLY A 1 18  ? 0.348   3.791   18.784  1.00 18.03 ? 18  GLY A O   1 
ATOM   45   N N   . ASN A 1 19  ? 0.299   5.339   17.150  1.00 17.15 ? 19  ASN A N   1 
ATOM   46   C CA  . ASN A 1 19  ? 0.291   4.381   16.041  1.00 16.35 ? 19  ASN A CA  1 
ATOM   47   C C   . ASN A 1 19  ? 1.630   4.339   15.355  1.00 15.76 ? 19  ASN A C   1 
ATOM   48   O O   . ASN A 1 19  ? 2.318   5.374   15.301  1.00 16.64 ? 19  ASN A O   1 
ATOM   49   C CB  . ASN A 1 19  ? -0.790  4.763   15.025  1.00 15.46 ? 19  ASN A CB  1 
ATOM   50   C CG  . ASN A 1 19  ? -2.169  4.324   15.465  1.00 17.46 ? 19  ASN A CG  1 
ATOM   51   O OD1 . ASN A 1 19  ? -2.328  3.272   16.081  1.00 16.49 ? 19  ASN A OD1 1 
ATOM   52   N ND2 . ASN A 1 19  ? -3.172  5.145   15.178  1.00 18.21 ? 19  ASN A ND2 1 
ATOM   53   N N   . PRO A 1 20  ? 1.993   3.169   14.787  1.00 15.08 ? 20  PRO A N   1 
ATOM   54   C CA  . PRO A 1 20  ? 3.289   3.037   14.123  1.00 14.59 ? 20  PRO A CA  1 
ATOM   55   C C   . PRO A 1 20  ? 3.356   3.880   12.858  1.00 14.14 ? 20  PRO A C   1 
ATOM   56   O O   . PRO A 1 20  ? 2.351   4.036   12.151  1.00 14.01 ? 20  PRO A O   1 
ATOM   57   C CB  . PRO A 1 20  ? 3.392   1.540   13.773  1.00 15.32 ? 20  PRO A CB  1 
ATOM   58   C CG  . PRO A 1 20  ? 2.056   0.987   13.929  1.00 16.32 ? 20  PRO A CG  1 
ATOM   59   C CD  . PRO A 1 20  ? 1.208   1.922   14.759  1.00 15.06 ? 20  PRO A CD  1 
ATOM   60   N N   . VAL A 1 21  ? 4.548   4.392   12.582  1.00 13.76 ? 21  VAL A N   1 
ATOM   61   C CA  . VAL A 1 21  ? 4.831   5.148   11.362  1.00 14.43 ? 21  VAL A CA  1 
ATOM   62   C C   . VAL A 1 21  ? 5.819   4.337   10.527  1.00 13.64 ? 21  VAL A C   1 
ATOM   63   O O   . VAL A 1 21  ? 6.813   3.803   11.061  1.00 13.30 ? 21  VAL A O   1 
ATOM   64   C CB  . VAL A 1 21  ? 5.413   6.555   11.682  1.00 14.77 ? 21  VAL A CB  1 
ATOM   65   C CG1 . VAL A 1 21  ? 5.695   7.342   10.403  1.00 16.31 ? 21  VAL A CG1 1 
ATOM   66   C CG2 . VAL A 1 21  ? 4.418   7.344   12.558  1.00 16.59 ? 21  VAL A CG2 1 
ATOM   67   N N   . VAL A 1 22  ? 5.555   4.268   9.224   1.00 12.29 ? 22  VAL A N   1 
ATOM   68   C CA  . VAL A 1 22  ? 6.436   3.584   8.274   1.00 12.83 ? 22  VAL A CA  1 
ATOM   69   C C   . VAL A 1 22  ? 6.692   4.502   7.081   1.00 12.69 ? 22  VAL A C   1 
ATOM   70   O O   . VAL A 1 22  ? 6.041   5.556   6.956   1.00 12.96 ? 22  VAL A O   1 
ATOM   71   C CB  . VAL A 1 22  ? 5.811   2.232   7.787   1.00 11.99 ? 22  VAL A CB  1 
ATOM   72   C CG1 . VAL A 1 22  ? 5.677   1.265   8.967   1.00 14.02 ? 22  VAL A CG1 1 
ATOM   73   C CG2 . VAL A 1 22  ? 4.452   2.458   7.083   1.00 14.34 ? 22  VAL A CG2 1 
ATOM   74   N N   . TYR A 1 23  ? 7.628   4.117   6.219   1.00 13.29 ? 23  TYR A N   1 
ATOM   75   C CA  . TYR A 1 23  ? 7.952   4.934   5.067   1.00 14.24 ? 23  TYR A CA  1 
ATOM   76   C C   . TYR A 1 23  ? 8.248   4.084   3.826   1.00 13.84 ? 23  TYR A C   1 
ATOM   77   O O   . TYR A 1 23  ? 8.666   2.903   3.937   1.00 13.58 ? 23  TYR A O   1 
ATOM   78   C CB  . TYR A 1 23  ? 9.151   5.860   5.374   1.00 14.71 ? 23  TYR A CB  1 
ATOM   79   C CG  . TYR A 1 23  ? 10.473  5.117   5.446   1.00 16.93 ? 23  TYR A CG  1 
ATOM   80   C CD1 . TYR A 1 23  ? 11.269  4.955   4.299   1.00 17.79 ? 23  TYR A CD1 1 
ATOM   81   C CD2 . TYR A 1 23  ? 10.916  4.560   6.650   1.00 17.33 ? 23  TYR A CD2 1 
ATOM   82   C CE1 . TYR A 1 23  ? 12.469  4.240   4.349   1.00 19.05 ? 23  TYR A CE1 1 
ATOM   83   C CE2 . TYR A 1 23  ? 12.133  3.843   6.712   1.00 19.35 ? 23  TYR A CE2 1 
ATOM   84   C CZ  . TYR A 1 23  ? 12.886  3.697   5.557   1.00 18.36 ? 23  TYR A CZ  1 
ATOM   85   O OH  . TYR A 1 23  ? 14.069  3.015   5.595   1.00 20.11 ? 23  TYR A OH  1 
ATOM   86   N N   . PHE A 1 24  ? 8.026   4.705   2.664   1.00 12.80 ? 24  PHE A N   1 
ATOM   87   C CA  . PHE A 1 24  ? 8.551   4.252   1.364   1.00 12.48 ? 24  PHE A CA  1 
ATOM   88   C C   . PHE A 1 24  ? 9.446   5.359   0.816   1.00 12.84 ? 24  PHE A C   1 
ATOM   89   O O   . PHE A 1 24  ? 9.053   6.540   0.817   1.00 12.60 ? 24  PHE A O   1 
ATOM   90   C CB  . PHE A 1 24  ? 7.438   4.064   0.315   1.00 12.82 ? 24  PHE A CB  1 
ATOM   91   C CG  . PHE A 1 24  ? 6.466   2.939   0.603   1.00 11.53 ? 24  PHE A CG  1 
ATOM   92   C CD1 . PHE A 1 24  ? 6.842   1.816   1.355   1.00 12.41 ? 24  PHE A CD1 1 
ATOM   93   C CD2 . PHE A 1 24  ? 5.172   3.003   0.086   1.00 10.48 ? 24  PHE A CD2 1 
ATOM   94   C CE1 . PHE A 1 24  ? 5.928   0.764   1.603   1.00 14.71 ? 24  PHE A CE1 1 
ATOM   95   C CE2 . PHE A 1 24  ? 4.244   1.967   0.317   1.00 14.41 ? 24  PHE A CE2 1 
ATOM   96   C CZ  . PHE A 1 24  ? 4.621   0.840   1.075   1.00 11.02 ? 24  PHE A CZ  1 
ATOM   97   N N   . ASP A 1 25  ? 10.621  4.986   0.335   1.00 12.27 ? 25  ASP A N   1 
ATOM   98   C CA  . ASP A 1 25  ? 11.335  5.835   -0.624  1.00 13.65 ? 25  ASP A CA  1 
ATOM   99   C C   . ASP A 1 25  ? 10.975  5.376   -2.029  1.00 13.43 ? 25  ASP A C   1 
ATOM   100  O O   . ASP A 1 25  ? 10.880  4.171   -2.308  1.00 12.79 ? 25  ASP A O   1 
ATOM   101  C CB  . ASP A 1 25  ? 12.843  5.777   -0.399  1.00 13.98 ? 25  ASP A CB  1 
ATOM   102  C CG  . ASP A 1 25  ? 13.249  6.438   0.900   1.00 16.29 ? 25  ASP A CG  1 
ATOM   103  O OD1 . ASP A 1 25  ? 12.639  7.462   1.285   1.00 18.77 ? 25  ASP A OD1 1 
ATOM   104  O OD2 . ASP A 1 25  ? 14.176  5.930   1.541   1.00 19.35 ? 25  ASP A OD2 1 
ATOM   105  N N   . ILE A 1 26  ? 10.807  6.337   -2.918  1.00 13.61 ? 26  ILE A N   1 
ATOM   106  C CA  . ILE A 1 26  ? 10.275  6.064   -4.237  1.00 13.06 ? 26  ILE A CA  1 
ATOM   107  C C   . ILE A 1 26  ? 11.215  6.573   -5.323  1.00 14.08 ? 26  ILE A C   1 
ATOM   108  O O   . ILE A 1 26  ? 11.729  7.686   -5.230  1.00 13.07 ? 26  ILE A O   1 
ATOM   109  C CB  . ILE A 1 26  ? 8.919   6.807   -4.448  1.00 13.39 ? 26  ILE A CB  1 
ATOM   110  C CG1 . ILE A 1 26  ? 7.887   6.454   -3.351  1.00 11.81 ? 26  ILE A CG1 1 
ATOM   111  C CG2 . ILE A 1 26  ? 8.358   6.592   -5.904  1.00 12.28 ? 26  ILE A CG2 1 
ATOM   112  C CD1 . ILE A 1 26  ? 7.423   4.985   -3.372  1.00 13.67 ? 26  ILE A CD1 1 
ATOM   113  N N   . SER A 1 27  ? 11.403  5.772   -6.356  1.00 14.13 ? 27  SER A N   1 
ATOM   114  C CA  . SER A 1 27  ? 11.902  6.336   -7.611  1.00 16.36 ? 27  SER A CA  1 
ATOM   115  C C   . SER A 1 27  ? 10.910  6.226   -8.761  1.00 15.87 ? 27  SER A C   1 
ATOM   116  O O   . SER A 1 27  ? 10.091  5.313   -8.817  1.00 14.81 ? 27  SER A O   1 
ATOM   117  C CB  . SER A 1 27  ? 13.258  5.752   -7.986  1.00 15.98 ? 27  SER A CB  1 
ATOM   118  O OG  . SER A 1 27  ? 14.195  6.044   -6.960  1.00 22.78 ? 27  SER A OG  1 
ATOM   119  N N   . ILE A 1 28  ? 11.004  7.193   -9.673  1.00 16.57 ? 28  ILE A N   1 
ATOM   120  C CA  . ILE A 1 28  ? 10.195  7.222   -10.883 1.00 17.01 ? 28  ILE A CA  1 
ATOM   121  C C   . ILE A 1 28  ? 11.204  7.239   -12.030 1.00 17.45 ? 28  ILE A C   1 
ATOM   122  O O   . ILE A 1 28  ? 12.040  8.150   -12.129 1.00 16.10 ? 28  ILE A O   1 
ATOM   123  C CB  . ILE A 1 28  ? 9.276   8.481   -10.891 1.00 17.44 ? 28  ILE A CB  1 
ATOM   124  C CG1 . ILE A 1 28  ? 8.292   8.425   -9.713  1.00 17.46 ? 28  ILE A CG1 1 
ATOM   125  C CG2 . ILE A 1 28  ? 8.521   8.596   -12.225 1.00 17.65 ? 28  ILE A CG2 1 
ATOM   126  C CD1 . ILE A 1 28  ? 7.475   9.691   -9.518  1.00 16.70 ? 28  ILE A CD1 1 
ATOM   127  N N   . GLY A 1 29  ? 11.156  6.209   -12.867 1.00 17.75 ? 29  GLY A N   1 
ATOM   128  C CA  . GLY A 1 29  ? 12.246  5.985   -13.799 1.00 19.79 ? 29  GLY A CA  1 
ATOM   129  C C   . GLY A 1 29  ? 13.539  5.860   -13.005 1.00 20.56 ? 29  GLY A C   1 
ATOM   130  O O   . GLY A 1 29  ? 13.578  5.191   -11.970 1.00 20.27 ? 29  GLY A O   1 
ATOM   131  N N   . GLN A 1 30  ? 14.587  6.531   -13.470 1.00 21.62 ? 30  GLN A N   1 
ATOM   132  C CA  . GLN A 1 30  ? 15.900  6.444   -12.834 1.00 23.38 ? 30  GLN A CA  1 
ATOM   133  C C   . GLN A 1 30  ? 16.046  7.509   -11.733 1.00 22.39 ? 30  GLN A C   1 
ATOM   134  O O   . GLN A 1 30  ? 17.091  7.595   -11.083 1.00 23.14 ? 30  GLN A O   1 
ATOM   135  C CB  . GLN A 1 30  ? 17.019  6.547   -13.894 1.00 24.12 ? 30  GLN A CB  1 
ATOM   136  C CG  . GLN A 1 30  ? 17.201  7.961   -14.486 1.00 25.92 ? 30  GLN A CG  1 
ATOM   137  C CD  . GLN A 1 30  ? 18.239  8.041   -15.625 1.00 27.60 ? 30  GLN A CD  1 
ATOM   138  O OE1 . GLN A 1 30  ? 19.227  7.285   -15.661 1.00 34.04 ? 30  GLN A OE1 1 
ATOM   139  N NE2 . GLN A 1 30  ? 18.015  8.964   -16.551 1.00 30.10 ? 30  GLN A NE2 1 
ATOM   140  N N   . THR A 1 31  ? 14.983  8.295   -11.508 1.00 22.08 ? 31  THR A N   1 
ATOM   141  C CA  . THR A 1 31  ? 15.037  9.466   -10.620 1.00 21.57 ? 31  THR A CA  1 
ATOM   142  C C   . THR A 1 31  ? 14.360  9.302   -9.243  1.00 21.23 ? 31  THR A C   1 
ATOM   143  O O   . THR A 1 31  ? 13.162  9.008   -9.186  1.00 20.67 ? 31  THR A O   1 
ATOM   144  C CB  . THR A 1 31  ? 14.411  10.717  -11.319 1.00 22.07 ? 31  THR A CB  1 
ATOM   145  O OG1 . THR A 1 31  ? 14.957  10.850  -12.640 1.00 23.36 ? 31  THR A OG1 1 
ATOM   146  C CG2 . THR A 1 31  ? 14.711  11.985  -10.527 1.00 22.73 ? 31  THR A CG2 1 
ATOM   147  N N   . PRO A 1 32  ? 15.111  9.550   -8.135  1.00 20.78 ? 32  PRO A N   1 
ATOM   148  C CA  . PRO A 1 32  ? 14.468  9.550   -6.816  1.00 20.69 ? 32  PRO A CA  1 
ATOM   149  C C   . PRO A 1 32  ? 13.373  10.608  -6.738  1.00 20.67 ? 32  PRO A C   1 
ATOM   150  O O   . PRO A 1 32  ? 13.582  11.756  -7.163  1.00 20.63 ? 32  PRO A O   1 
ATOM   151  C CB  . PRO A 1 32  ? 15.626  9.850   -5.838  1.00 20.80 ? 32  PRO A CB  1 
ATOM   152  C CG  . PRO A 1 32  ? 16.865  9.517   -6.593  1.00 20.67 ? 32  PRO A CG  1 
ATOM   153  C CD  . PRO A 1 32  ? 16.557  9.843   -8.034  1.00 20.51 ? 32  PRO A CD  1 
ATOM   154  N N   . ALA A 1 33  ? 12.200  10.207  -6.242  1.00 19.55 ? 33  ALA A N   1 
ATOM   155  C CA  . ALA A 1 33  ? 11.034  11.081  -6.153  1.00 18.70 ? 33  ALA A CA  1 
ATOM   156  C C   . ALA A 1 33  ? 10.772  11.528  -4.722  1.00 18.49 ? 33  ALA A C   1 
ATOM   157  O O   . ALA A 1 33  ? 9.939   12.408  -4.479  1.00 18.96 ? 33  ALA A O   1 
ATOM   158  C CB  . ALA A 1 33  ? 9.800   10.373  -6.723  1.00 18.77 ? 33  ALA A CB  1 
ATOM   159  N N   . GLY A 1 34  ? 11.488  10.940  -3.775  1.00 17.19 ? 34  GLY A N   1 
ATOM   160  C CA  . GLY A 1 34  ? 11.321  11.328  -2.376  1.00 16.29 ? 34  GLY A CA  1 
ATOM   161  C C   . GLY A 1 34  ? 10.590  10.289  -1.542  1.00 16.14 ? 34  GLY A C   1 
ATOM   162  O O   . GLY A 1 34  ? 10.361  9.156   -1.994  1.00 15.90 ? 34  GLY A O   1 
ATOM   163  N N   . ARG A 1 35  ? 10.232  10.692  -0.331  1.00 14.51 ? 35  ARG A N   1 
ATOM   164  C CA  . ARG A 1 35  ? 9.694   9.778   0.677   1.00 15.31 ? 35  ARG A CA  1 
ATOM   165  C C   . ARG A 1 35  ? 8.213   9.969   1.046   1.00 14.54 ? 35  ARG A C   1 
ATOM   166  O O   . ARG A 1 35  ? 7.713   11.110  1.206   1.00 14.68 ? 35  ARG A O   1 
ATOM   167  C CB  . ARG A 1 35  ? 10.560  9.859   1.939   1.00 15.08 ? 35  ARG A CB  1 
ATOM   168  C CG  . ARG A 1 35  ? 10.072  8.993   3.096   1.00 17.13 ? 35  ARG A CG  1 
ATOM   169  C CD  . ARG A 1 35  ? 11.089  8.956   4.207   1.00 16.34 ? 35  ARG A CD  1 
ATOM   170  N NE  . ARG A 1 35  ? 12.312  8.246   3.829   1.00 18.62 ? 35  ARG A NE  1 
ATOM   171  C CZ  . ARG A 1 35  ? 13.287  7.938   4.689   1.00 21.82 ? 35  ARG A CZ  1 
ATOM   172  N NH1 . ARG A 1 35  ? 13.175  8.284   5.966   1.00 22.28 ? 35  ARG A NH1 1 
ATOM   173  N NH2 . ARG A 1 35  ? 14.383  7.300   4.283   1.00 18.85 ? 35  ARG A NH2 1 
ATOM   174  N N   . ILE A 1 36  ? 7.520   8.840   1.233   1.00 13.77 ? 36  ILE A N   1 
ATOM   175  C CA  . ILE A 1 36  ? 6.153   8.852   1.722   1.00 14.03 ? 36  ILE A CA  1 
ATOM   176  C C   . ILE A 1 36  ? 6.217   8.264   3.123   1.00 14.83 ? 36  ILE A C   1 
ATOM   177  O O   . ILE A 1 36  ? 6.748   7.163   3.305   1.00 14.39 ? 36  ILE A O   1 
ATOM   178  C CB  . ILE A 1 36  ? 5.182   7.959   0.836   1.00 14.14 ? 36  ILE A CB  1 
ATOM   179  C CG1 . ILE A 1 36  ? 5.200   8.395   -0.644  1.00 13.95 ? 36  ILE A CG1 1 
ATOM   180  C CG2 . ILE A 1 36  ? 3.755   7.935   1.453   1.00 12.74 ? 36  ILE A CG2 1 
ATOM   181  C CD1 . ILE A 1 36  ? 4.600   7.364   -1.641  1.00 13.67 ? 36  ILE A CD1 1 
ATOM   182  N N   . THR A 1 37  ? 5.717   9.002   4.108   1.00 14.80 ? 37  THR A N   1 
ATOM   183  C CA  . THR A 1 37  ? 5.587   8.449   5.441   1.00 15.38 ? 37  THR A CA  1 
ATOM   184  C C   . THR A 1 37  ? 4.107   8.268   5.730   1.00 14.22 ? 37  THR A C   1 
ATOM   185  O O   . THR A 1 37  ? 3.241   9.077   5.300   1.00 13.91 ? 37  THR A O   1 
ATOM   186  C CB  . THR A 1 37  ? 6.287   9.289   6.537   1.00 15.85 ? 37  THR A CB  1 
ATOM   187  O OG1 . THR A 1 37  ? 5.441   10.376  6.917   1.00 20.11 ? 37  THR A OG1 1 
ATOM   188  C CG2 . THR A 1 37  ? 7.629   9.812   6.037   1.00 15.66 ? 37  THR A CG2 1 
ATOM   189  N N   . MET A 1 38  ? 3.823   7.186   6.443   1.00 13.57 ? 38  MET A N   1 
ATOM   190  C CA  . MET A 1 38  ? 2.455   6.741   6.684   1.00 12.94 ? 38  MET A CA  1 
ATOM   191  C C   . MET A 1 38  ? 2.210   6.385   8.144   1.00 13.37 ? 38  MET A C   1 
ATOM   192  O O   . MET A 1 38  ? 3.068   5.778   8.793   1.00 12.76 ? 38  MET A O   1 
ATOM   193  C CB  . MET A 1 38  ? 2.164   5.512   5.805   1.00 12.29 ? 38  MET A CB  1 
ATOM   194  C CG  . MET A 1 38  ? 2.115   5.803   4.283   1.00 11.43 ? 38  MET A CG  1 
ATOM   195  S SD  . MET A 1 38  ? 2.667   4.391   3.259   1.00 13.95 ? 38  MET A SD  1 
ATOM   196  C CE  . MET A 1 38  ? 4.438   4.380   3.587   1.00 13.47 ? 38  MET A CE  1 
ATOM   197  N N   . GLU A 1 39  ? 1.030   6.749   8.644   1.00 13.80 ? 39  GLU A N   1 
ATOM   198  C CA  . GLU A 1 39  ? 0.557   6.292   9.943   1.00 15.12 ? 39  GLU A CA  1 
ATOM   199  C C   . GLU A 1 39  ? -0.305  5.067   9.714   1.00 13.47 ? 39  GLU A C   1 
ATOM   200  O O   . GLU A 1 39  ? -1.168  5.059   8.848   1.00 14.08 ? 39  GLU A O   1 
ATOM   201  C CB  . GLU A 1 39  ? -0.301  7.364   10.653  1.00 14.88 ? 39  GLU A CB  1 
ATOM   202  C CG  . GLU A 1 39  ? -1.086  6.824   11.854  1.00 16.78 ? 39  GLU A CG  1 
ATOM   203  C CD  . GLU A 1 39  ? -2.125  7.805   12.424  1.00 18.78 ? 39  GLU A CD  1 
ATOM   204  O OE1 . GLU A 1 39  ? -2.366  8.880   11.801  1.00 21.94 ? 39  GLU A OE1 1 
ATOM   205  O OE2 . GLU A 1 39  ? -2.717  7.488   13.494  1.00 19.49 ? 39  GLU A OE2 1 
ATOM   206  N N   . LEU A 1 40  ? -0.081  4.038   10.501  1.00 13.10 ? 40  LEU A N   1 
ATOM   207  C CA  . LEU A 1 40  ? -0.896  2.837   10.384  1.00 12.75 ? 40  LEU A CA  1 
ATOM   208  C C   . LEU A 1 40  ? -1.838  2.767   11.586  1.00 13.42 ? 40  LEU A C   1 
ATOM   209  O O   . LEU A 1 40  ? -1.397  2.952   12.735  1.00 13.85 ? 40  LEU A O   1 
ATOM   210  C CB  . LEU A 1 40  ? -0.004  1.593   10.273  1.00 12.37 ? 40  LEU A CB  1 
ATOM   211  C CG  . LEU A 1 40  ? 1.160   1.707   9.272   1.00 11.81 ? 40  LEU A CG  1 
ATOM   212  C CD1 . LEU A 1 40  ? 2.053   0.448   9.351   1.00 9.94  ? 40  LEU A CD1 1 
ATOM   213  C CD2 . LEU A 1 40  ? 0.629   1.906   7.835   1.00 12.62 ? 40  LEU A CD2 1 
ATOM   214  N N   . PHE A 1 41  ? -3.122  2.524   11.318  1.00 14.10 ? 41  PHE A N   1 
ATOM   215  C CA  . PHE A 1 41  ? -4.161  2.551   12.358  1.00 15.27 ? 41  PHE A CA  1 
ATOM   216  C C   . PHE A 1 41  ? -4.171  1.254   13.181  1.00 15.93 ? 41  PHE A C   1 
ATOM   217  O O   . PHE A 1 41  ? -5.189  0.551   13.245  1.00 15.55 ? 41  PHE A O   1 
ATOM   218  C CB  . PHE A 1 41  ? -5.561  2.823   11.767  1.00 16.23 ? 41  PHE A CB  1 
ATOM   219  C CG  . PHE A 1 41  ? -5.656  4.082   10.928  1.00 15.36 ? 41  PHE A CG  1 
ATOM   220  C CD1 . PHE A 1 41  ? -4.950  5.240   11.279  1.00 17.20 ? 41  PHE A CD1 1 
ATOM   221  C CD2 . PHE A 1 41  ? -6.478  4.109   9.798   1.00 15.84 ? 41  PHE A CD2 1 
ATOM   222  C CE1 . PHE A 1 41  ? -5.041  6.394   10.505  1.00 18.34 ? 41  PHE A CE1 1 
ATOM   223  C CE2 . PHE A 1 41  ? -6.574  5.261   8.998   1.00 16.94 ? 41  PHE A CE2 1 
ATOM   224  C CZ  . PHE A 1 41  ? -5.866  6.409   9.358   1.00 16.99 ? 41  PHE A CZ  1 
ATOM   225  N N   . ALA A 1 42  ? -3.051  0.981   13.842  1.00 16.42 ? 42  ALA A N   1 
ATOM   226  C CA  . ALA A 1 42  ? -2.896  -0.214  14.676  1.00 17.40 ? 42  ALA A CA  1 
ATOM   227  C C   . ALA A 1 42  ? -3.906  -0.286  15.817  1.00 18.15 ? 42  ALA A C   1 
ATOM   228  O O   . ALA A 1 42  ? -4.290  -1.383  16.233  1.00 19.30 ? 42  ALA A O   1 
ATOM   229  C CB  . ALA A 1 42  ? -1.483  -0.302  15.224  1.00 17.41 ? 42  ALA A CB  1 
ATOM   230  N N   . ASP A 1 43  ? -4.324  0.870   16.325  1.00 19.20 ? 43  ASP A N   1 
ATOM   231  C CA  . ASP A 1 43  ? -5.271  0.918   17.447  1.00 20.52 ? 43  ASP A CA  1 
ATOM   232  C C   . ASP A 1 43  ? -6.635  0.321   17.113  1.00 20.10 ? 43  ASP A C   1 
ATOM   233  O O   . ASP A 1 43  ? -7.234  -0.373  17.953  1.00 20.58 ? 43  ASP A O   1 
ATOM   234  C CB  . ASP A 1 43  ? -5.416  2.339   18.032  1.00 21.38 ? 43  ASP A CB  1 
ATOM   235  C CG  . ASP A 1 43  ? -5.653  3.431   16.975  1.00 24.95 ? 43  ASP A CG  1 
ATOM   236  O OD1 . ASP A 1 43  ? -5.933  3.156   15.761  1.00 25.73 ? 43  ASP A OD1 1 
ATOM   237  O OD2 . ASP A 1 43  ? -5.548  4.619   17.390  1.00 28.81 ? 43  ASP A OD2 1 
ATOM   238  N N   . LYS A 1 44  ? -7.106  0.561   15.887  1.00 18.90 ? 44  LYS A N   1 
ATOM   239  C CA  . LYS A 1 44  ? -8.437  0.103   15.473  1.00 18.70 ? 44  LYS A CA  1 
ATOM   240  C C   . LYS A 1 44  ? -8.470  -0.975  14.381  1.00 16.00 ? 44  LYS A C   1 
ATOM   241  O O   . LYS A 1 44  ? -9.478  -1.647  14.205  1.00 15.97 ? 44  LYS A O   1 
ATOM   242  C CB  . LYS A 1 44  ? -9.305  1.301   15.069  1.00 19.64 ? 44  LYS A CB  1 
ATOM   243  C CG  . LYS A 1 44  ? -9.378  2.413   16.133  1.00 22.88 ? 44  LYS A CG  1 
ATOM   244  C CD  . LYS A 1 44  ? -9.873  1.895   17.480  1.00 26.25 ? 44  LYS A CD  1 
ATOM   245  C CE  . LYS A 1 44  ? -10.053 3.049   18.486  1.00 28.46 ? 44  LYS A CE  1 
ATOM   246  N NZ  . LYS A 1 44  ? -11.002 4.075   17.954  1.00 30.81 ? 44  LYS A NZ  1 
ATOM   247  N N   . VAL A 1 45  ? -7.355  -1.131  13.671  1.00 14.19 ? 45  VAL A N   1 
ATOM   248  C CA  . VAL A 1 45  ? -7.222  -2.063  12.541  1.00 13.63 ? 45  VAL A CA  1 
ATOM   249  C C   . VAL A 1 45  ? -5.904  -2.851  12.718  1.00 13.24 ? 45  VAL A C   1 
ATOM   250  O O   . VAL A 1 45  ? -5.052  -2.840  11.818  1.00 13.10 ? 45  VAL A O   1 
ATOM   251  C CB  . VAL A 1 45  ? -7.236  -1.283  11.193  1.00 13.27 ? 45  VAL A CB  1 
ATOM   252  C CG1 . VAL A 1 45  ? -7.898  -2.122  10.105  1.00 16.28 ? 45  VAL A CG1 1 
ATOM   253  C CG2 . VAL A 1 45  ? -8.003  0.062   11.346  1.00 14.63 ? 45  VAL A CG2 1 
ATOM   254  N N   . PRO A 1 46  ? -5.725  -3.528  13.884  1.00 13.09 ? 46  PRO A N   1 
ATOM   255  C CA  . PRO A 1 46  ? -4.392  -4.047  14.224  1.00 13.48 ? 46  PRO A CA  1 
ATOM   256  C C   . PRO A 1 46  ? -3.861  -5.114  13.278  1.00 13.03 ? 46  PRO A C   1 
ATOM   257  O O   . PRO A 1 46  ? -2.672  -5.077  12.955  1.00 12.75 ? 46  PRO A O   1 
ATOM   258  C CB  . PRO A 1 46  ? -4.561  -4.635  15.638  1.00 12.98 ? 46  PRO A CB  1 
ATOM   259  C CG  . PRO A 1 46  ? -6.070  -4.941  15.742  1.00 14.03 ? 46  PRO A CG  1 
ATOM   260  C CD  . PRO A 1 46  ? -6.721  -3.827  14.942  1.00 13.35 ? 46  PRO A CD  1 
ATOM   261  N N   . ILE A 1 47  ? -4.719  -6.035  12.829  1.00 12.56 ? 47  ILE A N   1 
ATOM   262  C CA  . ILE A 1 47  ? -4.251  -7.169  11.994  1.00 12.35 ? 47  ILE A CA  1 
ATOM   263  C C   . ILE A 1 47  ? -3.686  -6.688  10.648  1.00 12.25 ? 47  ILE A C   1 
ATOM   264  O O   . ILE A 1 47  ? -2.590  -7.113  10.188  1.00 11.24 ? 47  ILE A O   1 
ATOM   265  C CB  . ILE A 1 47  ? -5.378  -8.219  11.775  1.00 12.69 ? 47  ILE A CB  1 
ATOM   266  C CG1 . ILE A 1 47  ? -5.743  -8.872  13.119  1.00 13.54 ? 47  ILE A CG1 1 
ATOM   267  C CG2 . ILE A 1 47  ? -4.944  -9.302  10.749  1.00 13.76 ? 47  ILE A CG2 1 
ATOM   268  C CD1 . ILE A 1 47  ? -7.158  -9.466  13.125  1.00 15.69 ? 47  ILE A CD1 1 
ATOM   269  N N   . THR A 1 48  ? -4.450  -5.799  10.021  1.00 11.20 ? 48  THR A N   1 
ATOM   270  C CA  . THR A 1 48  ? -4.102  -5.259  8.720   1.00 11.27 ? 48  THR A CA  1 
ATOM   271  C C   . THR A 1 48  ? -2.913  -4.274  8.868   1.00 10.89 ? 48  THR A C   1 
ATOM   272  O O   . THR A 1 48  ? -2.004  -4.269  8.028   1.00 11.07 ? 48  THR A O   1 
ATOM   273  C CB  . THR A 1 48  ? -5.315  -4.535  8.123   1.00 11.33 ? 48  THR A CB  1 
ATOM   274  O OG1 . THR A 1 48  ? -6.440  -5.424  8.130   1.00 11.95 ? 48  THR A OG1 1 
ATOM   275  C CG2 . THR A 1 48  ? -5.039  -4.075  6.661   1.00 13.00 ? 48  THR A CG2 1 
ATOM   276  N N   . ALA A 1 49  ? -2.944  -3.437  9.908   1.00 10.97 ? 49  ALA A N   1 
ATOM   277  C CA  . ALA A 1 49  ? -1.842  -2.502  10.209  1.00 10.91 ? 49  ALA A CA  1 
ATOM   278  C C   . ALA A 1 49  ? -0.507  -3.230  10.399  1.00 11.61 ? 49  ALA A C   1 
ATOM   279  O O   . ALA A 1 49  ? 0.520   -2.787  9.880   1.00 10.96 ? 49  ALA A O   1 
ATOM   280  C CB  . ALA A 1 49  ? -2.155  -1.642  11.425  1.00 11.69 ? 49  ALA A CB  1 
ATOM   281  N N   . GLU A 1 50  ? -0.527  -4.347  11.147  1.00 11.62 ? 50  GLU A N   1 
ATOM   282  C CA  . GLU A 1 50  ? 0.682   -5.103  11.438  1.00 11.74 ? 50  GLU A CA  1 
ATOM   283  C C   . GLU A 1 50  ? 1.243   -5.801  10.201  1.00 11.21 ? 50  GLU A C   1 
ATOM   284  O O   . GLU A 1 50  ? 2.461   -5.861  10.020  1.00 9.76  ? 50  GLU A O   1 
ATOM   285  C CB  . GLU A 1 50  ? 0.419   -6.134  12.561  1.00 11.88 ? 50  GLU A CB  1 
ATOM   286  C CG  . GLU A 1 50  ? 1.616   -7.066  12.880  1.00 12.17 ? 50  GLU A CG  1 
ATOM   287  C CD  . GLU A 1 50  ? 2.896   -6.319  13.273  1.00 13.39 ? 50  GLU A CD  1 
ATOM   288  O OE1 . GLU A 1 50  ? 2.836   -5.100  13.596  1.00 15.55 ? 50  GLU A OE1 1 
ATOM   289  O OE2 . GLU A 1 50  ? 3.964   -6.967  13.264  1.00 16.13 ? 50  GLU A OE2 1 
ATOM   290  N N   . ASN A 1 51  ? 0.359   -6.352  9.368   1.00 11.58 ? 51  ASN A N   1 
ATOM   291  C CA  . ASN A 1 51  ? 0.779   -6.938  8.087   1.00 11.26 ? 51  ASN A CA  1 
ATOM   292  C C   . ASN A 1 51  ? 1.564   -5.887  7.296   1.00 11.35 ? 51  ASN A C   1 
ATOM   293  O O   . ASN A 1 51  ? 2.690   -6.134  6.861   1.00 11.77 ? 51  ASN A O   1 
ATOM   294  C CB  . ASN A 1 51  ? -0.452  -7.377  7.280   1.00 10.75 ? 51  ASN A CB  1 
ATOM   295  C CG  . ASN A 1 51  ? -0.075  -8.003  5.940   1.00 12.73 ? 51  ASN A CG  1 
ATOM   296  O OD1 . ASN A 1 51  ? 0.667   -8.980  5.909   1.00 9.83  ? 51  ASN A OD1 1 
ATOM   297  N ND2 . ASN A 1 51  ? -0.628  -7.463  4.834   1.00 10.09 ? 51  ASN A ND2 1 
ATOM   298  N N   . PHE A 1 52  ? 0.960   -4.708  7.145   1.00 10.72 ? 52  PHE A N   1 
ATOM   299  C CA  . PHE A 1 52  ? 1.595   -3.649  6.371   1.00 10.93 ? 52  PHE A CA  1 
ATOM   300  C C   . PHE A 1 52  ? 2.922   -3.211  7.010   1.00 10.22 ? 52  PHE A C   1 
ATOM   301  O O   . PHE A 1 52  ? 3.921   -3.092  6.310   1.00 11.02 ? 52  PHE A O   1 
ATOM   302  C CB  . PHE A 1 52  ? 0.633   -2.480  6.165   1.00 10.74 ? 52  PHE A CB  1 
ATOM   303  C CG  . PHE A 1 52  ? 1.087   -1.491  5.137   1.00 11.48 ? 52  PHE A CG  1 
ATOM   304  C CD1 . PHE A 1 52  ? 0.725   -1.646  3.798   1.00 9.14  ? 52  PHE A CD1 1 
ATOM   305  C CD2 . PHE A 1 52  ? 1.890   -0.388  5.505   1.00 10.54 ? 52  PHE A CD2 1 
ATOM   306  C CE1 . PHE A 1 52  ? 1.123   -0.689  2.832   1.00 10.84 ? 52  PHE A CE1 1 
ATOM   307  C CE2 . PHE A 1 52  ? 2.279   0.562   4.538   1.00 10.56 ? 52  PHE A CE2 1 
ATOM   308  C CZ  . PHE A 1 52  ? 1.898   0.418   3.224   1.00 11.40 ? 52  PHE A CZ  1 
ATOM   309  N N   . ARG A 1 53  ? 2.922   -2.994  8.327   1.00 11.42 ? 53  ARG A N   1 
ATOM   310  C CA  . ARG A 1 53  ? 4.133   -2.586  9.049   1.00 11.37 ? 53  ARG A CA  1 
ATOM   311  C C   . ARG A 1 53  ? 5.296   -3.570  8.819   1.00 11.34 ? 53  ARG A C   1 
ATOM   312  O O   . ARG A 1 53  ? 6.400   -3.149  8.449   1.00 10.92 ? 53  ARG A O   1 
ATOM   313  C CB  . ARG A 1 53  ? 3.846   -2.463  10.546  1.00 11.72 ? 53  ARG A CB  1 
ATOM   314  C CG  . ARG A 1 53  ? 4.941   -1.710  11.350  1.00 12.94 ? 53  ARG A CG  1 
ATOM   315  C CD  . ARG A 1 53  ? 4.877   -2.058  12.841  1.00 12.86 ? 53  ARG A CD  1 
ATOM   316  N NE  . ARG A 1 53  ? 5.065   -3.498  13.046  1.00 11.70 ? 53  ARG A NE  1 
ATOM   317  C CZ  . ARG A 1 53  ? 6.229   -4.144  12.963  1.00 14.61 ? 53  ARG A CZ  1 
ATOM   318  N NH1 . ARG A 1 53  ? 7.372   -3.489  12.769  1.00 13.66 ? 53  ARG A NH1 1 
ATOM   319  N NH2 . ARG A 1 53  ? 6.256   -5.466  13.104  1.00 13.86 ? 53  ARG A NH2 1 
ATOM   320  N N   . ALA A 1 54  ? 5.032   -4.867  9.029   1.00 10.50 ? 54  ALA A N   1 
ATOM   321  C CA  . ALA A 1 54  ? 6.038   -5.930  8.866   1.00 11.05 ? 54  ALA A CA  1 
ATOM   322  C C   . ALA A 1 54  ? 6.518   -6.082  7.410   1.00 10.52 ? 54  ALA A C   1 
ATOM   323  O O   . ALA A 1 54  ? 7.697   -6.362  7.143   1.00 11.40 ? 54  ALA A O   1 
ATOM   324  C CB  . ALA A 1 54  ? 5.514   -7.259  9.437   1.00 10.44 ? 54  ALA A CB  1 
ATOM   325  N N   . LEU A 1 55  ? 5.627   -5.838  6.457   1.00 10.37 ? 55  LEU A N   1 
ATOM   326  C CA  . LEU A 1 55  ? 6.032   -5.886  5.045   1.00 10.43 ? 55  LEU A CA  1 
ATOM   327  C C   . LEU A 1 55  ? 6.900   -4.673  4.633   1.00 10.33 ? 55  LEU A C   1 
ATOM   328  O O   . LEU A 1 55  ? 7.756   -4.787  3.742   1.00 11.43 ? 55  LEU A O   1 
ATOM   329  C CB  . LEU A 1 55  ? 4.822   -6.057  4.139   1.00 9.88  ? 55  LEU A CB  1 
ATOM   330  C CG  . LEU A 1 55  ? 4.073   -7.400  4.222   1.00 11.26 ? 55  LEU A CG  1 
ATOM   331  C CD1 . LEU A 1 55  ? 2.761   -7.278  3.440   1.00 10.75 ? 55  LEU A CD1 1 
ATOM   332  C CD2 . LEU A 1 55  ? 4.910   -8.578  3.712   1.00 11.69 ? 55  LEU A CD2 1 
ATOM   333  N N   . CYS A 1 56  ? 6.711   -3.533  5.285   1.00 11.21 ? 56  CYS A N   1 
ATOM   334  C CA  . CYS A 1 56  ? 7.609   -2.382  5.104   1.00 11.43 ? 56  CYS A CA  1 
ATOM   335  C C   . CYS A 1 56  ? 9.024   -2.710  5.622   1.00 12.38 ? 56  CYS A C   1 
ATOM   336  O O   . CYS A 1 56  ? 10.018  -2.493  4.904   1.00 11.91 ? 56  CYS A O   1 
ATOM   337  C CB  . CYS A 1 56  ? 7.047   -1.119  5.794   1.00 11.68 ? 56  CYS A CB  1 
ATOM   338  S SG  . CYS A 1 56  ? 5.597   -0.396  4.981   1.00 12.35 ? 56  CYS A SG  1 
ATOM   339  N N   . THR A 1 57  ? 9.115   -3.259  6.833   1.00 12.67 ? 57  THR A N   1 
ATOM   340  C CA  . THR A 1 57  ? 10.430  -3.585  7.405   1.00 13.41 ? 57  THR A CA  1 
ATOM   341  C C   . THR A 1 57  ? 11.090  -4.805  6.739   1.00 13.42 ? 57  THR A C   1 
ATOM   342  O O   . THR A 1 57  ? 12.322  -4.874  6.659   1.00 13.31 ? 57  THR A O   1 
ATOM   343  C CB  . THR A 1 57  ? 10.367  -3.798  8.930   1.00 13.37 ? 57  THR A CB  1 
ATOM   344  O OG1 . THR A 1 57  ? 9.579   -4.962  9.210   1.00 12.86 ? 57  THR A OG1 1 
ATOM   345  C CG2 . THR A 1 57  ? 9.777   -2.538  9.664   1.00 12.63 ? 57  THR A CG2 1 
ATOM   346  N N   . GLY A 1 58  ? 10.274  -5.758  6.282   1.00 12.68 ? 58  GLY A N   1 
ATOM   347  C CA  . GLY A 1 58  ? 10.773  -7.039  5.778   1.00 12.13 ? 58  GLY A CA  1 
ATOM   348  C C   . GLY A 1 58  ? 11.232  -7.986  6.893   1.00 12.52 ? 58  GLY A C   1 
ATOM   349  O O   . GLY A 1 58  ? 11.865  -9.020  6.612   1.00 12.37 ? 58  GLY A O   1 
ATOM   350  N N   . GLU A 1 59  ? 10.883  -7.654  8.141   1.00 12.03 ? 59  GLU A N   1 
ATOM   351  C CA  . GLU A 1 59  ? 11.369  -8.384  9.328   1.00 12.14 ? 59  GLU A CA  1 
ATOM   352  C C   . GLU A 1 59  ? 11.000  -9.891  9.425   1.00 12.50 ? 59  GLU A C   1 
ATOM   353  O O   . GLU A 1 59  ? 11.675  -10.646 10.144  1.00 13.45 ? 59  GLU A O   1 
ATOM   354  C CB  . GLU A 1 59  ? 10.975  -7.671  10.621  1.00 11.12 ? 59  GLU A CB  1 
ATOM   355  C CG  . GLU A 1 59  ? 9.465   -7.559  10.852  1.00 13.57 ? 59  GLU A CG  1 
ATOM   356  C CD  . GLU A 1 59  ? 9.159   -6.562  11.929  1.00 14.40 ? 59  GLU A CD  1 
ATOM   357  O OE1 . GLU A 1 59  ? 9.335   -5.340  11.691  1.00 15.16 ? 59  GLU A OE1 1 
ATOM   358  O OE2 . GLU A 1 59  ? 8.782   -7.010  13.030  1.00 15.09 ? 59  GLU A OE2 1 
ATOM   359  N N   . LYS A 1 60  ? 9.960   -10.312 8.710   1.00 12.76 ? 60  LYS A N   1 
ATOM   360  C CA  . LYS A 1 60  ? 9.509   -11.726 8.709   1.00 13.78 ? 60  LYS A CA  1 
ATOM   361  C C   . LYS A 1 60  ? 10.293  -12.678 7.808   1.00 13.94 ? 60  LYS A C   1 
ATOM   362  O O   . LYS A 1 60  ? 10.037  -13.906 7.792   1.00 14.92 ? 60  LYS A O   1 
ATOM   363  C CB  . LYS A 1 60  ? 8.010   -11.821 8.358   1.00 13.51 ? 60  LYS A CB  1 
ATOM   364  C CG  . LYS A 1 60  ? 7.093   -10.952 9.221   1.00 13.21 ? 60  LYS A CG  1 
ATOM   365  C CD  . LYS A 1 60  ? 7.220   -11.230 10.727  1.00 14.15 ? 60  LYS A CD  1 
ATOM   366  C CE  . LYS A 1 60  ? 6.115   -10.504 11.494  1.00 13.86 ? 60  LYS A CE  1 
ATOM   367  N NZ  . LYS A 1 60  ? 6.138   -10.811 12.982  1.00 11.53 ? 60  LYS A NZ  1 
ATOM   368  N N   . GLY A 1 61  ? 11.231  -12.142 7.039   1.00 14.61 ? 61  GLY A N   1 
ATOM   369  C CA  . GLY A 1 61  ? 12.000  -12.985 6.144   1.00 14.71 ? 61  GLY A CA  1 
ATOM   370  C C   . GLY A 1 61  ? 11.259  -13.393 4.887   1.00 15.12 ? 61  GLY A C   1 
ATOM   371  O O   . GLY A 1 61  ? 10.696  -12.531 4.193   1.00 14.92 ? 61  GLY A O   1 
ATOM   372  N N   . MET A 1 62  ? 11.303  -14.698 4.585   1.00 14.63 ? 62  MET A N   1 
ATOM   373  C CA  . MET A 1 62  ? 10.765  -15.262 3.333   1.00 15.59 ? 62  MET A CA  1 
ATOM   374  C C   . MET A 1 62  ? 9.320   -15.738 3.450   1.00 16.25 ? 62  MET A C   1 
ATOM   375  O O   . MET A 1 62  ? 8.930   -16.304 4.474   1.00 16.19 ? 62  MET A O   1 
ATOM   376  C CB  . MET A 1 62  ? 11.650  -16.424 2.827   1.00 15.19 ? 62  MET A CB  1 
ATOM   377  C CG  . MET A 1 62  ? 13.158  -16.096 2.805   1.00 14.86 ? 62  MET A CG  1 
ATOM   378  S SD  . MET A 1 62  ? 13.482  -14.668 1.727   1.00 17.13 ? 62  MET A SD  1 
ATOM   379  C CE  . MET A 1 62  ? 13.452  -15.394 0.100   1.00 15.50 ? 62  MET A CE  1 
ATOM   380  N N   . GLY A 1 63  ? 8.548   -15.536 2.387   1.00 16.50 ? 63  GLY A N   1 
ATOM   381  C CA  . GLY A 1 63  ? 7.148   -15.955 2.358   1.00 18.53 ? 63  GLY A CA  1 
ATOM   382  C C   . GLY A 1 63  ? 7.013   -17.396 1.877   1.00 19.20 ? 63  GLY A C   1 
ATOM   383  O O   . GLY A 1 63  ? 7.991   -17.995 1.415   1.00 19.40 ? 63  GLY A O   1 
ATOM   384  N N   . GLN A 1 64  ? 5.809   -17.956 2.000   1.00 19.55 ? 64  GLN A N   1 
ATOM   385  C CA  . GLN A 1 64  ? 5.475   -19.240 1.349   1.00 20.78 ? 64  GLN A CA  1 
ATOM   386  C C   . GLN A 1 64  ? 5.736   -19.231 -0.169  1.00 20.57 ? 64  GLN A C   1 
ATOM   387  O O   . GLN A 1 64  ? 5.993   -20.284 -0.778  1.00 21.53 ? 64  GLN A O   1 
ATOM   388  C CB  . GLN A 1 64  ? 4.015   -19.646 1.659   1.00 19.67 ? 64  GLN A CB  1 
ATOM   389  C CG  . GLN A 1 64  ? 3.675   -19.660 3.169   1.00 22.09 ? 64  GLN A CG  1 
ATOM   390  C CD  . GLN A 1 64  ? 2.182   -19.939 3.465   1.00 23.01 ? 64  GLN A CD  1 
ATOM   391  O OE1 . GLN A 1 64  ? 1.362   -20.023 2.555   1.00 25.59 ? 64  GLN A OE1 1 
ATOM   392  N NE2 . GLN A 1 64  ? 1.842   -20.075 4.745   1.00 23.24 ? 64  GLN A NE2 1 
ATOM   393  N N   . SER A 1 65  ? 5.670   -18.052 -0.793  1.00 20.45 ? 65  SER A N   1 
ATOM   394  C CA  . SER A 1 65  ? 5.895   -17.930 -2.235  1.00 20.43 ? 65  SER A CA  1 
ATOM   395  C C   . SER A 1 65  ? 7.351   -18.157 -2.669  1.00 20.21 ? 65  SER A C   1 
ATOM   396  O O   . SER A 1 65  ? 7.620   -18.373 -3.853  1.00 20.97 ? 65  SER A O   1 
ATOM   397  C CB  . SER A 1 65  ? 5.448   -16.546 -2.732  1.00 20.87 ? 65  SER A CB  1 
ATOM   398  O OG  . SER A 1 65  ? 6.348   -15.541 -2.296  1.00 21.08 ? 65  SER A OG  1 
ATOM   399  N N   . GLY A 1 66  ? 8.276   -18.091 -1.715  1.00 19.51 ? 66  GLY A N   1 
ATOM   400  C CA  . GLY A 1 66  ? 9.708   -18.147 -2.010  1.00 19.15 ? 66  GLY A CA  1 
ATOM   401  C C   . GLY A 1 66  ? 10.317  -16.768 -2.219  1.00 18.65 ? 66  GLY A C   1 
ATOM   402  O O   . GLY A 1 66  ? 11.527  -16.657 -2.477  1.00 18.63 ? 66  GLY A O   1 
ATOM   403  N N   . LYS A 1 67  ? 9.475   -15.725 -2.152  1.00 17.99 ? 67  LYS A N   1 
ATOM   404  C CA  . LYS A 1 67  ? 9.939   -14.320 -2.230  1.00 17.29 ? 67  LYS A CA  1 
ATOM   405  C C   . LYS A 1 67  ? 9.993   -13.701 -0.831  1.00 16.49 ? 67  LYS A C   1 
ATOM   406  O O   . LYS A 1 67  ? 9.202   -14.102 0.049   1.00 15.58 ? 67  LYS A O   1 
ATOM   407  C CB  . LYS A 1 67  ? 9.046   -13.456 -3.141  1.00 17.55 ? 67  LYS A CB  1 
ATOM   408  C CG  . LYS A 1 67  ? 9.336   -13.575 -4.636  1.00 20.49 ? 67  LYS A CG  1 
ATOM   409  C CD  . LYS A 1 67  ? 8.893   -14.946 -5.148  1.00 25.37 ? 67  LYS A CD  1 
ATOM   410  C CE  . LYS A 1 67  ? 8.873   -15.027 -6.648  1.00 26.83 ? 67  LYS A CE  1 
ATOM   411  N NZ  . LYS A 1 67  ? 8.010   -16.185 -6.995  1.00 28.99 ? 67  LYS A NZ  1 
ATOM   412  N N   . PRO A 1 68  ? 10.885  -12.692 -0.629  1.00 15.73 ? 68  PRO A N   1 
ATOM   413  C CA  . PRO A 1 68  ? 10.924  -12.006 0.675   1.00 15.56 ? 68  PRO A CA  1 
ATOM   414  C C   . PRO A 1 68  ? 9.610   -11.282 0.940   1.00 15.41 ? 68  PRO A C   1 
ATOM   415  O O   . PRO A 1 68  ? 9.038   -10.663 0.021   1.00 14.88 ? 68  PRO A O   1 
ATOM   416  C CB  . PRO A 1 68  ? 12.044  -10.964 0.495   1.00 15.27 ? 68  PRO A CB  1 
ATOM   417  C CG  . PRO A 1 68  ? 12.895  -11.527 -0.644  1.00 16.81 ? 68  PRO A CG  1 
ATOM   418  C CD  . PRO A 1 68  ? 11.868  -12.106 -1.566  1.00 15.41 ? 68  PRO A CD  1 
ATOM   419  N N   . LEU A 1 69  ? 9.142   -11.368 2.184   1.00 14.12 ? 69  LEU A N   1 
ATOM   420  C CA  . LEU A 1 69  ? 7.975   -10.625 2.645   1.00 13.47 ? 69  LEU A CA  1 
ATOM   421  C C   . LEU A 1 69  ? 8.366   -9.150  2.878   1.00 12.82 ? 69  LEU A C   1 
ATOM   422  O O   . LEU A 1 69  ? 8.516   -8.690  4.019   1.00 12.45 ? 69  LEU A O   1 
ATOM   423  C CB  . LEU A 1 69  ? 7.428   -11.270 3.926   1.00 12.81 ? 69  LEU A CB  1 
ATOM   424  C CG  . LEU A 1 69  ? 6.914   -12.706 3.764   1.00 12.44 ? 69  LEU A CG  1 
ATOM   425  C CD1 . LEU A 1 69  ? 6.790   -13.421 5.123   1.00 10.97 ? 69  LEU A CD1 1 
ATOM   426  C CD2 . LEU A 1 69  ? 5.570   -12.639 3.039   1.00 12.13 ? 69  LEU A CD2 1 
ATOM   427  N N   . CYS A 1 70  ? 8.554   -8.417  1.787   1.00 13.66 ? 70  CYS A N   1 
ATOM   428  C CA  . CYS A 1 70  ? 9.021   -7.039  1.892   1.00 13.93 ? 70  CYS A CA  1 
ATOM   429  C C   . CYS A 1 70  ? 8.618   -6.218  0.677   1.00 13.49 ? 70  CYS A C   1 
ATOM   430  O O   . CYS A 1 70  ? 8.636   -6.719  -0.458  1.00 13.07 ? 70  CYS A O   1 
ATOM   431  C CB  . CYS A 1 70  ? 10.553  -6.980  2.130   1.00 13.94 ? 70  CYS A CB  1 
ATOM   432  S SG  . CYS A 1 70  ? 11.180  -5.310  2.459   1.00 16.22 ? 70  CYS A SG  1 
ATOM   433  N N   . TYR A 1 71  ? 8.216   -4.972  0.926   1.00 12.68 ? 71  TYR A N   1 
ATOM   434  C CA  . TYR A 1 71  ? 7.769   -4.089  -0.154  1.00 12.85 ? 71  TYR A CA  1 
ATOM   435  C C   . TYR A 1 71  ? 8.943   -3.493  -0.937  1.00 12.21 ? 71  TYR A C   1 
ATOM   436  O O   . TYR A 1 71  ? 8.780   -3.053  -2.073  1.00 12.67 ? 71  TYR A O   1 
ATOM   437  C CB  . TYR A 1 71  ? 6.918   -2.950  0.397   1.00 12.47 ? 71  TYR A CB  1 
ATOM   438  C CG  . TYR A 1 71  ? 5.509   -3.339  0.798   1.00 12.32 ? 71  TYR A CG  1 
ATOM   439  C CD1 . TYR A 1 71  ? 4.691   -4.111  -0.058  1.00 10.77 ? 71  TYR A CD1 1 
ATOM   440  C CD2 . TYR A 1 71  ? 4.978   -2.919  2.015   1.00 11.42 ? 71  TYR A CD2 1 
ATOM   441  C CE1 . TYR A 1 71  ? 3.362   -4.465  0.301   1.00 9.36  ? 71  TYR A CE1 1 
ATOM   442  C CE2 . TYR A 1 71  ? 3.643   -3.248  2.378   1.00 12.14 ? 71  TYR A CE2 1 
ATOM   443  C CZ  . TYR A 1 71  ? 2.854   -4.028  1.529   1.00 11.56 ? 71  TYR A CZ  1 
ATOM   444  O OH  . TYR A 1 71  ? 1.551   -4.356  1.890   1.00 11.31 ? 71  TYR A OH  1 
ATOM   445  N N   . THR A 1 72  ? 10.127  -3.456  -0.328  1.00 13.07 ? 72  THR A N   1 
ATOM   446  C CA  . THR A 1 72  ? 11.299  -2.929  -1.025  1.00 13.41 ? 72  THR A CA  1 
ATOM   447  C C   . THR A 1 72  ? 11.558  -3.705  -2.329  1.00 13.78 ? 72  THR A C   1 
ATOM   448  O O   . THR A 1 72  ? 11.605  -4.951  -2.361  1.00 13.58 ? 72  THR A O   1 
ATOM   449  C CB  . THR A 1 72  ? 12.551  -2.885  -0.101  1.00 13.46 ? 72  THR A CB  1 
ATOM   450  O OG1 . THR A 1 72  ? 12.321  -1.937  0.948   1.00 15.09 ? 72  THR A OG1 1 
ATOM   451  C CG2 . THR A 1 72  ? 13.800  -2.464  -0.889  1.00 13.08 ? 72  THR A CG2 1 
ATOM   452  N N   . GLY A 1 73  ? 11.648  -2.969  -3.425  1.00 13.49 ? 73  GLY A N   1 
ATOM   453  C CA  . GLY A 1 73  ? 11.944  -3.586  -4.696  1.00 14.86 ? 73  GLY A CA  1 
ATOM   454  C C   . GLY A 1 73  ? 10.716  -3.798  -5.541  1.00 14.80 ? 73  GLY A C   1 
ATOM   455  O O   . GLY A 1 73  ? 10.829  -4.103  -6.735  1.00 16.74 ? 73  GLY A O   1 
ATOM   456  N N   . SER A 1 74  ? 9.539   -3.607  -4.951  1.00 14.75 ? 74  SER A N   1 
ATOM   457  C CA  . SER A 1 74  ? 8.288   -3.754  -5.692  1.00 14.02 ? 74  SER A CA  1 
ATOM   458  C C   . SER A 1 74  ? 7.874   -2.423  -6.350  1.00 14.74 ? 74  SER A C   1 
ATOM   459  O O   . SER A 1 74  ? 8.448   -1.364  -6.055  1.00 14.08 ? 74  SER A O   1 
ATOM   460  C CB  . SER A 1 74  ? 7.174   -4.325  -4.807  1.00 14.18 ? 74  SER A CB  1 
ATOM   461  O OG  . SER A 1 74  ? 6.782   -3.409  -3.813  1.00 13.73 ? 74  SER A OG  1 
ATOM   462  N N   . PHE A 1 75  ? 6.883   -2.510  -7.237  1.00 14.98 ? 75  PHE A N   1 
ATOM   463  C CA  . PHE A 1 75  ? 6.463   -1.387  -8.061  1.00 16.39 ? 75  PHE A CA  1 
ATOM   464  C C   . PHE A 1 75  ? 5.048   -0.975  -7.751  1.00 14.99 ? 75  PHE A C   1 
ATOM   465  O O   . PHE A 1 75  ? 4.268   -1.770  -7.239  1.00 15.68 ? 75  PHE A O   1 
ATOM   466  C CB  . PHE A 1 75  ? 6.595   -1.771  -9.541  1.00 17.72 ? 75  PHE A CB  1 
ATOM   467  C CG  . PHE A 1 75  ? 7.942   -2.341  -9.879  1.00 21.72 ? 75  PHE A CG  1 
ATOM   468  C CD1 . PHE A 1 75  ? 8.095   -3.696  -10.151 1.00 23.87 ? 75  PHE A CD1 1 
ATOM   469  C CD2 . PHE A 1 75  ? 9.071   -1.522  -9.883  1.00 26.85 ? 75  PHE A CD2 1 
ATOM   470  C CE1 . PHE A 1 75  ? 9.360   -4.234  -10.453 1.00 28.42 ? 75  PHE A CE1 1 
ATOM   471  C CE2 . PHE A 1 75  ? 10.343  -2.043  -10.182 1.00 26.81 ? 75  PHE A CE2 1 
ATOM   472  C CZ  . PHE A 1 75  ? 10.488  -3.405  -10.456 1.00 25.89 ? 75  PHE A CZ  1 
ATOM   473  N N   . PHE A 1 76  ? 4.707   0.262   -8.078  1.00 14.50 ? 76  PHE A N   1 
ATOM   474  C CA  . PHE A 1 76  ? 3.298   0.620   -8.184  1.00 13.56 ? 76  PHE A CA  1 
ATOM   475  C C   . PHE A 1 76  ? 2.826   0.221   -9.588  1.00 13.74 ? 76  PHE A C   1 
ATOM   476  O O   . PHE A 1 76  ? 3.105   0.902   -10.583 1.00 13.98 ? 76  PHE A O   1 
ATOM   477  C CB  . PHE A 1 76  ? 3.062   2.100   -7.842  1.00 14.08 ? 76  PHE A CB  1 
ATOM   478  C CG  . PHE A 1 76  ? 3.080   2.387   -6.358  1.00 14.36 ? 76  PHE A CG  1 
ATOM   479  C CD1 . PHE A 1 76  ? 1.894   2.382   -5.616  1.00 15.30 ? 76  PHE A CD1 1 
ATOM   480  C CD2 . PHE A 1 76  ? 4.294   2.644   -5.690  1.00 15.60 ? 76  PHE A CD2 1 
ATOM   481  C CE1 . PHE A 1 76  ? 1.910   2.645   -4.220  1.00 16.38 ? 76  PHE A CE1 1 
ATOM   482  C CE2 . PHE A 1 76  ? 4.322   2.905   -4.295  1.00 13.72 ? 76  PHE A CE2 1 
ATOM   483  C CZ  . PHE A 1 76  ? 3.111   2.912   -3.565  1.00 14.64 ? 76  PHE A CZ  1 
ATOM   484  N N   . HIS A 1 77  ? 2.148   -0.917  -9.677  1.00 13.37 ? 77  HIS A N   1 
ATOM   485  C CA  . HIS A 1 77  ? 1.875   -1.555  -10.970 1.00 14.10 ? 77  HIS A CA  1 
ATOM   486  C C   . HIS A 1 77  ? 0.570   -1.105  -11.603 1.00 14.43 ? 77  HIS A C   1 
ATOM   487  O O   . HIS A 1 77  ? 0.327   -1.396  -12.768 1.00 14.72 ? 77  HIS A O   1 
ATOM   488  C CB  . HIS A 1 77  ? 1.836   -3.083  -10.829 1.00 14.23 ? 77  HIS A CB  1 
ATOM   489  C CG  . HIS A 1 77  ? 0.674   -3.576  -10.012 1.00 13.18 ? 77  HIS A CG  1 
ATOM   490  N ND1 . HIS A 1 77  ? 0.727   -3.669  -8.635  1.00 15.63 ? 77  HIS A ND1 1 
ATOM   491  C CD2 . HIS A 1 77  ? -0.560  -4.006  -10.372 1.00 13.72 ? 77  HIS A CD2 1 
ATOM   492  C CE1 . HIS A 1 77  ? -0.428  -4.121  -8.181  1.00 15.04 ? 77  HIS A CE1 1 
ATOM   493  N NE2 . HIS A 1 77  ? -1.222  -4.350  -9.213  1.00 15.32 ? 77  HIS A NE2 1 
ATOM   494  N N   . ARG A 1 78  ? -0.297  -0.474  -10.821 1.00 14.34 ? 78  ARG A N   1 
ATOM   495  C CA  . ARG A 1 78  ? -1.594  -0.019  -11.340 1.00 14.33 ? 78  ARG A CA  1 
ATOM   496  C C   . ARG A 1 78  ? -1.830  1.378   -10.811 1.00 13.63 ? 78  ARG A C   1 
ATOM   497  O O   . ARG A 1 78  ? -1.879  1.575   -9.608  1.00 12.95 ? 78  ARG A O   1 
ATOM   498  C CB  . ARG A 1 78  ? -2.725  -0.957  -10.881 1.00 14.53 ? 78  ARG A CB  1 
ATOM   499  C CG  . ARG A 1 78  ? -4.109  -0.632  -11.406 1.00 14.31 ? 78  ARG A CG  1 
ATOM   500  C CD  . ARG A 1 78  ? -5.166  -1.545  -10.733 1.00 15.53 ? 78  ARG A CD  1 
ATOM   501  N NE  . ARG A 1 78  ? -6.535  -1.237  -11.132 1.00 18.09 ? 78  ARG A NE  1 
ATOM   502  C CZ  . ARG A 1 78  ? -7.609  -1.316  -10.337 1.00 21.37 ? 78  ARG A CZ  1 
ATOM   503  N NH1 . ARG A 1 78  ? -7.501  -1.664  -9.046  1.00 18.77 ? 78  ARG A NH1 1 
ATOM   504  N NH2 . ARG A 1 78  ? -8.807  -1.049  -10.840 1.00 21.84 ? 78  ARG A NH2 1 
ATOM   505  N N   . ILE A 1 79  ? -1.938  2.343   -11.722 1.00 13.29 ? 79  ILE A N   1 
ATOM   506  C CA  . ILE A 1 79  ? -2.012  3.746   -11.348 1.00 13.04 ? 79  ILE A CA  1 
ATOM   507  C C   . ILE A 1 79  ? -3.091  4.405   -12.200 1.00 13.77 ? 79  ILE A C   1 
ATOM   508  O O   . ILE A 1 79  ? -2.952  4.490   -13.426 1.00 13.52 ? 79  ILE A O   1 
ATOM   509  C CB  . ILE A 1 79  ? -0.643  4.481   -11.546 1.00 12.68 ? 79  ILE A CB  1 
ATOM   510  C CG1 . ILE A 1 79  ? 0.495   3.782   -10.767 1.00 13.12 ? 79  ILE A CG1 1 
ATOM   511  C CG2 . ILE A 1 79  ? -0.763  5.992   -11.186 1.00 10.98 ? 79  ILE A CG2 1 
ATOM   512  C CD1 . ILE A 1 79  ? 1.932   4.173   -11.272 1.00 13.27 ? 79  ILE A CD1 1 
ATOM   513  N N   . ILE A 1 80  ? -4.162  4.848   -11.543 1.00 13.46 ? 80  ILE A N   1 
ATOM   514  C CA  . ILE A 1 80  ? -5.310  5.432   -12.252 1.00 13.86 ? 80  ILE A CA  1 
ATOM   515  C C   . ILE A 1 80  ? -5.486  6.865   -11.747 1.00 13.50 ? 80  ILE A C   1 
ATOM   516  O O   . ILE A 1 80  ? -5.947  7.068   -10.615 1.00 12.85 ? 80  ILE A O   1 
ATOM   517  C CB  . ILE A 1 80  ? -6.646  4.605   -12.059 1.00 13.37 ? 80  ILE A CB  1 
ATOM   518  C CG1 . ILE A 1 80  ? -6.537  3.177   -12.637 1.00 14.31 ? 80  ILE A CG1 1 
ATOM   519  C CG2 . ILE A 1 80  ? -7.852  5.342   -12.724 1.00 13.74 ? 80  ILE A CG2 1 
ATOM   520  C CD1 . ILE A 1 80  ? -7.676  2.216   -12.165 1.00 13.85 ? 80  ILE A CD1 1 
ATOM   521  N N   . PRO A 1 81  ? -5.112  7.864   -12.577 1.00 13.87 ? 81  PRO A N   1 
ATOM   522  C CA  . PRO A 1 81  ? -5.291  9.255   -12.162 1.00 14.26 ? 81  PRO A CA  1 
ATOM   523  C C   . PRO A 1 81  ? -6.746  9.582   -11.766 1.00 13.92 ? 81  PRO A C   1 
ATOM   524  O O   . PRO A 1 81  ? -7.695  9.074   -12.385 1.00 13.99 ? 81  PRO A O   1 
ATOM   525  C CB  . PRO A 1 81  ? -4.853  10.056  -13.406 1.00 14.13 ? 81  PRO A CB  1 
ATOM   526  C CG  . PRO A 1 81  ? -3.910  9.145   -14.128 1.00 14.84 ? 81  PRO A CG  1 
ATOM   527  C CD  . PRO A 1 81  ? -4.507  7.767   -13.920 1.00 14.36 ? 81  PRO A CD  1 
ATOM   528  N N   . GLN A 1 82  ? -6.890  10.403  -10.725 1.00 14.41 ? 82  GLN A N   1 
ATOM   529  C CA  . GLN A 1 82  ? -8.182  10.781  -10.133 1.00 14.95 ? 82  GLN A CA  1 
ATOM   530  C C   . GLN A 1 82  ? -8.856  9.615   -9.438  1.00 14.39 ? 82  GLN A C   1 
ATOM   531  O O   . GLN A 1 82  ? -10.084 9.569   -9.310  1.00 14.11 ? 82  GLN A O   1 
ATOM   532  C CB  . GLN A 1 82  ? -9.114  11.415  -11.185 1.00 15.07 ? 82  GLN A CB  1 
ATOM   533  C CG  . GLN A 1 82  ? -8.549  12.729  -11.748 1.00 19.31 ? 82  GLN A CG  1 
ATOM   534  C CD  . GLN A 1 82  ? -7.673  12.530  -12.977 1.00 24.93 ? 82  GLN A CD  1 
ATOM   535  O OE1 . GLN A 1 82  ? -8.113  11.949  -13.982 1.00 29.38 ? 82  GLN A OE1 1 
ATOM   536  N NE2 . GLN A 1 82  ? -6.431  13.029  -12.918 1.00 27.66 ? 82  GLN A NE2 1 
ATOM   537  N N   . PHE A 1 83  ? -8.053  8.640   -9.022  1.00 13.92 ? 83  PHE A N   1 
ATOM   538  C CA  . PHE A 1 83  ? -8.607  7.506   -8.327  1.00 13.52 ? 83  PHE A CA  1 
ATOM   539  C C   . PHE A 1 83  ? -7.634  7.020   -7.255  1.00 13.40 ? 83  PHE A C   1 
ATOM   540  O O   . PHE A 1 83  ? -7.848  7.262   -6.067  1.00 13.27 ? 83  PHE A O   1 
ATOM   541  C CB  . PHE A 1 83  ? -9.001  6.398   -9.341  1.00 14.03 ? 83  PHE A CB  1 
ATOM   542  C CG  . PHE A 1 83  ? -9.539  5.117   -8.713  1.00 13.19 ? 83  PHE A CG  1 
ATOM   543  C CD1 . PHE A 1 83  ? -9.966  5.084   -7.379  1.00 14.28 ? 83  PHE A CD1 1 
ATOM   544  C CD2 . PHE A 1 83  ? -9.650  3.960   -9.482  1.00 15.11 ? 83  PHE A CD2 1 
ATOM   545  C CE1 . PHE A 1 83  ? -10.454 3.900   -6.821  1.00 13.89 ? 83  PHE A CE1 1 
ATOM   546  C CE2 . PHE A 1 83  ? -10.150 2.768   -8.950  1.00 15.09 ? 83  PHE A CE2 1 
ATOM   547  C CZ  . PHE A 1 83  ? -10.548 2.736   -7.604  1.00 15.27 ? 83  PHE A CZ  1 
ATOM   548  N N   . MET A 1 84  ? -6.580  6.314   -7.666  1.00 13.62 ? 84  MET A N   1 
ATOM   549  C CA  . MET A 1 84  ? -5.686  5.700   -6.683  1.00 13.09 ? 84  MET A CA  1 
ATOM   550  C C   . MET A 1 84  ? -4.409  5.159   -7.328  1.00 12.91 ? 84  MET A C   1 
ATOM   551  O O   . MET A 1 84  ? -4.322  5.029   -8.556  1.00 12.72 ? 84  MET A O   1 
ATOM   552  C CB  . MET A 1 84  ? -6.414  4.600   -5.871  1.00 13.62 ? 84  MET A CB  1 
ATOM   553  C CG  . MET A 1 84  ? -6.901  3.413   -6.726  1.00 12.93 ? 84  MET A CG  1 
ATOM   554  S SD  . MET A 1 84  ? -5.585  2.208   -7.049  1.00 14.11 ? 84  MET A SD  1 
ATOM   555  C CE  . MET A 1 84  ? -5.883  1.841   -8.788  1.00 12.94 ? 84  MET A CE  1 
ATOM   556  N N   . ILE A 1 85  ? -3.427  4.849   -6.481  1.00 11.79 ? 85  ILE A N   1 
ATOM   557  C CA  . ILE A 1 85  ? -2.180  4.228   -6.922  1.00 12.28 ? 85  ILE A CA  1 
ATOM   558  C C   . ILE A 1 85  ? -2.072  2.924   -6.125  1.00 12.05 ? 85  ILE A C   1 
ATOM   559  O O   . ILE A 1 85  ? -2.364  2.910   -4.922  1.00 12.51 ? 85  ILE A O   1 
ATOM   560  C CB  . ILE A 1 85  ? -0.955  5.168   -6.712  1.00 11.73 ? 85  ILE A CB  1 
ATOM   561  C CG1 . ILE A 1 85  ? -0.637  5.381   -5.211  1.00 12.41 ? 85  ILE A CG1 1 
ATOM   562  C CG2 . ILE A 1 85  ? -1.207  6.526   -7.416  1.00 12.43 ? 85  ILE A CG2 1 
ATOM   563  C CD1 . ILE A 1 85  ? 0.751   6.034   -4.903  1.00 13.24 ? 85  ILE A CD1 1 
ATOM   564  N N   . GLN A 1 86  ? -1.694  1.854   -6.808  1.00 11.35 ? 86  GLN A N   1 
ATOM   565  C CA  . GLN A 1 86  ? -1.746  0.522   -6.225  1.00 11.62 ? 86  GLN A CA  1 
ATOM   566  C C   . GLN A 1 86  ? -0.414  -0.208  -6.401  1.00 11.58 ? 86  GLN A C   1 
ATOM   567  O O   . GLN A 1 86  ? 0.213   -0.165  -7.475  1.00 11.66 ? 86  GLN A O   1 
ATOM   568  C CB  . GLN A 1 86  ? -2.936  -0.271  -6.771  1.00 10.97 ? 86  GLN A CB  1 
ATOM   569  C CG  . GLN A 1 86  ? -3.000  -1.770  -6.332  1.00 10.90 ? 86  GLN A CG  1 
ATOM   570  C CD  . GLN A 1 86  ? -4.254  -2.448  -6.823  1.00 13.47 ? 86  GLN A CD  1 
ATOM   571  O OE1 . GLN A 1 86  ? -5.246  -1.782  -7.139  1.00 14.57 ? 86  GLN A OE1 1 
ATOM   572  N NE2 . GLN A 1 86  ? -4.211  -3.776  -6.929  1.00 13.53 ? 86  GLN A NE2 1 
ATOM   573  N N   . GLY A 1 87  ? 0.030   -0.852  -5.326  1.00 11.82 ? 87  GLY A N   1 
ATOM   574  C CA  . GLY A 1 87  ? 1.265   -1.612  -5.342  1.00 12.06 ? 87  GLY A CA  1 
ATOM   575  C C   . GLY A 1 87  ? 1.134   -2.844  -4.456  1.00 12.95 ? 87  GLY A C   1 
ATOM   576  O O   . GLY A 1 87  ? 0.013   -3.275  -4.144  1.00 12.04 ? 87  GLY A O   1 
ATOM   577  N N   . GLY A 1 88  ? 2.278   -3.388  -4.046  1.00 12.93 ? 88  GLY A N   1 
ATOM   578  C CA  . GLY A 1 88  ? 2.331   -4.446  -3.035  1.00 12.90 ? 88  GLY A CA  1 
ATOM   579  C C   . GLY A 1 88  ? 2.406   -5.857  -3.600  1.00 13.15 ? 88  GLY A C   1 
ATOM   580  O O   . GLY A 1 88  ? 2.463   -6.818  -2.826  1.00 13.14 ? 88  GLY A O   1 
ATOM   581  N N   . ASP A 1 89  ? 2.427   -5.990  -4.935  1.00 13.49 ? 89  ASP A N   1 
ATOM   582  C CA  . ASP A 1 89  ? 2.586   -7.311  -5.568  1.00 14.65 ? 89  ASP A CA  1 
ATOM   583  C C   . ASP A 1 89  ? 4.071   -7.665  -5.758  1.00 15.48 ? 89  ASP A C   1 
ATOM   584  O O   . ASP A 1 89  ? 4.642   -7.506  -6.844  1.00 15.39 ? 89  ASP A O   1 
ATOM   585  C CB  . ASP A 1 89  ? 1.795   -7.442  -6.876  1.00 14.84 ? 89  ASP A CB  1 
ATOM   586  C CG  . ASP A 1 89  ? 1.834   -8.881  -7.450  1.00 16.30 ? 89  ASP A CG  1 
ATOM   587  O OD1 . ASP A 1 89  ? 2.536   -9.744  -6.880  1.00 16.85 ? 89  ASP A OD1 1 
ATOM   588  O OD2 . ASP A 1 89  ? 1.156   -9.150  -8.452  1.00 18.02 ? 89  ASP A OD2 1 
ATOM   589  N N   . PHE A 1 90  ? 4.678   -8.167  -4.682  1.00 15.42 ? 90  PHE A N   1 
ATOM   590  C CA  . PHE A 1 90  ? 6.091   -8.511  -4.696  1.00 16.42 ? 90  PHE A CA  1 
ATOM   591  C C   . PHE A 1 90  ? 6.322   -9.989  -5.072  1.00 17.15 ? 90  PHE A C   1 
ATOM   592  O O   . PHE A 1 90  ? 7.446   -10.454 -5.037  1.00 17.95 ? 90  PHE A O   1 
ATOM   593  C CB  . PHE A 1 90  ? 6.760   -8.160  -3.357  1.00 15.96 ? 90  PHE A CB  1 
ATOM   594  C CG  . PHE A 1 90  ? 6.096   -8.796  -2.160  1.00 15.36 ? 90  PHE A CG  1 
ATOM   595  C CD1 . PHE A 1 90  ? 6.260   -10.162 -1.896  1.00 16.35 ? 90  PHE A CD1 1 
ATOM   596  C CD2 . PHE A 1 90  ? 5.327   -8.019  -1.280  1.00 14.64 ? 90  PHE A CD2 1 
ATOM   597  C CE1 . PHE A 1 90  ? 5.645   -10.755 -0.780  1.00 13.49 ? 90  PHE A CE1 1 
ATOM   598  C CE2 . PHE A 1 90  ? 4.721   -8.593  -0.167  1.00 14.63 ? 90  PHE A CE2 1 
ATOM   599  C CZ  . PHE A 1 90  ? 4.866   -9.967  0.069   1.00 13.42 ? 90  PHE A CZ  1 
ATOM   600  N N   . THR A 1 91  ? 5.264   -10.723 -5.416  1.00 17.86 ? 91  THR A N   1 
ATOM   601  C CA  . THR A 1 91  ? 5.431   -12.109 -5.883  1.00 19.98 ? 91  THR A CA  1 
ATOM   602  C C   . THR A 1 91  ? 5.269   -12.283 -7.393  1.00 21.58 ? 91  THR A C   1 
ATOM   603  O O   . THR A 1 91  ? 5.907   -13.158 -7.978  1.00 22.28 ? 91  THR A O   1 
ATOM   604  C CB  . THR A 1 91  ? 4.522   -13.150 -5.138  1.00 19.25 ? 91  THR A CB  1 
ATOM   605  O OG1 . THR A 1 91  ? 3.152   -12.988 -5.527  1.00 20.29 ? 91  THR A OG1 1 
ATOM   606  C CG2 . THR A 1 91  ? 4.653   -13.015 -3.617  1.00 19.16 ? 91  THR A CG2 1 
ATOM   607  N N   . ARG A 1 92  ? 4.424   -11.464 -8.022  1.00 23.41 ? 92  ARG A N   1 
ATOM   608  C CA  . ARG A 1 92  ? 4.150   -11.595 -9.458  1.00 25.76 ? 92  ARG A CA  1 
ATOM   609  C C   . ARG A 1 92  ? 4.215   -10.269 -10.254 1.00 26.05 ? 92  ARG A C   1 
ATOM   610  O O   . ARG A 1 92  ? 4.075   -10.276 -11.488 1.00 26.91 ? 92  ARG A O   1 
ATOM   611  C CB  . ARG A 1 92  ? 2.792   -12.279 -9.689  1.00 25.03 ? 92  ARG A CB  1 
ATOM   612  C CG  . ARG A 1 92  ? 2.668   -13.687 -9.111  1.00 27.25 ? 92  ARG A CG  1 
ATOM   613  C CD  . ARG A 1 92  ? 1.284   -14.250 -9.355  1.00 28.29 ? 92  ARG A CD  1 
ATOM   614  N NE  . ARG A 1 92  ? 0.984   -15.389 -8.480  1.00 37.48 ? 92  ARG A NE  1 
ATOM   615  C CZ  . ARG A 1 92  ? -0.209  -15.979 -8.373  1.00 38.81 ? 92  ARG A CZ  1 
ATOM   616  N NH1 . ARG A 1 92  ? -1.250  -15.552 -9.090  1.00 38.82 ? 92  ARG A NH1 1 
ATOM   617  N NH2 . ARG A 1 92  ? -0.363  -17.008 -7.548  1.00 39.85 ? 92  ARG A NH2 1 
ATOM   618  N N   . GLY A 1 93  ? 4.390   -9.149  -9.551  1.00 26.58 ? 93  GLY A N   1 
ATOM   619  C CA  . GLY A 1 93  ? 4.474   -7.804  -10.155 1.00 27.02 ? 93  GLY A CA  1 
ATOM   620  C C   . GLY A 1 93  ? 3.316   -7.236  -10.984 1.00 27.68 ? 93  GLY A C   1 
ATOM   621  O O   . GLY A 1 93  ? 3.450   -6.158  -11.567 1.00 27.44 ? 93  GLY A O   1 
ATOM   622  N N   . ASP A 1 94  ? 2.176   -7.918  -11.031 1.00 27.60 ? 94  ASP A N   1 
ATOM   623  C CA  . ASP A 1 94  ? 1.160   -7.586  -12.038 1.00 27.87 ? 94  ASP A CA  1 
ATOM   624  C C   . ASP A 1 94  ? -0.264  -7.472  -11.516 1.00 27.47 ? 94  ASP A C   1 
ATOM   625  O O   . ASP A 1 94  ? -1.189  -7.237  -12.290 1.00 28.24 ? 94  ASP A O   1 
ATOM   626  C CB  . ASP A 1 94  ? 1.211   -8.579  -13.214 1.00 28.50 ? 94  ASP A CB  1 
ATOM   627  C CG  . ASP A 1 94  ? 0.958   -10.016 -12.792 1.00 29.60 ? 94  ASP A CG  1 
ATOM   628  O OD1 . ASP A 1 94  ? 0.510   -10.262 -11.644 1.00 28.72 ? 94  ASP A OD1 1 
ATOM   629  O OD2 . ASP A 1 94  ? 1.208   -10.908 -13.620 1.00 30.05 ? 94  ASP A OD2 1 
ATOM   630  N N   . GLY A 1 95  ? -0.437  -7.636  -10.212 1.00 26.18 ? 95  GLY A N   1 
ATOM   631  C CA  . GLY A 1 95  ? -1.757  -7.535  -9.625  1.00 24.80 ? 95  GLY A CA  1 
ATOM   632  C C   . GLY A 1 95  ? -2.408  -8.861  -9.372  1.00 23.92 ? 95  GLY A C   1 
ATOM   633  O O   . GLY A 1 95  ? -3.515  -8.899  -8.842  1.00 24.43 ? 95  GLY A O   1 
ATOM   634  N N   . THR A 1 96  ? -1.730  -9.957  -9.717  1.00 23.20 ? 96  THR A N   1 
ATOM   635  C CA  . THR A 1 96  ? -2.277  -11.283 -9.429  1.00 23.29 ? 96  THR A CA  1 
ATOM   636  C C   . THR A 1 96  ? -1.646  -11.894 -8.169  1.00 23.02 ? 96  THR A C   1 
ATOM   637  O O   . THR A 1 96  ? -2.156  -12.882 -7.628  1.00 24.03 ? 96  THR A O   1 
ATOM   638  C CB  . THR A 1 96  ? -2.154  -12.276 -10.633 1.00 23.21 ? 96  THR A CB  1 
ATOM   639  O OG1 . THR A 1 96  ? -0.772  -12.517 -10.937 1.00 24.40 ? 96  THR A OG1 1 
ATOM   640  C CG2 . THR A 1 96  ? -2.858  -11.724 -11.888 1.00 23.22 ? 96  THR A CG2 1 
ATOM   641  N N   . GLY A 1 97  ? -0.542  -11.318 -7.701  1.00 21.47 ? 97  GLY A N   1 
ATOM   642  C CA  . GLY A 1 97  ? 0.232   -11.969 -6.648  1.00 20.47 ? 97  GLY A CA  1 
ATOM   643  C C   . GLY A 1 97  ? 0.251   -11.205 -5.342  1.00 19.15 ? 97  GLY A C   1 
ATOM   644  O O   . GLY A 1 97  ? -0.645  -10.381 -5.064  1.00 19.99 ? 97  GLY A O   1 
ATOM   645  N N   . GLY A 1 98  ? 1.287   -11.475 -4.551  1.00 18.60 ? 98  GLY A N   1 
ATOM   646  C CA  . GLY A 1 98  ? 1.449   -10.898 -3.213  1.00 17.09 ? 98  GLY A CA  1 
ATOM   647  C C   . GLY A 1 98  ? 1.073   -11.927 -2.146  1.00 16.91 ? 98  GLY A C   1 
ATOM   648  O O   . GLY A 1 98  ? 0.378   -12.922 -2.421  1.00 15.91 ? 98  GLY A O   1 
ATOM   649  N N   . GLU A 1 99  ? 1.524   -11.690 -0.920  1.00 16.59 ? 99  GLU A N   1 
ATOM   650  C CA  . GLU A 1 99  ? 1.153   -12.568 0.196   1.00 17.00 ? 99  GLU A CA  1 
ATOM   651  C C   . GLU A 1 99  ? 1.338   -11.862 1.525   1.00 15.57 ? 99  GLU A C   1 
ATOM   652  O O   . GLU A 1 99  ? 2.210   -10.993 1.680   1.00 14.74 ? 99  GLU A O   1 
ATOM   653  C CB  . GLU A 1 99  ? 1.912   -13.905 0.159   1.00 18.05 ? 99  GLU A CB  1 
ATOM   654  C CG  . GLU A 1 99  ? 3.352   -13.844 0.591   1.00 19.28 ? 99  GLU A CG  1 
ATOM   655  C CD  . GLU A 1 99  ? 3.986   -15.242 0.803   1.00 19.62 ? 99  GLU A CD  1 
ATOM   656  O OE1 . GLU A 1 99  ? 3.694   -15.954 1.803   1.00 24.59 ? 99  GLU A OE1 1 
ATOM   657  O OE2 . GLU A 1 99  ? 4.834   -15.573 -0.026  1.00 22.47 ? 99  GLU A OE2 1 
ATOM   658  N N   . SER A 1 100 ? 0.486   -12.222 2.479   1.00 13.40 ? 100 SER A N   1 
ATOM   659  C CA  . SER A 1 100 ? 0.515   -11.567 3.759   1.00 12.29 ? 100 SER A CA  1 
ATOM   660  C C   . SER A 1 100 ? 1.549   -12.226 4.684   1.00 12.18 ? 100 SER A C   1 
ATOM   661  O O   . SER A 1 100 ? 2.015   -13.351 4.447   1.00 11.72 ? 100 SER A O   1 
ATOM   662  C CB  . SER A 1 100 ? -0.870  -11.635 4.425   1.00 11.19 ? 100 SER A CB  1 
ATOM   663  O OG  . SER A 1 100 ? -1.083  -12.889 5.065   1.00 10.74 ? 100 SER A OG  1 
ATOM   664  N N   . ILE A 1 101 ? 1.846   -11.544 5.786   1.00 11.88 ? 101 ILE A N   1 
ATOM   665  C CA  . ILE A 1 101 ? 2.714   -12.139 6.806   1.00 12.49 ? 101 ILE A CA  1 
ATOM   666  C C   . ILE A 1 101 ? 2.063   -13.378 7.490   1.00 12.60 ? 101 ILE A C   1 
ATOM   667  O O   . ILE A 1 101 ? 2.736   -14.149 8.177   1.00 13.33 ? 101 ILE A O   1 
ATOM   668  C CB  . ILE A 1 101 ? 3.163   -11.123 7.866   1.00 12.18 ? 101 ILE A CB  1 
ATOM   669  C CG1 . ILE A 1 101 ? 1.970   -10.644 8.716   1.00 11.42 ? 101 ILE A CG1 1 
ATOM   670  C CG2 . ILE A 1 101 ? 4.001   -9.959  7.210   1.00 12.48 ? 101 ILE A CG2 1 
ATOM   671  C CD1 . ILE A 1 101 ? 2.402   -9.885  10.015  1.00 12.56 ? 101 ILE A CD1 1 
ATOM   672  N N   . TYR A 1 102 ? 0.753   -13.538 7.314   1.00 13.44 ? 102 TYR A N   1 
ATOM   673  C CA  . TYR A 1 102 ? 0.015   -14.668 7.895   1.00 14.30 ? 102 TYR A CA  1 
ATOM   674  C C   . TYR A 1 102 ? -0.001  -15.866 6.958   1.00 15.55 ? 102 TYR A C   1 
ATOM   675  O O   . TYR A 1 102 ? -0.582  -16.906 7.294   1.00 15.76 ? 102 TYR A O   1 
ATOM   676  C CB  . TYR A 1 102 ? -1.422  -14.247 8.248   1.00 12.82 ? 102 TYR A CB  1 
ATOM   677  C CG  . TYR A 1 102 ? -1.446  -12.955 9.002   1.00 12.38 ? 102 TYR A CG  1 
ATOM   678  C CD1 . TYR A 1 102 ? -0.873  -12.865 10.277  1.00 12.30 ? 102 TYR A CD1 1 
ATOM   679  C CD2 . TYR A 1 102 ? -1.982  -11.805 8.430   1.00 12.97 ? 102 TYR A CD2 1 
ATOM   680  C CE1 . TYR A 1 102 ? -0.842  -11.656 10.973  1.00 12.60 ? 102 TYR A CE1 1 
ATOM   681  C CE2 . TYR A 1 102 ? -1.979  -10.598 9.127   1.00 10.34 ? 102 TYR A CE2 1 
ATOM   682  C CZ  . TYR A 1 102 ? -1.396  -10.535 10.390  1.00 12.04 ? 102 TYR A CZ  1 
ATOM   683  O OH  . TYR A 1 102 ? -1.383  -9.359  11.067  1.00 11.81 ? 102 TYR A OH  1 
ATOM   684  N N   . GLY A 1 103 ? 0.638   -15.715 5.798   1.00 16.79 ? 103 GLY A N   1 
ATOM   685  C CA  . GLY A 1 103 ? 0.721   -16.790 4.811   1.00 19.21 ? 103 GLY A CA  1 
ATOM   686  C C   . GLY A 1 103 ? -0.564  -16.827 4.015   1.00 21.03 ? 103 GLY A C   1 
ATOM   687  O O   . GLY A 1 103 ? -0.697  -16.078 3.038   1.00 22.95 ? 103 GLY A O   1 
ATOM   688  N N   . LYS A 1 105 ? -3.798  -15.662 2.609   1.00 15.12 ? 105 LYS A N   1 
ATOM   689  C CA  . LYS A 1 105 ? -4.662  -14.486 2.708   1.00 15.06 ? 105 LYS A CA  1 
ATOM   690  C C   . LYS A 1 105 ? -5.309  -14.335 4.085   1.00 14.93 ? 105 LYS A C   1 
ATOM   691  O O   . LYS A 1 105 ? -5.386  -15.286 4.858   1.00 15.75 ? 105 LYS A O   1 
ATOM   692  C CB  . LYS A 1 105 ? -5.733  -14.488 1.622   1.00 16.43 ? 105 LYS A CB  1 
ATOM   693  C CG  . LYS A 1 105 ? -6.993  -15.253 1.945   1.00 20.08 ? 105 LYS A CG  1 
ATOM   694  C CD  . LYS A 1 105 ? -6.812  -16.723 1.730   1.00 26.96 ? 105 LYS A CD  1 
ATOM   695  C CE  . LYS A 1 105 ? -7.995  -17.304 0.952   1.00 27.86 ? 105 LYS A CE  1 
ATOM   696  N NZ  . LYS A 1 105 ? -8.565  -18.413 1.766   1.00 28.75 ? 105 LYS A NZ  1 
ATOM   697  N N   . PHE A 1 106 ? -5.774  -13.135 4.394   1.00 13.61 ? 106 PHE A N   1 
ATOM   698  C CA  . PHE A 1 106 ? -6.430  -12.952 5.666   1.00 13.60 ? 106 PHE A CA  1 
ATOM   699  C C   . PHE A 1 106 ? -7.767  -12.218 5.569   1.00 14.32 ? 106 PHE A C   1 
ATOM   700  O O   . PHE A 1 106 ? -8.080  -11.530 4.569   1.00 13.05 ? 106 PHE A O   1 
ATOM   701  C CB  . PHE A 1 106 ? -5.498  -12.322 6.718   1.00 13.19 ? 106 PHE A CB  1 
ATOM   702  C CG  . PHE A 1 106 ? -5.036  -10.899 6.403   1.00 14.71 ? 106 PHE A CG  1 
ATOM   703  C CD1 . PHE A 1 106 ? -3.962  -10.682 5.543   1.00 12.54 ? 106 PHE A CD1 1 
ATOM   704  C CD2 . PHE A 1 106 ? -5.645  -9.792  7.009   1.00 13.77 ? 106 PHE A CD2 1 
ATOM   705  C CE1 . PHE A 1 106 ? -3.516  -9.367  5.250   1.00 12.59 ? 106 PHE A CE1 1 
ATOM   706  C CE2 . PHE A 1 106 ? -5.204  -8.471  6.739   1.00 13.51 ? 106 PHE A CE2 1 
ATOM   707  C CZ  . PHE A 1 106 ? -4.129  -8.270  5.862   1.00 11.67 ? 106 PHE A CZ  1 
ATOM   708  N N   . ARG A 1 107 ? -8.524  -12.372 6.655   1.00 14.34 ? 107 ARG A N   1 
ATOM   709  C CA  . ARG A 1 107 ? -9.866  -11.833 6.839   1.00 16.60 ? 107 ARG A CA  1 
ATOM   710  C C   . ARG A 1 107 ? -9.944  -10.311 6.758   1.00 15.74 ? 107 ARG A C   1 
ATOM   711  O O   . ARG A 1 107 ? -9.026  -9.618  7.217   1.00 14.48 ? 107 ARG A O   1 
ATOM   712  C CB  . ARG A 1 107 ? -10.257 -12.186 8.275   1.00 16.85 ? 107 ARG A CB  1 
ATOM   713  C CG  . ARG A 1 107 ? -11.661 -12.477 8.523   1.00 24.53 ? 107 ARG A CG  1 
ATOM   714  C CD  . ARG A 1 107 ? -11.820 -12.812 10.002  1.00 29.76 ? 107 ARG A CD  1 
ATOM   715  N NE  . ARG A 1 107 ? -12.524 -11.742 10.709  1.00 36.90 ? 107 ARG A NE  1 
ATOM   716  C CZ  . ARG A 1 107 ? -12.050 -11.055 11.748  1.00 38.28 ? 107 ARG A CZ  1 
ATOM   717  N NH1 . ARG A 1 107 ? -10.845 -11.309 12.264  1.00 38.37 ? 107 ARG A NH1 1 
ATOM   718  N NH2 . ARG A 1 107 ? -12.798 -10.093 12.273  1.00 37.57 ? 107 ARG A NH2 1 
ATOM   719  N N   . ASP A 1 108 ? -11.056 -9.801  6.220   1.00 15.03 ? 108 ASP A N   1 
ATOM   720  C CA  . ASP A 1 108 ? -11.435 -8.402  6.470   1.00 15.50 ? 108 ASP A CA  1 
ATOM   721  C C   . ASP A 1 108 ? -11.743 -8.266  7.964   1.00 16.24 ? 108 ASP A C   1 
ATOM   722  O O   . ASP A 1 108 ? -12.785 -8.746  8.437   1.00 16.28 ? 108 ASP A O   1 
ATOM   723  C CB  . ASP A 1 108 ? -12.662 -8.002  5.634   1.00 15.30 ? 108 ASP A CB  1 
ATOM   724  C CG  . ASP A 1 108 ? -12.424 -8.146  4.125   1.00 15.06 ? 108 ASP A CG  1 
ATOM   725  O OD1 . ASP A 1 108 ? -11.361 -7.694  3.643   1.00 12.93 ? 108 ASP A OD1 1 
ATOM   726  O OD2 . ASP A 1 108 ? -13.305 -8.687  3.422   1.00 14.94 ? 108 ASP A OD2 1 
ATOM   727  N N   . GLU A 1 109 ? -10.844 -7.622  8.713   1.00 16.27 ? 109 GLU A N   1 
ATOM   728  C CA  . GLU A 1 109 ? -10.983 -7.627  10.172  1.00 16.63 ? 109 GLU A CA  1 
ATOM   729  C C   . GLU A 1 109 ? -12.123 -6.716  10.666  1.00 16.87 ? 109 GLU A C   1 
ATOM   730  O O   . GLU A 1 109 ? -12.747 -7.027  11.681  1.00 18.28 ? 109 GLU A O   1 
ATOM   731  C CB  . GLU A 1 109 ? -9.660  -7.329  10.885  1.00 16.65 ? 109 GLU A CB  1 
ATOM   732  C CG  . GLU A 1 109 ? -9.281  -5.882  10.930  1.00 14.40 ? 109 GLU A CG  1 
ATOM   733  C CD  . GLU A 1 109 ? -7.892  -5.667  11.494  1.00 15.04 ? 109 GLU A CD  1 
ATOM   734  O OE1 . GLU A 1 109 ? -7.676  -5.879  12.691  1.00 12.66 ? 109 GLU A OE1 1 
ATOM   735  O OE2 . GLU A 1 109 ? -7.018  -5.273  10.721  1.00 14.04 ? 109 GLU A OE2 1 
ATOM   736  N N   . ASN A 1 110 ? -12.358 -5.610  9.956   1.00 17.26 ? 110 ASN A N   1 
ATOM   737  C CA  . ASN A 1 110 ? -13.474 -4.666  10.202  1.00 17.93 ? 110 ASN A CA  1 
ATOM   738  C C   . ASN A 1 110 ? -13.569 -3.651  9.054   1.00 17.82 ? 110 ASN A C   1 
ATOM   739  O O   . ASN A 1 110 ? -12.712 -3.649  8.163   1.00 17.91 ? 110 ASN A O   1 
ATOM   740  C CB  . ASN A 1 110 ? -13.356 -3.954  11.572  1.00 17.51 ? 110 ASN A CB  1 
ATOM   741  C CG  . ASN A 1 110 ? -12.169 -2.994  11.655  1.00 17.75 ? 110 ASN A CG  1 
ATOM   742  O OD1 . ASN A 1 110 ? -12.012 -2.071  10.835  1.00 17.57 ? 110 ASN A OD1 1 
ATOM   743  N ND2 . ASN A 1 110 ? -11.339 -3.191  12.666  1.00 18.18 ? 110 ASN A ND2 1 
ATOM   744  N N   . PHE A 1 111 ? -14.606 -2.812  9.069   1.00 17.72 ? 111 PHE A N   1 
ATOM   745  C CA  . PHE A 1 111 ? -14.722 -1.687  8.144   1.00 18.22 ? 111 PHE A CA  1 
ATOM   746  C C   . PHE A 1 111 ? -14.986 -0.383  8.912   1.00 18.86 ? 111 PHE A C   1 
ATOM   747  O O   . PHE A 1 111 ? -15.811 0.435   8.524   1.00 18.47 ? 111 PHE A O   1 
ATOM   748  C CB  . PHE A 1 111 ? -15.774 -1.961  7.055   1.00 18.50 ? 111 PHE A CB  1 
ATOM   749  C CG  . PHE A 1 111 ? -15.456 -3.156  6.198   1.00 17.83 ? 111 PHE A CG  1 
ATOM   750  C CD1 . PHE A 1 111 ? -14.441 -3.089  5.245   1.00 17.27 ? 111 PHE A CD1 1 
ATOM   751  C CD2 . PHE A 1 111 ? -16.169 -4.353  6.345   1.00 18.41 ? 111 PHE A CD2 1 
ATOM   752  C CE1 . PHE A 1 111 ? -14.133 -4.204  4.454   1.00 17.27 ? 111 PHE A CE1 1 
ATOM   753  C CE2 . PHE A 1 111 ? -15.869 -5.470  5.562   1.00 17.70 ? 111 PHE A CE2 1 
ATOM   754  C CZ  . PHE A 1 111 ? -14.845 -5.386  4.609   1.00 17.97 ? 111 PHE A CZ  1 
ATOM   755  N N   . VAL A 1 112 ? -14.230 -0.198  9.993   1.00 19.66 ? 112 VAL A N   1 
ATOM   756  C CA  . VAL A 1 112 ? -14.367 0.947   10.887  1.00 20.48 ? 112 VAL A CA  1 
ATOM   757  C C   . VAL A 1 112 ? -14.138 2.247   10.112  1.00 21.11 ? 112 VAL A C   1 
ATOM   758  O O   . VAL A 1 112 ? -14.884 3.221   10.279  1.00 21.63 ? 112 VAL A O   1 
ATOM   759  C CB  . VAL A 1 112 ? -13.386 0.820   12.098  1.00 20.32 ? 112 VAL A CB  1 
ATOM   760  C CG1 . VAL A 1 112 ? -13.150 2.167   12.792  1.00 22.00 ? 112 VAL A CG1 1 
ATOM   761  C CG2 . VAL A 1 112 ? -13.920 -0.210  13.092  1.00 21.54 ? 112 VAL A CG2 1 
ATOM   762  N N   . TYR A 1 113 ? -13.115 2.259   9.259   1.00 20.31 ? 113 TYR A N   1 
ATOM   763  C CA  . TYR A 1 113 ? -12.814 3.467   8.488   1.00 21.20 ? 113 TYR A CA  1 
ATOM   764  C C   . TYR A 1 113 ? -13.349 3.419   7.074   1.00 20.35 ? 113 TYR A C   1 
ATOM   765  O O   . TYR A 1 113 ? -13.391 2.356   6.458   1.00 20.22 ? 113 TYR A O   1 
ATOM   766  C CB  . TYR A 1 113 ? -11.319 3.742   8.475   1.00 21.25 ? 113 TYR A CB  1 
ATOM   767  C CG  . TYR A 1 113 ? -10.773 4.070   9.830   1.00 23.25 ? 113 TYR A CG  1 
ATOM   768  C CD1 . TYR A 1 113 ? -11.156 5.245   10.482  1.00 25.67 ? 113 TYR A CD1 1 
ATOM   769  C CD2 . TYR A 1 113 ? -9.879  3.220   10.462  1.00 20.69 ? 113 TYR A CD2 1 
ATOM   770  C CE1 . TYR A 1 113 ? -10.661 5.553   11.739  1.00 27.48 ? 113 TYR A CE1 1 
ATOM   771  C CE2 . TYR A 1 113 ? -9.378  3.517   11.723  1.00 23.31 ? 113 TYR A CE2 1 
ATOM   772  C CZ  . TYR A 1 113 ? -9.778  4.686   12.353  1.00 25.03 ? 113 TYR A CZ  1 
ATOM   773  O OH  . TYR A 1 113 ? -9.285  5.010   13.595  1.00 25.84 ? 113 TYR A OH  1 
ATOM   774  N N   . THR A 1 114 ? -13.772 4.582   6.578   1.00 20.00 ? 114 THR A N   1 
ATOM   775  C CA  . THR A 1 114 ? -14.246 4.717   5.200   1.00 19.79 ? 114 THR A CA  1 
ATOM   776  C C   . THR A 1 114 ? -13.242 5.468   4.329   1.00 19.32 ? 114 THR A C   1 
ATOM   777  O O   . THR A 1 114 ? -12.311 6.127   4.834   1.00 19.32 ? 114 THR A O   1 
ATOM   778  C CB  . THR A 1 114 ? -15.645 5.434   5.118   1.00 19.58 ? 114 THR A CB  1 
ATOM   779  O OG1 . THR A 1 114 ? -15.555 6.756   5.680   1.00 20.07 ? 114 THR A OG1 1 
ATOM   780  C CG2 . THR A 1 114 ? -16.707 4.626   5.844   1.00 22.52 ? 114 THR A CG2 1 
ATOM   781  N N   . HIS A 1 115 ? -13.436 5.373   3.024   1.00 18.08 ? 115 HIS A N   1 
ATOM   782  C CA  . HIS A 1 115 ? -12.560 6.029   2.069   1.00 18.41 ? 115 HIS A CA  1 
ATOM   783  C C   . HIS A 1 115 ? -13.023 7.484   1.850   1.00 18.70 ? 115 HIS A C   1 
ATOM   784  O O   . HIS A 1 115 ? -13.394 7.884   0.741   1.00 19.06 ? 115 HIS A O   1 
ATOM   785  C CB  . HIS A 1 115 ? -12.549 5.245   0.742   1.00 17.21 ? 115 HIS A CB  1 
ATOM   786  C CG  . HIS A 1 115 ? -12.184 3.799   0.881   1.00 14.79 ? 115 HIS A CG  1 
ATOM   787  N ND1 . HIS A 1 115 ? -13.064 2.845   1.355   1.00 14.05 ? 115 HIS A ND1 1 
ATOM   788  C CD2 . HIS A 1 115 ? -11.044 3.133   0.562   1.00 13.41 ? 115 HIS A CD2 1 
ATOM   789  C CE1 . HIS A 1 115 ? -12.482 1.657   1.333   1.00 12.23 ? 115 HIS A CE1 1 
ATOM   790  N NE2 . HIS A 1 115 ? -11.250 1.803   0.863   1.00 11.28 ? 115 HIS A NE2 1 
ATOM   791  N N   . ASP A 1 116 ? -13.007 8.281   2.909   1.00 19.66 ? 116 ASP A N   1 
ATOM   792  C CA  . ASP A 1 116 ? -13.664 9.589   2.833   1.00 20.64 ? 116 ASP A CA  1 
ATOM   793  C C   . ASP A 1 116 ? -12.764 10.753  2.411   1.00 20.67 ? 116 ASP A C   1 
ATOM   794  O O   . ASP A 1 116 ? -13.238 11.871  2.211   1.00 20.16 ? 116 ASP A O   1 
ATOM   795  C CB  . ASP A 1 116 ? -14.459 9.896   4.115   1.00 21.94 ? 116 ASP A CB  1 
ATOM   796  C CG  . ASP A 1 116 ? -13.585 10.050  5.341   1.00 24.65 ? 116 ASP A CG  1 
ATOM   797  O OD1 . ASP A 1 116 ? -12.335 10.028  5.230   1.00 25.01 ? 116 ASP A OD1 1 
ATOM   798  O OD2 . ASP A 1 116 ? -14.178 10.183  6.438   1.00 28.91 ? 116 ASP A OD2 1 
ATOM   799  N N   . ALA A 1 117 ? -11.472 10.475  2.241   1.00 19.51 ? 117 ALA A N   1 
ATOM   800  C CA  . ALA A 1 117 ? -10.499 11.511  1.910   1.00 18.85 ? 117 ALA A CA  1 
ATOM   801  C C   . ALA A 1 117 ? -9.389  10.922  1.041   1.00 18.38 ? 117 ALA A C   1 
ATOM   802  O O   . ALA A 1 117 ? -9.159  9.700   1.058   1.00 18.97 ? 117 ALA A O   1 
ATOM   803  C CB  . ALA A 1 117 ? -9.901  12.096  3.195   1.00 18.58 ? 117 ALA A CB  1 
ATOM   804  N N   . PRO A 1 118 ? -8.666  11.792  0.308   1.00 17.94 ? 118 PRO A N   1 
ATOM   805  C CA  . PRO A 1 118 ? -7.490  11.337  -0.419  1.00 17.06 ? 118 PRO A CA  1 
ATOM   806  C C   . PRO A 1 118 ? -6.388  10.959  0.569   1.00 15.86 ? 118 PRO A C   1 
ATOM   807  O O   . PRO A 1 118 ? -6.423  11.389  1.739   1.00 14.29 ? 118 PRO A O   1 
ATOM   808  C CB  . PRO A 1 118 ? -7.060  12.566  -1.234  1.00 16.86 ? 118 PRO A CB  1 
ATOM   809  C CG  . PRO A 1 118 ? -7.636  13.725  -0.540  1.00 19.06 ? 118 PRO A CG  1 
ATOM   810  C CD  . PRO A 1 118 ? -8.882  13.247  0.185   1.00 18.09 ? 118 PRO A CD  1 
ATOM   811  N N   . PHE A 1 119 ? -5.442  10.149  0.083   1.00 15.49 ? 119 PHE A N   1 
ATOM   812  C CA  . PHE A 1 119 ? -4.214  9.758   0.796   1.00 15.44 ? 119 PHE A CA  1 
ATOM   813  C C   . PHE A 1 119 ? -4.455  8.739   1.905   1.00 14.95 ? 119 PHE A C   1 
ATOM   814  O O   . PHE A 1 119 ? -3.658  8.628   2.848   1.00 15.29 ? 119 PHE A O   1 
ATOM   815  C CB  . PHE A 1 119 ? -3.418  10.991  1.293   1.00 16.14 ? 119 PHE A CB  1 
ATOM   816  C CG  . PHE A 1 119 ? -3.169  12.007  0.208   1.00 16.13 ? 119 PHE A CG  1 
ATOM   817  C CD1 . PHE A 1 119 ? -2.429  11.658  -0.921  1.00 16.27 ? 119 PHE A CD1 1 
ATOM   818  C CD2 . PHE A 1 119 ? -3.719  13.304  0.296   1.00 18.05 ? 119 PHE A CD2 1 
ATOM   819  C CE1 . PHE A 1 119 ? -2.204  12.588  -1.953  1.00 18.35 ? 119 PHE A CE1 1 
ATOM   820  C CE2 . PHE A 1 119 ? -3.518  14.238  -0.718  1.00 18.51 ? 119 PHE A CE2 1 
ATOM   821  C CZ  . PHE A 1 119 ? -2.754  13.887  -1.851  1.00 18.44 ? 119 PHE A CZ  1 
ATOM   822  N N   . LEU A 1 120 ? -5.554  8.000   1.791   1.00 14.22 ? 120 LEU A N   1 
ATOM   823  C CA  . LEU A 1 120 ? -5.811  6.880   2.698   1.00 13.64 ? 120 LEU A CA  1 
ATOM   824  C C   . LEU A 1 120 ? -5.184  5.595   2.134   1.00 13.79 ? 120 LEU A C   1 
ATOM   825  O O   . LEU A 1 120 ? -5.151  5.401   0.915   1.00 13.66 ? 120 LEU A O   1 
ATOM   826  C CB  . LEU A 1 120 ? -7.317  6.683   2.957   1.00 14.44 ? 120 LEU A CB  1 
ATOM   827  C CG  . LEU A 1 120 ? -8.051  7.807   3.726   1.00 13.92 ? 120 LEU A CG  1 
ATOM   828  C CD1 . LEU A 1 120 ? -9.542  7.637   3.594   1.00 13.79 ? 120 LEU A CD1 1 
ATOM   829  C CD2 . LEU A 1 120 ? -7.628  7.784   5.217   1.00 15.67 ? 120 LEU A CD2 1 
ATOM   830  N N   . LEU A 1 121 ? -4.688  4.752   3.039   1.00 12.41 ? 121 LEU A N   1 
ATOM   831  C CA  . LEU A 1 121 ? -4.200  3.408   2.731   1.00 12.24 ? 121 LEU A CA  1 
ATOM   832  C C   . LEU A 1 121 ? -5.346  2.423   2.914   1.00 12.44 ? 121 LEU A C   1 
ATOM   833  O O   . LEU A 1 121 ? -6.012  2.407   3.963   1.00 11.82 ? 121 LEU A O   1 
ATOM   834  C CB  . LEU A 1 121 ? -3.049  2.991   3.672   1.00 12.52 ? 121 LEU A CB  1 
ATOM   835  C CG  . LEU A 1 121 ? -1.622  3.424   3.322   1.00 15.03 ? 121 LEU A CG  1 
ATOM   836  C CD1 . LEU A 1 121 ? -0.699  3.355   4.555   1.00 14.46 ? 121 LEU A CD1 1 
ATOM   837  C CD2 . LEU A 1 121 ? -1.046  2.588   2.123   1.00 16.08 ? 121 LEU A CD2 1 
ATOM   838  N N   . SER A 1 122 ? -5.558  1.602   1.895   1.00 12.08 ? 122 SER A N   1 
ATOM   839  C CA  . SER A 1 122 ? -6.589  0.586   1.926   1.00 12.54 ? 122 SER A CA  1 
ATOM   840  C C   . SER A 1 122 ? -6.083  -0.692  1.244   1.00 12.26 ? 122 SER A C   1 
ATOM   841  O O   . SER A 1 122 ? -5.152  -0.647  0.430   1.00 11.69 ? 122 SER A O   1 
ATOM   842  C CB  . SER A 1 122 ? -7.889  1.136   1.288   1.00 12.15 ? 122 SER A CB  1 
ATOM   843  O OG  . SER A 1 122 ? -8.961  0.202   1.384   1.00 14.21 ? 122 SER A OG  1 
ATOM   844  N N   . MET A 1 123 ? -6.675  -1.826  1.601   1.00 11.56 ? 123 MET A N   1 
ATOM   845  C CA  . MET A 1 123 ? -6.287  -3.105  1.019   1.00 11.96 ? 123 MET A CA  1 
ATOM   846  C C   . MET A 1 123 ? -6.970  -3.381  -0.309  1.00 11.83 ? 123 MET A C   1 
ATOM   847  O O   . MET A 1 123 ? -8.198  -3.328  -0.397  1.00 11.94 ? 123 MET A O   1 
ATOM   848  C CB  . MET A 1 123 ? -6.542  -4.271  1.986   1.00 12.46 ? 123 MET A CB  1 
ATOM   849  C CG  . MET A 1 123 ? -5.650  -4.238  3.268   1.00 11.86 ? 123 MET A CG  1 
ATOM   850  S SD  . MET A 1 123 ? -3.873  -4.286  2.916   1.00 12.60 ? 123 MET A SD  1 
ATOM   851  C CE  . MET A 1 123 ? -3.644  -5.959  2.377   1.00 13.93 ? 123 MET A CE  1 
ATOM   852  N N   . ALA A 1 124 ? -6.164  -3.681  -1.332  1.00 12.00 ? 124 ALA A N   1 
ATOM   853  C CA  . ALA A 1 124 ? -6.657  -4.269  -2.558  1.00 11.91 ? 124 ALA A CA  1 
ATOM   854  C C   . ALA A 1 124 ? -7.096  -5.687  -2.190  1.00 12.34 ? 124 ALA A C   1 
ATOM   855  O O   . ALA A 1 124 ? -6.565  -6.310  -1.258  1.00 11.80 ? 124 ALA A O   1 
ATOM   856  C CB  . ALA A 1 124 ? -5.571  -4.321  -3.637  1.00 12.92 ? 124 ALA A CB  1 
ATOM   857  N N   . ASN A 1 125 ? -8.059  -6.203  -2.931  1.00 13.81 ? 125 ASN A N   1 
ATOM   858  C CA  . ASN A 1 125 ? -8.451  -7.588  -2.749  1.00 13.79 ? 125 ASN A CA  1 
ATOM   859  C C   . ASN A 1 125 ? -9.190  -8.167  -3.959  1.00 14.83 ? 125 ASN A C   1 
ATOM   860  O O   . ASN A 1 125 ? -9.430  -7.474  -4.946  1.00 13.83 ? 125 ASN A O   1 
ATOM   861  C CB  . ASN A 1 125 ? -9.261  -7.730  -1.446  1.00 14.48 ? 125 ASN A CB  1 
ATOM   862  C CG  . ASN A 1 125 ? -10.608 -7.032  -1.497  1.00 14.69 ? 125 ASN A CG  1 
ATOM   863  O OD1 . ASN A 1 125 ? -11.411 -7.264  -2.402  1.00 16.13 ? 125 ASN A OD1 1 
ATOM   864  N ND2 . ASN A 1 125 ? -10.882 -6.200  -0.493  1.00 13.87 ? 125 ASN A ND2 1 
ATOM   865  N N   . ALA A 1 126 ? -9.530  -9.442  -3.865  1.00 14.59 ? 126 ALA A N   1 
ATOM   866  C CA  . ALA A 1 126 ? -10.265 -10.174 -4.905  1.00 16.11 ? 126 ALA A CA  1 
ATOM   867  C C   . ALA A 1 126 ? -11.560 -10.727 -4.296  1.00 16.01 ? 126 ALA A C   1 
ATOM   868  O O   . ALA A 1 126 ? -11.974 -11.851 -4.582  1.00 17.40 ? 126 ALA A O   1 
ATOM   869  C CB  . ALA A 1 126 ? -9.403  -11.290 -5.416  1.00 16.15 ? 126 ALA A CB  1 
ATOM   870  N N   . GLY A 1 127 ? -12.195 -9.925  -3.459  1.00 15.27 ? 127 GLY A N   1 
ATOM   871  C CA  . GLY A 1 127 ? -13.449 -10.313 -2.810  1.00 15.31 ? 127 GLY A CA  1 
ATOM   872  C C   . GLY A 1 127 ? -13.262 -10.489 -1.309  1.00 15.24 ? 127 GLY A C   1 
ATOM   873  O O   . GLY A 1 127 ? -12.153 -10.268 -0.789  1.00 14.85 ? 127 GLY A O   1 
ATOM   874  N N   . PRO A 1 128 ? -14.334 -10.904 -0.607  1.00 15.31 ? 128 PRO A N   1 
ATOM   875  C CA  . PRO A 1 128 ? -14.366 -11.012 0.860   1.00 15.36 ? 128 PRO A CA  1 
ATOM   876  C C   . PRO A 1 128 ? -13.215 -11.832 1.453   1.00 14.43 ? 128 PRO A C   1 
ATOM   877  O O   . PRO A 1 128 ? -12.986 -12.959 1.020   1.00 13.84 ? 128 PRO A O   1 
ATOM   878  C CB  . PRO A 1 128 ? -15.730 -11.675 1.123   1.00 15.77 ? 128 PRO A CB  1 
ATOM   879  C CG  . PRO A 1 128 ? -16.570 -11.187 -0.030  1.00 15.63 ? 128 PRO A CG  1 
ATOM   880  C CD  . PRO A 1 128 ? -15.635 -11.280 -1.204  1.00 15.76 ? 128 PRO A CD  1 
ATOM   881  N N   . ASN A 1 129 ? -12.486 -11.259 2.409   1.00 14.60 ? 129 ASN A N   1 
ATOM   882  C CA  . ASN A 1 129 ? -11.473 -12.030 3.153   1.00 14.49 ? 129 ASN A CA  1 
ATOM   883  C C   . ASN A 1 129 ? -10.309 -12.574 2.290   1.00 14.34 ? 129 ASN A C   1 
ATOM   884  O O   . ASN A 1 129 ? -9.873  -13.742 2.430   1.00 13.74 ? 129 ASN A O   1 
ATOM   885  C CB  . ASN A 1 129 ? -12.180 -13.186 3.875   1.00 15.11 ? 129 ASN A CB  1 
ATOM   886  C CG  . ASN A 1 129 ? -13.315 -12.698 4.765   1.00 15.95 ? 129 ASN A CG  1 
ATOM   887  O OD1 . ASN A 1 129 ? -13.187 -11.678 5.431   1.00 13.05 ? 129 ASN A OD1 1 
ATOM   888  N ND2 . ASN A 1 129 ? -14.435 -13.425 4.774   1.00 14.09 ? 129 ASN A ND2 1 
ATOM   889  N N   . THR A 1 130 ? -9.832  -11.740 1.369   1.00 14.12 ? 130 THR A N   1 
ATOM   890  C CA  . THR A 1 130 ? -8.708  -12.125 0.478   1.00 14.82 ? 130 THR A CA  1 
ATOM   891  C C   . THR A 1 130 ? -7.535  -11.130 0.557   1.00 13.99 ? 130 THR A C   1 
ATOM   892  O O   . THR A 1 130 ? -6.806  -10.944 -0.416  1.00 13.83 ? 130 THR A O   1 
ATOM   893  C CB  . THR A 1 130 ? -9.172  -12.287 -1.007  1.00 15.05 ? 130 THR A CB  1 
ATOM   894  O OG1 . THR A 1 130 ? -9.721  -11.045 -1.480  1.00 15.30 ? 130 THR A OG1 1 
ATOM   895  C CG2 . THR A 1 130 ? -10.210 -13.417 -1.131  1.00 15.97 ? 130 THR A CG2 1 
ATOM   896  N N   . ASN A 1 131 ? -7.353  -10.493 1.712   1.00 13.01 ? 131 ASN A N   1 
ATOM   897  C CA  . ASN A 1 131 ? -6.226  -9.580  1.906   1.00 13.18 ? 131 ASN A CA  1 
ATOM   898  C C   . ASN A 1 131 ? -4.887  -10.310 1.807   1.00 13.39 ? 131 ASN A C   1 
ATOM   899  O O   . ASN A 1 131 ? -4.722  -11.392 2.373   1.00 13.14 ? 131 ASN A O   1 
ATOM   900  C CB  . ASN A 1 131 ? -6.361  -8.835  3.220   1.00 13.21 ? 131 ASN A CB  1 
ATOM   901  C CG  . ASN A 1 131 ? -7.648  -8.064  3.300   1.00 12.53 ? 131 ASN A CG  1 
ATOM   902  O OD1 . ASN A 1 131 ? -7.802  -7.043  2.628   1.00 14.46 ? 131 ASN A OD1 1 
ATOM   903  N ND2 . ASN A 1 131 ? -8.580  -8.534  4.127   1.00 10.99 ? 131 ASN A ND2 1 
ATOM   904  N N   . GLY A 1 132 ? -3.955  -9.721  1.065   1.00 13.43 ? 132 GLY A N   1 
ATOM   905  C CA  . GLY A 1 132 ? -2.650  -10.312 0.839   1.00 12.35 ? 132 GLY A CA  1 
ATOM   906  C C   . GLY A 1 132 ? -1.637  -9.263  1.271   1.00 12.57 ? 132 GLY A C   1 
ATOM   907  O O   . GLY A 1 132 ? -1.506  -8.954  2.468   1.00 11.68 ? 132 GLY A O   1 
ATOM   908  N N   . SER A 1 133 ? -0.947  -8.712  0.281   1.00 11.54 ? 133 SER A N   1 
ATOM   909  C CA  . SER A 1 133 ? -0.020  -7.610  0.501   1.00 11.77 ? 133 SER A CA  1 
ATOM   910  C C   . SER A 1 133 ? -0.320  -6.420  -0.386  1.00 11.30 ? 133 SER A C   1 
ATOM   911  O O   . SER A 1 133 ? 0.211   -5.320  -0.155  1.00 11.45 ? 133 SER A O   1 
ATOM   912  C CB  . SER A 1 133 ? 1.428   -8.057  0.253   1.00 11.58 ? 133 SER A CB  1 
ATOM   913  O OG  . SER A 1 133 ? 1.558   -8.614  -1.043  1.00 12.60 ? 133 SER A OG  1 
ATOM   914  N N   . GLN A 1 134 ? -1.115  -6.629  -1.428  1.00 10.76 ? 134 GLN A N   1 
ATOM   915  C CA  . GLN A 1 134 ? -1.458  -5.514  -2.303  1.00 11.65 ? 134 GLN A CA  1 
ATOM   916  C C   . GLN A 1 134 ? -2.297  -4.457  -1.574  1.00 11.39 ? 134 GLN A C   1 
ATOM   917  O O   . GLN A 1 134 ? -3.222  -4.755  -0.809  1.00 11.82 ? 134 GLN A O   1 
ATOM   918  C CB  . GLN A 1 134 ? -2.141  -5.990  -3.582  1.00 11.27 ? 134 GLN A CB  1 
ATOM   919  C CG  . GLN A 1 134 ? -1.244  -6.784  -4.562  1.00 12.56 ? 134 GLN A CG  1 
ATOM   920  C CD  . GLN A 1 134 ? -1.950  -6.969  -5.882  1.00 15.73 ? 134 GLN A CD  1 
ATOM   921  O OE1 . GLN A 1 134 ? -2.365  -5.990  -6.499  1.00 15.39 ? 134 GLN A OE1 1 
ATOM   922  N NE2 . GLN A 1 134 ? -2.097  -8.223  -6.327  1.00 16.81 ? 134 GLN A NE2 1 
ATOM   923  N N   . PHE A 1 135 ? -1.947  -3.204  -1.812  1.00 11.97 ? 135 PHE A N   1 
ATOM   924  C CA  . PHE A 1 135 ? -2.592  -2.079  -1.144  1.00 11.89 ? 135 PHE A CA  1 
ATOM   925  C C   . PHE A 1 135 ? -2.744  -0.960  -2.163  1.00 12.30 ? 135 PHE A C   1 
ATOM   926  O O   . PHE A 1 135 ? -2.144  -0.993  -3.244  1.00 12.45 ? 135 PHE A O   1 
ATOM   927  C CB  . PHE A 1 135 ? -1.719  -1.586  0.018   1.00 11.41 ? 135 PHE A CB  1 
ATOM   928  C CG  . PHE A 1 135 ? -0.396  -0.987  -0.436  1.00 11.53 ? 135 PHE A CG  1 
ATOM   929  C CD1 . PHE A 1 135 ? -0.274  0.393   -0.638  1.00 12.60 ? 135 PHE A CD1 1 
ATOM   930  C CD2 . PHE A 1 135 ? 0.705   -1.813  -0.706  1.00 13.04 ? 135 PHE A CD2 1 
ATOM   931  C CE1 . PHE A 1 135 ? 0.931   0.931   -1.111  1.00 11.41 ? 135 PHE A CE1 1 
ATOM   932  C CE2 . PHE A 1 135 ? 1.922   -1.293  -1.134  1.00 12.64 ? 135 PHE A CE2 1 
ATOM   933  C CZ  . PHE A 1 135 ? 2.042   0.074   -1.345  1.00 11.33 ? 135 PHE A CZ  1 
ATOM   934  N N   . PHE A 1 136 ? -3.544  0.033   -1.808  1.00 12.47 ? 136 PHE A N   1 
ATOM   935  C CA  . PHE A 1 136 ? -3.593  1.272   -2.587  1.00 11.73 ? 136 PHE A CA  1 
ATOM   936  C C   . PHE A 1 136 ? -3.627  2.506   -1.677  1.00 11.66 ? 136 PHE A C   1 
ATOM   937  O O   . PHE A 1 136 ? -4.000  2.424   -0.485  1.00 11.78 ? 136 PHE A O   1 
ATOM   938  C CB  . PHE A 1 136 ? -4.758  1.250   -3.608  1.00 11.37 ? 136 PHE A CB  1 
ATOM   939  C CG  . PHE A 1 136 ? -6.130  1.061   -2.995  1.00 12.43 ? 136 PHE A CG  1 
ATOM   940  C CD1 . PHE A 1 136 ? -6.969  2.162   -2.795  1.00 11.92 ? 136 PHE A CD1 1 
ATOM   941  C CD2 . PHE A 1 136 ? -6.595  -0.235  -2.627  1.00 12.49 ? 136 PHE A CD2 1 
ATOM   942  C CE1 . PHE A 1 136 ? -8.257  2.011   -2.234  1.00 10.30 ? 136 PHE A CE1 1 
ATOM   943  C CE2 . PHE A 1 136 ? -7.869  -0.400  -2.045  1.00 11.72 ? 136 PHE A CE2 1 
ATOM   944  C CZ  . PHE A 1 136 ? -8.702  0.726   -1.848  1.00 11.36 ? 136 PHE A CZ  1 
ATOM   945  N N   . ILE A 1 137 ? -3.174  3.632   -2.235  1.00 12.27 ? 137 ILE A N   1 
ATOM   946  C CA  . ILE A 1 137 ? -3.267  4.948   -1.613  1.00 11.69 ? 137 ILE A CA  1 
ATOM   947  C C   . ILE A 1 137 ? -4.235  5.728   -2.511  1.00 13.07 ? 137 ILE A C   1 
ATOM   948  O O   . ILE A 1 137 ? -3.990  5.872   -3.719  1.00 12.21 ? 137 ILE A O   1 
ATOM   949  C CB  . ILE A 1 137 ? -1.884  5.666   -1.513  1.00 12.79 ? 137 ILE A CB  1 
ATOM   950  C CG1 . ILE A 1 137 ? -0.930  4.839   -0.632  1.00 11.55 ? 137 ILE A CG1 1 
ATOM   951  C CG2 . ILE A 1 137 ? -2.049  7.105   -0.979  1.00 12.16 ? 137 ILE A CG2 1 
ATOM   952  C CD1 . ILE A 1 137 ? 0.591   5.225   -0.698  1.00 11.62 ? 137 ILE A CD1 1 
ATOM   953  N N   . THR A 1 138 ? -5.346  6.175   -1.913  1.00 13.19 ? 138 THR A N   1 
ATOM   954  C CA  . THR A 1 138 ? -6.397  6.894   -2.644  1.00 14.38 ? 138 THR A CA  1 
ATOM   955  C C   . THR A 1 138 ? -5.863  8.291   -2.973  1.00 14.05 ? 138 THR A C   1 
ATOM   956  O O   . THR A 1 138 ? -5.001  8.825   -2.267  1.00 14.39 ? 138 THR A O   1 
ATOM   957  C CB  . THR A 1 138 ? -7.721  7.027   -1.817  1.00 14.35 ? 138 THR A CB  1 
ATOM   958  O OG1 . THR A 1 138 ? -7.483  7.807   -0.647  1.00 13.83 ? 138 THR A OG1 1 
ATOM   959  C CG2 . THR A 1 138 ? -8.313  5.642   -1.417  1.00 16.06 ? 138 THR A CG2 1 
ATOM   960  N N   . THR A 1 139 ? -6.340  8.861   -4.072  1.00 14.96 ? 139 THR A N   1 
ATOM   961  C CA  . THR A 1 139 ? -6.017  10.243  -4.406  1.00 14.97 ? 139 THR A CA  1 
ATOM   962  C C   . THR A 1 139 ? -7.293  11.098  -4.463  1.00 15.76 ? 139 THR A C   1 
ATOM   963  O O   . THR A 1 139 ? -7.241  12.308  -4.709  1.00 15.55 ? 139 THR A O   1 
ATOM   964  C CB  . THR A 1 139 ? -5.217  10.337  -5.731  1.00 15.05 ? 139 THR A CB  1 
ATOM   965  O OG1 . THR A 1 139 ? -5.996  9.789   -6.806  1.00 16.44 ? 139 THR A OG1 1 
ATOM   966  C CG2 . THR A 1 139 ? -3.856  9.578   -5.619  1.00 15.93 ? 139 THR A CG2 1 
ATOM   967  N N   . VAL A 1 140 ? -8.434  10.451  -4.216  1.00 14.88 ? 140 VAL A N   1 
ATOM   968  C CA  . VAL A 1 140 ? -9.742  11.095  -4.124  1.00 15.79 ? 140 VAL A CA  1 
ATOM   969  C C   . VAL A 1 140 ? -10.551 10.324  -3.070  1.00 15.91 ? 140 VAL A C   1 
ATOM   970  O O   . VAL A 1 140 ? -10.195 9.187   -2.732  1.00 16.04 ? 140 VAL A O   1 
ATOM   971  C CB  . VAL A 1 140 ? -10.544 11.046  -5.486  1.00 16.01 ? 140 VAL A CB  1 
ATOM   972  C CG1 . VAL A 1 140 ? -9.877  11.888  -6.576  1.00 15.15 ? 140 VAL A CG1 1 
ATOM   973  C CG2 . VAL A 1 140 ? -10.770 9.582   -5.972  1.00 15.46 ? 140 VAL A CG2 1 
ATOM   974  N N   . PRO A 1 141 ? -11.641 10.922  -2.546  1.00 15.90 ? 141 PRO A N   1 
ATOM   975  C CA  . PRO A 1 141 ? -12.525 10.054  -1.748  1.00 16.36 ? 141 PRO A CA  1 
ATOM   976  C C   . PRO A 1 141 ? -13.073 8.905   -2.611  1.00 16.34 ? 141 PRO A C   1 
ATOM   977  O O   . PRO A 1 141 ? -13.435 9.126   -3.767  1.00 15.74 ? 141 PRO A O   1 
ATOM   978  C CB  . PRO A 1 141 ? -13.648 11.006  -1.290  1.00 16.35 ? 141 PRO A CB  1 
ATOM   979  C CG  . PRO A 1 141 ? -13.049 12.380  -1.363  1.00 15.77 ? 141 PRO A CG  1 
ATOM   980  C CD  . PRO A 1 141 ? -12.112 12.320  -2.584  1.00 15.78 ? 141 PRO A CD  1 
ATOM   981  N N   . CYS A 1 142 ? -13.129 7.690   -2.053  1.00 16.60 ? 142 CYS A N   1 
ATOM   982  C CA  . CYS A 1 142 ? -13.604 6.511   -2.776  1.00 16.66 ? 142 CYS A CA  1 
ATOM   983  C C   . CYS A 1 142 ? -14.750 5.766   -2.054  1.00 16.97 ? 142 CYS A C   1 
ATOM   984  O O   . CYS A 1 142 ? -14.602 4.588   -1.713  1.00 16.37 ? 142 CYS A O   1 
ATOM   985  C CB  . CYS A 1 142 ? -12.442 5.550   -3.038  1.00 16.66 ? 142 CYS A CB  1 
ATOM   986  S SG  . CYS A 1 142 ? -11.077 6.196   -4.060  1.00 17.20 ? 142 CYS A SG  1 
ATOM   987  N N   . PRO A 1 143 ? -15.905 6.439   -1.841  1.00 17.06 ? 143 PRO A N   1 
ATOM   988  C CA  . PRO A 1 143 ? -16.991 5.832   -1.045  1.00 17.04 ? 143 PRO A CA  1 
ATOM   989  C C   . PRO A 1 143 ? -17.560 4.543   -1.618  1.00 16.73 ? 143 PRO A C   1 
ATOM   990  O O   . PRO A 1 143 ? -18.102 3.733   -0.868  1.00 16.41 ? 143 PRO A O   1 
ATOM   991  C CB  . PRO A 1 143 ? -18.081 6.935   -1.008  1.00 17.33 ? 143 PRO A CB  1 
ATOM   992  C CG  . PRO A 1 143 ? -17.752 7.864   -2.134  1.00 18.32 ? 143 PRO A CG  1 
ATOM   993  C CD  . PRO A 1 143 ? -16.256 7.804   -2.299  1.00 17.98 ? 143 PRO A CD  1 
ATOM   994  N N   . TRP A 1 144 ? -17.465 4.369   -2.935  1.00 16.36 ? 144 TRP A N   1 
ATOM   995  C CA  . TRP A 1 144 ? -17.876 3.121   -3.579  1.00 17.05 ? 144 TRP A CA  1 
ATOM   996  C C   . TRP A 1 144 ? -17.088 1.886   -3.103  1.00 17.25 ? 144 TRP A C   1 
ATOM   997  O O   . TRP A 1 144 ? -17.492 0.754   -3.377  1.00 17.52 ? 144 TRP A O   1 
ATOM   998  C CB  . TRP A 1 144 ? -17.814 3.246   -5.103  1.00 16.76 ? 144 TRP A CB  1 
ATOM   999  C CG  . TRP A 1 144 ? -16.442 3.535   -5.647  1.00 17.60 ? 144 TRP A CG  1 
ATOM   1000 C CD1 . TRP A 1 144 ? -15.509 2.620   -6.027  1.00 17.41 ? 144 TRP A CD1 1 
ATOM   1001 C CD2 . TRP A 1 144 ? -15.857 4.826   -5.865  1.00 17.06 ? 144 TRP A CD2 1 
ATOM   1002 N NE1 . TRP A 1 144 ? -14.366 3.258   -6.463  1.00 16.24 ? 144 TRP A NE1 1 
ATOM   1003 C CE2 . TRP A 1 144 ? -14.551 4.611   -6.364  1.00 17.61 ? 144 TRP A CE2 1 
ATOM   1004 C CE3 . TRP A 1 144 ? -16.300 6.149   -5.656  1.00 18.02 ? 144 TRP A CE3 1 
ATOM   1005 C CZ2 . TRP A 1 144 ? -13.694 5.657   -6.692  1.00 15.70 ? 144 TRP A CZ2 1 
ATOM   1006 C CZ3 . TRP A 1 144 ? -15.444 7.203   -5.982  1.00 17.57 ? 144 TRP A CZ3 1 
ATOM   1007 C CH2 . TRP A 1 144 ? -14.153 6.948   -6.506  1.00 16.65 ? 144 TRP A CH2 1 
ATOM   1008 N N   . LEU A 1 145 ? -15.972 2.110   -2.402  1.00 16.42 ? 145 LEU A N   1 
ATOM   1009 C CA  . LEU A 1 145 ? -15.129 1.019   -1.861  1.00 15.90 ? 145 LEU A CA  1 
ATOM   1010 C C   . LEU A 1 145 ? -15.440 0.692   -0.398  1.00 16.00 ? 145 LEU A C   1 
ATOM   1011 O O   . LEU A 1 145 ? -14.978 -0.329  0.121   1.00 15.80 ? 145 LEU A O   1 
ATOM   1012 C CB  . LEU A 1 145 ? -13.638 1.366   -1.987  1.00 15.52 ? 145 LEU A CB  1 
ATOM   1013 C CG  . LEU A 1 145 ? -13.111 1.661   -3.396  1.00 15.41 ? 145 LEU A CG  1 
ATOM   1014 C CD1 . LEU A 1 145 ? -11.634 1.972   -3.339  1.00 12.58 ? 145 LEU A CD1 1 
ATOM   1015 C CD2 . LEU A 1 145 ? -13.355 0.476   -4.316  1.00 15.84 ? 145 LEU A CD2 1 
ATOM   1016 N N   . ASP A 1 146 ? -16.218 1.556   0.250   1.00 16.35 ? 146 ASP A N   1 
ATOM   1017 C CA  . ASP A 1 146 ? -16.568 1.393   1.666   1.00 17.41 ? 146 ASP A CA  1 
ATOM   1018 C C   . ASP A 1 146 ? -17.233 0.044   1.902   1.00 16.89 ? 146 ASP A C   1 
ATOM   1019 O O   . ASP A 1 146 ? -18.100 -0.385  1.114   1.00 16.91 ? 146 ASP A O   1 
ATOM   1020 C CB  . ASP A 1 146 ? -17.496 2.513   2.144   1.00 17.56 ? 146 ASP A CB  1 
ATOM   1021 C CG  . ASP A 1 146 ? -16.819 3.874   2.143   1.00 18.22 ? 146 ASP A CG  1 
ATOM   1022 O OD1 . ASP A 1 146 ? -15.573 3.956   1.996   1.00 16.98 ? 146 ASP A OD1 1 
ATOM   1023 O OD2 . ASP A 1 146 ? -17.540 4.873   2.295   1.00 18.96 ? 146 ASP A OD2 1 
ATOM   1024 N N   . GLY A 1 147 ? -16.802 -0.620  2.974   1.00 17.05 ? 147 GLY A N   1 
ATOM   1025 C CA  . GLY A 1 147 ? -17.339 -1.936  3.345   1.00 16.79 ? 147 GLY A CA  1 
ATOM   1026 C C   . GLY A 1 147 ? -16.895 -3.078  2.444   1.00 17.04 ? 147 GLY A C   1 
ATOM   1027 O O   . GLY A 1 147 ? -17.365 -4.200  2.607   1.00 17.06 ? 147 GLY A O   1 
ATOM   1028 N N   . LYS A 1 148 ? -16.001 -2.808  1.486   1.00 16.73 ? 148 LYS A N   1 
ATOM   1029 C CA  . LYS A 1 148 ? -15.427 -3.883  0.645   1.00 16.64 ? 148 LYS A CA  1 
ATOM   1030 C C   . LYS A 1 148 ? -13.904 -3.933  0.757   1.00 15.93 ? 148 LYS A C   1 
ATOM   1031 O O   . LYS A 1 148 ? -13.304 -4.978  0.514   1.00 16.12 ? 148 LYS A O   1 
ATOM   1032 C CB  . LYS A 1 148 ? -15.804 -3.727  -0.832  1.00 17.37 ? 148 LYS A CB  1 
ATOM   1033 C CG  . LYS A 1 148 ? -17.266 -4.120  -1.143  1.00 21.17 ? 148 LYS A CG  1 
ATOM   1034 C CD  . LYS A 1 148 ? -17.712 -3.591  -2.491  1.00 27.13 ? 148 LYS A CD  1 
ATOM   1035 C CE  . LYS A 1 148 ? -18.138 -2.128  -2.434  1.00 30.94 ? 148 LYS A CE  1 
ATOM   1036 N NZ  . LYS A 1 148 ? -19.264 -1.884  -3.402  1.00 34.70 ? 148 LYS A NZ  1 
ATOM   1037 N N   . HIS A 1 149 ? -13.294 -2.802  1.080   1.00 14.76 ? 149 HIS A N   1 
ATOM   1038 C CA  . HIS A 1 149 ? -11.829 -2.716  1.238   1.00 13.85 ? 149 HIS A CA  1 
ATOM   1039 C C   . HIS A 1 149 ? -11.510 -2.143  2.611   1.00 13.69 ? 149 HIS A C   1 
ATOM   1040 O O   . HIS A 1 149 ? -12.116 -1.148  3.027   1.00 12.81 ? 149 HIS A O   1 
ATOM   1041 C CB  . HIS A 1 149 ? -11.213 -1.860  0.120   1.00 13.83 ? 149 HIS A CB  1 
ATOM   1042 C CG  . HIS A 1 149 ? -11.380 -2.461  -1.240  1.00 13.70 ? 149 HIS A CG  1 
ATOM   1043 N ND1 . HIS A 1 149 ? -10.398 -3.216  -1.848  1.00 11.62 ? 149 HIS A ND1 1 
ATOM   1044 C CD2 . HIS A 1 149 ? -12.438 -2.462  -2.090  1.00 15.34 ? 149 HIS A CD2 1 
ATOM   1045 C CE1 . HIS A 1 149 ? -10.833 -3.631  -3.026  1.00 15.19 ? 149 HIS A CE1 1 
ATOM   1046 N NE2 . HIS A 1 149 ? -12.071 -3.200  -3.193  1.00 15.14 ? 149 HIS A NE2 1 
ATOM   1047 N N   . VAL A 1 150 ? -10.580 -2.788  3.323   1.00 12.65 ? 150 VAL A N   1 
ATOM   1048 C CA  . VAL A 1 150 ? -10.245 -2.388  4.700   1.00 11.81 ? 150 VAL A CA  1 
ATOM   1049 C C   . VAL A 1 150 ? -9.268  -1.207  4.680   1.00 12.07 ? 150 VAL A C   1 
ATOM   1050 O O   . VAL A 1 150 ? -8.134  -1.333  4.196   1.00 11.56 ? 150 VAL A O   1 
ATOM   1051 C CB  . VAL A 1 150 ? -9.650  -3.558  5.535   1.00 12.25 ? 150 VAL A CB  1 
ATOM   1052 C CG1 . VAL A 1 150 ? -9.196  -3.059  6.941   1.00 12.60 ? 150 VAL A CG1 1 
ATOM   1053 C CG2 . VAL A 1 150 ? -10.680 -4.713  5.666   1.00 10.55 ? 150 VAL A CG2 1 
ATOM   1054 N N   . VAL A 1 151 ? -9.719  -0.066  5.189   1.00 12.26 ? 151 VAL A N   1 
ATOM   1055 C CA  . VAL A 1 151 ? -8.876  1.123   5.322   1.00 12.52 ? 151 VAL A CA  1 
ATOM   1056 C C   . VAL A 1 151 ? -8.072  0.960   6.624   1.00 13.39 ? 151 VAL A C   1 
ATOM   1057 O O   . VAL A 1 151 ? -8.660  0.653   7.672   1.00 13.37 ? 151 VAL A O   1 
ATOM   1058 C CB  . VAL A 1 151 ? -9.741  2.431   5.362   1.00 12.86 ? 151 VAL A CB  1 
ATOM   1059 C CG1 . VAL A 1 151 ? -8.895  3.650   5.727   1.00 12.48 ? 151 VAL A CG1 1 
ATOM   1060 C CG2 . VAL A 1 151 ? -10.453 2.647   4.021   1.00 11.82 ? 151 VAL A CG2 1 
ATOM   1061 N N   . PHE A 1 152 ? -6.750  1.160   6.550   1.00 12.67 ? 152 PHE A N   1 
ATOM   1062 C CA  . PHE A 1 152 ? -5.847  0.836   7.673   1.00 13.37 ? 152 PHE A CA  1 
ATOM   1063 C C   . PHE A 1 152 ? -4.758  1.868   7.965   1.00 13.08 ? 152 PHE A C   1 
ATOM   1064 O O   . PHE A 1 152 ? -3.949  1.672   8.864   1.00 11.97 ? 152 PHE A O   1 
ATOM   1065 C CB  . PHE A 1 152 ? -5.216  -0.537  7.428   1.00 13.23 ? 152 PHE A CB  1 
ATOM   1066 C CG  . PHE A 1 152 ? -4.273  -0.582  6.258   1.00 13.06 ? 152 PHE A CG  1 
ATOM   1067 C CD1 . PHE A 1 152 ? -2.910  -0.374  6.439   1.00 13.39 ? 152 PHE A CD1 1 
ATOM   1068 C CD2 . PHE A 1 152 ? -4.748  -0.835  4.959   1.00 12.09 ? 152 PHE A CD2 1 
ATOM   1069 C CE1 . PHE A 1 152 ? -2.030  -0.415  5.351   1.00 14.33 ? 152 PHE A CE1 1 
ATOM   1070 C CE2 . PHE A 1 152 ? -3.879  -0.885  3.876   1.00 12.97 ? 152 PHE A CE2 1 
ATOM   1071 C CZ  . PHE A 1 152 ? -2.515  -0.683  4.067   1.00 14.19 ? 152 PHE A CZ  1 
ATOM   1072 N N   . GLY A 1 153 ? -4.721  2.948   7.186   1.00 13.92 ? 153 GLY A N   1 
ATOM   1073 C CA  . GLY A 1 153 ? -3.780  4.023   7.469   1.00 14.08 ? 153 GLY A CA  1 
ATOM   1074 C C   . GLY A 1 153 ? -3.958  5.239   6.596   1.00 14.46 ? 153 GLY A C   1 
ATOM   1075 O O   . GLY A 1 153 ? -4.925  5.346   5.835   1.00 14.07 ? 153 GLY A O   1 
ATOM   1076 N N   . LYS A 1 154 ? -3.007  6.157   6.701   1.00 15.08 ? 154 LYS A N   1 
ATOM   1077 C CA  . LYS A 1 154 ? -3.049  7.385   5.908   1.00 15.52 ? 154 LYS A CA  1 
ATOM   1078 C C   . LYS A 1 154 ? -1.642  7.935   5.722   1.00 15.04 ? 154 LYS A C   1 
ATOM   1079 O O   . LYS A 1 154 ? -0.740  7.651   6.516   1.00 15.15 ? 154 LYS A O   1 
ATOM   1080 C CB  . LYS A 1 154 ? -3.943  8.442   6.576   1.00 15.61 ? 154 LYS A CB  1 
ATOM   1081 C CG  . LYS A 1 154 ? -3.323  9.130   7.778   1.00 16.46 ? 154 LYS A CG  1 
ATOM   1082 C CD  . LYS A 1 154 ? -4.258  10.203  8.393   1.00 19.00 ? 154 LYS A CD  1 
ATOM   1083 C CE  . LYS A 1 154 ? -3.646  10.689  9.697   1.00 24.25 ? 154 LYS A CE  1 
ATOM   1084 N NZ  . LYS A 1 154 ? -4.651  11.100  10.742  1.00 30.87 ? 154 LYS A NZ  1 
ATOM   1085 N N   . VAL A 1 155 ? -1.461  8.718   4.667   1.00 14.92 ? 155 VAL A N   1 
ATOM   1086 C CA  . VAL A 1 155 ? -0.180  9.386   4.419   1.00 14.74 ? 155 VAL A CA  1 
ATOM   1087 C C   . VAL A 1 155 ? -0.077  10.563  5.375   1.00 15.26 ? 155 VAL A C   1 
ATOM   1088 O O   . VAL A 1 155 ? -1.039  11.329  5.530   1.00 15.16 ? 155 VAL A O   1 
ATOM   1089 C CB  . VAL A 1 155 ? -0.084  9.905   2.973   1.00 15.05 ? 155 VAL A CB  1 
ATOM   1090 C CG1 . VAL A 1 155 ? 1.218   10.722  2.777   1.00 13.48 ? 155 VAL A CG1 1 
ATOM   1091 C CG2 . VAL A 1 155 ? -0.159  8.747   1.978   1.00 13.87 ? 155 VAL A CG2 1 
ATOM   1092 N N   . LEU A 1 156 ? 1.081   10.701  6.010   1.00 15.27 ? 156 LEU A N   1 
ATOM   1093 C CA  . LEU A 1 156 ? 1.379   11.842  6.883   1.00 15.88 ? 156 LEU A CA  1 
ATOM   1094 C C   . LEU A 1 156 ? 2.145   12.905  6.109   1.00 16.38 ? 156 LEU A C   1 
ATOM   1095 O O   . LEU A 1 156 ? 1.689   14.042  6.005   1.00 17.40 ? 156 LEU A O   1 
ATOM   1096 C CB  . LEU A 1 156 ? 2.198   11.403  8.101   1.00 14.58 ? 156 LEU A CB  1 
ATOM   1097 C CG  . LEU A 1 156 ? 1.472   10.515  9.124   1.00 16.29 ? 156 LEU A CG  1 
ATOM   1098 C CD1 . LEU A 1 156 ? 2.460   10.117  10.219  1.00 15.94 ? 156 LEU A CD1 1 
ATOM   1099 C CD2 . LEU A 1 156 ? 0.262   11.217  9.729   1.00 16.81 ? 156 LEU A CD2 1 
ATOM   1100 N N   . GLU A 1 157 ? 3.296   12.524  5.573   1.00 16.19 ? 157 GLU A N   1 
ATOM   1101 C CA  . GLU A 1 157 ? 4.063   13.391  4.676   1.00 17.97 ? 157 GLU A CA  1 
ATOM   1102 C C   . GLU A 1 157 ? 4.385   12.692  3.366   1.00 17.19 ? 157 GLU A C   1 
ATOM   1103 O O   . GLU A 1 157 ? 4.336   11.446  3.294   1.00 16.89 ? 157 GLU A O   1 
ATOM   1104 C CB  . GLU A 1 157 ? 5.309   13.909  5.388   1.00 17.53 ? 157 GLU A CB  1 
ATOM   1105 C CG  . GLU A 1 157 ? 5.006   15.267  6.065   1.00 24.48 ? 157 GLU A CG  1 
ATOM   1106 C CD  . GLU A 1 157 ? 5.723   15.461  7.356   1.00 30.19 ? 157 GLU A CD  1 
ATOM   1107 O OE1 . GLU A 1 157 ? 6.405   14.512  7.824   1.00 34.49 ? 157 GLU A OE1 1 
ATOM   1108 O OE2 . GLU A 1 157 ? 5.617   16.568  7.912   1.00 32.14 ? 157 GLU A OE2 1 
ATOM   1109 N N   . GLY A 1 158 ? 4.696   13.488  2.334   1.00 16.98 ? 158 GLY A N   1 
ATOM   1110 C CA  . GLY A 1 158 ? 4.916   12.971  0.969   1.00 16.60 ? 158 GLY A CA  1 
ATOM   1111 C C   . GLY A 1 158 ? 3.675   12.903  0.094   1.00 16.67 ? 158 GLY A C   1 
ATOM   1112 O O   . GLY A 1 158 ? 3.647   12.179  -0.903  1.00 15.83 ? 158 GLY A O   1 
ATOM   1113 N N   . MET A 1 159 ? 2.633   13.654  0.451   1.00 16.96 ? 159 MET A N   1 
ATOM   1114 C CA  . MET A 1 159 ? 1.448   13.745  -0.417  1.00 17.61 ? 159 MET A CA  1 
ATOM   1115 C C   . MET A 1 159 ? 1.839   14.138  -1.838  1.00 16.97 ? 159 MET A C   1 
ATOM   1116 O O   . MET A 1 159 ? 1.280   13.614  -2.792  1.00 15.67 ? 159 MET A O   1 
ATOM   1117 C CB  . MET A 1 159 ? 0.411   14.732  0.124   1.00 18.66 ? 159 MET A CB  1 
ATOM   1118 C CG  . MET A 1 159 ? -0.341  14.240  1.341   1.00 21.39 ? 159 MET A CG  1 
ATOM   1119 S SD  . MET A 1 159 ? 0.666   14.346  2.834   1.00 27.78 ? 159 MET A SD  1 
ATOM   1120 C CE  . MET A 1 159 ? 0.615   16.131  3.185   1.00 28.19 ? 159 MET A CE  1 
ATOM   1121 N N   . GLU A 1 160 ? 2.802   15.049  -1.979  1.00 16.86 ? 160 GLU A N   1 
ATOM   1122 C CA  . GLU A 1 160 ? 3.288   15.408  -3.323  1.00 18.08 ? 160 GLU A CA  1 
ATOM   1123 C C   . GLU A 1 160 ? 3.969   14.250  -4.050  1.00 16.82 ? 160 GLU A C   1 
ATOM   1124 O O   . GLU A 1 160 ? 3.880   14.158  -5.275  1.00 15.45 ? 160 GLU A O   1 
ATOM   1125 C CB  . GLU A 1 160 ? 4.191   16.649  -3.310  1.00 19.15 ? 160 GLU A CB  1 
ATOM   1126 C CG  . GLU A 1 160 ? 3.404   17.956  -3.084  1.00 25.01 ? 160 GLU A CG  1 
ATOM   1127 C CD  . GLU A 1 160 ? 2.391   18.300  -4.208  1.00 31.20 ? 160 GLU A CD  1 
ATOM   1128 O OE1 . GLU A 1 160 ? 2.445   17.735  -5.332  1.00 35.05 ? 160 GLU A OE1 1 
ATOM   1129 O OE2 . GLU A 1 160 ? 1.523   19.164  -3.958  1.00 35.50 ? 160 GLU A OE2 1 
ATOM   1130 N N   . VAL A 1 161 ? 4.635   13.364  -3.301  1.00 15.48 ? 161 VAL A N   1 
ATOM   1131 C CA  . VAL A 1 161 ? 5.237   12.168  -3.912  1.00 15.09 ? 161 VAL A CA  1 
ATOM   1132 C C   . VAL A 1 161 ? 4.141   11.252  -4.467  1.00 14.94 ? 161 VAL A C   1 
ATOM   1133 O O   . VAL A 1 161 ? 4.277   10.699  -5.560  1.00 14.34 ? 161 VAL A O   1 
ATOM   1134 C CB  . VAL A 1 161 ? 6.157   11.412  -2.927  1.00 14.63 ? 161 VAL A CB  1 
ATOM   1135 C CG1 . VAL A 1 161 ? 6.754   10.148  -3.568  1.00 14.14 ? 161 VAL A CG1 1 
ATOM   1136 C CG2 . VAL A 1 161 ? 7.257   12.371  -2.362  1.00 14.54 ? 161 VAL A CG2 1 
ATOM   1137 N N   . VAL A 1 162 ? 3.054   11.105  -3.703  1.00 15.29 ? 162 VAL A N   1 
ATOM   1138 C CA  . VAL A 1 162 ? 1.870   10.353  -4.143  1.00 14.68 ? 162 VAL A CA  1 
ATOM   1139 C C   . VAL A 1 162 ? 1.317   10.973  -5.438  1.00 15.15 ? 162 VAL A C   1 
ATOM   1140 O O   . VAL A 1 162 ? 1.001   10.263  -6.415  1.00 13.87 ? 162 VAL A O   1 
ATOM   1141 C CB  . VAL A 1 162 ? 0.786   10.309  -3.032  1.00 14.89 ? 162 VAL A CB  1 
ATOM   1142 C CG1 . VAL A 1 162 ? -0.523  9.688   -3.559  1.00 15.10 ? 162 VAL A CG1 1 
ATOM   1143 C CG2 . VAL A 1 162 ? 1.306   9.492   -1.837  1.00 14.36 ? 162 VAL A CG2 1 
ATOM   1144 N N   . LYS A 1 163 ? 1.242   12.304  -5.448  1.00 15.40 ? 163 LYS A N   1 
ATOM   1145 C CA  . LYS A 1 163 ? 0.738   13.003  -6.639  1.00 15.88 ? 163 LYS A CA  1 
ATOM   1146 C C   . LYS A 1 163 ? 1.666   12.800  -7.856  1.00 15.59 ? 163 LYS A C   1 
ATOM   1147 O O   . LYS A 1 163 ? 1.183   12.651  -8.991  1.00 15.50 ? 163 LYS A O   1 
ATOM   1148 C CB  . LYS A 1 163 ? 0.503   14.491  -6.332  1.00 15.23 ? 163 LYS A CB  1 
ATOM   1149 C CG  . LYS A 1 163 ? -0.591  14.773  -5.270  1.00 17.19 ? 163 LYS A CG  1 
ATOM   1150 C CD  . LYS A 1 163 ? -1.986  14.277  -5.682  1.00 18.91 ? 163 LYS A CD  1 
ATOM   1151 C CE  . LYS A 1 163 ? -2.722  15.224  -6.636  1.00 20.18 ? 163 LYS A CE  1 
ATOM   1152 N NZ  . LYS A 1 163 ? -4.076  14.691  -7.035  1.00 20.13 ? 163 LYS A NZ  1 
ATOM   1153 N N   . SER A 1 164 ? 2.982   12.788  -7.617  1.00 15.64 ? 164 SER A N   1 
ATOM   1154 C CA  . SER A 1 164 ? 3.958   12.498  -8.681  1.00 15.90 ? 164 SER A CA  1 
ATOM   1155 C C   . SER A 1 164 ? 3.770   11.110  -9.283  1.00 15.32 ? 164 SER A C   1 
ATOM   1156 O O   . SER A 1 164 ? 3.825   10.940  -10.513 1.00 15.45 ? 164 SER A O   1 
ATOM   1157 C CB  . SER A 1 164 ? 5.408   12.671  -8.180  1.00 16.14 ? 164 SER A CB  1 
ATOM   1158 O OG  . SER A 1 164 ? 5.678   14.054  -8.033  1.00 18.56 ? 164 SER A OG  1 
ATOM   1159 N N   . ILE A 1 165 ? 3.550   10.123  -8.412  1.00 14.55 ? 165 ILE A N   1 
ATOM   1160 C CA  . ILE A 1 165 ? 3.256   8.760   -8.849  1.00 13.99 ? 165 ILE A CA  1 
ATOM   1161 C C   . ILE A 1 165 ? 1.967   8.716   -9.675  1.00 13.21 ? 165 ILE A C   1 
ATOM   1162 O O   . ILE A 1 165 ? 1.933   8.074   -10.725 1.00 12.48 ? 165 ILE A O   1 
ATOM   1163 C CB  . ILE A 1 165 ? 3.105   7.766   -7.669  1.00 14.29 ? 165 ILE A CB  1 
ATOM   1164 C CG1 . ILE A 1 165 ? 4.444   7.607   -6.926  1.00 12.55 ? 165 ILE A CG1 1 
ATOM   1165 C CG2 . ILE A 1 165 ? 2.542   6.404   -8.220  1.00 13.00 ? 165 ILE A CG2 1 
ATOM   1166 C CD1 . ILE A 1 165 ? 4.343   6.940   -5.564  1.00 14.40 ? 165 ILE A CD1 1 
ATOM   1167 N N   . GLU A 1 166 ? 0.923   9.386   -9.177  1.00 13.94 ? 166 GLU A N   1 
ATOM   1168 C CA  . GLU A 1 166 ? -0.389  9.435   -9.845  1.00 15.45 ? 166 GLU A CA  1 
ATOM   1169 C C   . GLU A 1 166 ? -0.264  9.928   -11.300 1.00 15.93 ? 166 GLU A C   1 
ATOM   1170 O O   . GLU A 1 166 ? -0.907  9.398   -12.201 1.00 15.40 ? 166 GLU A O   1 
ATOM   1171 C CB  . GLU A 1 166 ? -1.364  10.316  -9.047  1.00 15.08 ? 166 GLU A CB  1 
ATOM   1172 C CG  . GLU A 1 166 ? -2.809  10.257  -9.547  1.00 15.80 ? 166 GLU A CG  1 
ATOM   1173 C CD  . GLU A 1 166 ? -3.708  11.343  -8.926  1.00 16.20 ? 166 GLU A CD  1 
ATOM   1174 O OE1 . GLU A 1 166 ? -3.205  12.372  -8.412  1.00 16.63 ? 166 GLU A OE1 1 
ATOM   1175 O OE2 . GLU A 1 166 ? -4.942  11.157  -8.946  1.00 16.95 ? 166 GLU A OE2 1 
ATOM   1176 N N   . LYS A 1 167 ? 0.603   10.921  -11.504 1.00 16.42 ? 167 LYS A N   1 
ATOM   1177 C CA  . LYS A 1 167 ? 0.890   11.473  -12.832 1.00 17.96 ? 167 LYS A CA  1 
ATOM   1178 C C   . LYS A 1 167 ? 1.488   10.469  -13.831 1.00 17.41 ? 167 LYS A C   1 
ATOM   1179 O O   . LYS A 1 167 ? 1.446   10.675  -15.054 1.00 17.18 ? 167 LYS A O   1 
ATOM   1180 C CB  . LYS A 1 167 ? 1.803   12.694  -12.680 1.00 17.90 ? 167 LYS A CB  1 
ATOM   1181 C CG  . LYS A 1 167 ? 1.029   13.929  -12.206 1.00 23.37 ? 167 LYS A CG  1 
ATOM   1182 C CD  . LYS A 1 167 ? 1.819   15.234  -12.432 1.00 26.05 ? 167 LYS A CD  1 
ATOM   1183 C CE  . LYS A 1 167 ? 2.809   15.464  -11.296 1.00 28.64 ? 167 LYS A CE  1 
ATOM   1184 N NZ  . LYS A 1 167 ? 3.479   16.832  -11.308 1.00 30.37 ? 167 LYS A NZ  1 
ATOM   1185 N N   . CYS A 1 168 ? 2.057   9.384   -13.300 1.00 16.37 ? 168 CYS A N   1 
ATOM   1186 C CA  . CYS A 1 168 ? 2.607   8.336   -14.140 1.00 16.31 ? 168 CYS A CA  1 
ATOM   1187 C C   . CYS A 1 168 ? 1.552   7.299   -14.552 1.00 15.88 ? 168 CYS A C   1 
ATOM   1188 O O   . CYS A 1 168 ? 1.890   6.268   -15.130 1.00 17.29 ? 168 CYS A O   1 
ATOM   1189 C CB  . CYS A 1 168 ? 3.729   7.623   -13.408 1.00 15.98 ? 168 CYS A CB  1 
ATOM   1190 S SG  . CYS A 1 168 ? 5.091   8.666   -12.900 1.00 17.62 ? 168 CYS A SG  1 
ATOM   1191 N N   . GLY A 1 169 ? 0.288   7.546   -14.234 1.00 16.20 ? 169 GLY A N   1 
ATOM   1192 C CA  . GLY A 1 169 ? -0.758  6.550   -14.534 1.00 15.80 ? 169 GLY A CA  1 
ATOM   1193 C C   . GLY A 1 169 ? -1.478  6.761   -15.846 1.00 15.79 ? 169 GLY A C   1 
ATOM   1194 O O   . GLY A 1 169 ? -1.134  7.656   -16.616 1.00 15.49 ? 169 GLY A O   1 
ATOM   1195 N N   . SER A 1 170 ? -2.491  5.932   -16.077 1.00 16.15 ? 170 SER A N   1 
ATOM   1196 C CA  . SER A 1 170 ? -3.290  5.969   -17.288 1.00 16.99 ? 170 SER A CA  1 
ATOM   1197 C C   . SER A 1 170 ? -4.727  5.628   -16.923 1.00 17.33 ? 170 SER A C   1 
ATOM   1198 O O   . SER A 1 170 ? -4.985  5.054   -15.846 1.00 17.21 ? 170 SER A O   1 
ATOM   1199 C CB  . SER A 1 170 ? -2.772  4.939   -18.297 1.00 17.20 ? 170 SER A CB  1 
ATOM   1200 O OG  . SER A 1 170 ? -1.367  5.015   -18.440 1.00 19.09 ? 170 SER A OG  1 
ATOM   1201 N N   . GLN A 1 171 ? -5.663  5.953   -17.819 1.00 16.98 ? 171 GLN A N   1 
ATOM   1202 C CA  . GLN A 1 171 ? -7.043  5.476   -17.652 1.00 17.12 ? 171 GLN A CA  1 
ATOM   1203 C C   . GLN A 1 171 ? -7.107  3.956   -17.437 1.00 16.24 ? 171 GLN A C   1 
ATOM   1204 O O   . GLN A 1 171 ? -7.872  3.485   -16.609 1.00 16.29 ? 171 GLN A O   1 
ATOM   1205 C CB  . GLN A 1 171 ? -7.916  5.873   -18.847 1.00 17.13 ? 171 GLN A CB  1 
ATOM   1206 C CG  . GLN A 1 171 ? -8.134  7.411   -18.965 1.00 17.05 ? 171 GLN A CG  1 
ATOM   1207 C CD  . GLN A 1 171 ? -9.006  7.739   -20.178 1.00 18.84 ? 171 GLN A CD  1 
ATOM   1208 O OE1 . GLN A 1 171 ? -9.154  6.904   -21.093 1.00 20.58 ? 171 GLN A OE1 1 
ATOM   1209 N NE2 . GLN A 1 171 ? -9.591  8.935   -20.189 1.00 17.40 ? 171 GLN A NE2 1 
ATOM   1210 N N   . ASN A 1 172 ? -6.332  3.198   -18.202 1.00 16.18 ? 172 ASN A N   1 
ATOM   1211 C CA  . ASN A 1 172 ? -6.309  1.734   -18.073 1.00 16.12 ? 172 ASN A CA  1 
ATOM   1212 C C   . ASN A 1 172 ? -5.427  1.198   -16.922 1.00 15.68 ? 172 ASN A C   1 
ATOM   1213 O O   . ASN A 1 172 ? -5.233  -0.011  -16.794 1.00 15.58 ? 172 ASN A O   1 
ATOM   1214 C CB  . ASN A 1 172 ? -5.976  1.054   -19.416 1.00 15.92 ? 172 ASN A CB  1 
ATOM   1215 C CG  . ASN A 1 172 ? -4.500  1.183   -19.834 1.00 17.64 ? 172 ASN A CG  1 
ATOM   1216 O OD1 . ASN A 1 172 ? -3.660  1.716   -19.105 1.00 16.64 ? 172 ASN A OD1 1 
ATOM   1217 N ND2 . ASN A 1 172 ? -4.188  0.673   -21.035 1.00 20.44 ? 172 ASN A ND2 1 
ATOM   1218 N N   . GLY A 1 173 ? -4.889  2.116   -16.116 1.00 16.17 ? 173 GLY A N   1 
ATOM   1219 C CA  . GLY A 1 173 ? -4.040  1.778   -14.983 1.00 15.74 ? 173 GLY A CA  1 
ATOM   1220 C C   . GLY A 1 173 ? -2.577  1.436   -15.255 1.00 16.52 ? 173 GLY A C   1 
ATOM   1221 O O   . GLY A 1 173 ? -1.810  1.259   -14.312 1.00 15.92 ? 173 GLY A O   1 
ATOM   1222 N N   . LYS A 1 174 ? -2.177  1.360   -16.525 1.00 17.24 ? 174 LYS A N   1 
ATOM   1223 C CA  . LYS A 1 174 ? -0.782  1.068   -16.883 1.00 19.01 ? 174 LYS A CA  1 
ATOM   1224 C C   . LYS A 1 174 ? 0.171   2.221   -16.563 1.00 18.24 ? 174 LYS A C   1 
ATOM   1225 O O   . LYS A 1 174 ? -0.025  3.354   -17.029 1.00 17.70 ? 174 LYS A O   1 
ATOM   1226 C CB  . LYS A 1 174 ? -0.656  0.648   -18.361 1.00 18.96 ? 174 LYS A CB  1 
ATOM   1227 C CG  . LYS A 1 174 ? -1.390  -0.653  -18.679 1.00 21.87 ? 174 LYS A CG  1 
ATOM   1228 C CD  . LYS A 1 174 ? -1.174  -1.107  -20.151 1.00 23.09 ? 174 LYS A CD  1 
ATOM   1229 C CE  . LYS A 1 174 ? -1.951  -2.382  -20.442 1.00 28.11 ? 174 LYS A CE  1 
ATOM   1230 N NZ  . LYS A 1 174 ? -1.798  -3.318  -19.273 1.00 32.73 ? 174 LYS A NZ  1 
ATOM   1231 N N   . PRO A 1 175 ? 1.208   1.950   -15.742 1.00 18.29 ? 175 PRO A N   1 
ATOM   1232 C CA  . PRO A 1 175 ? 2.216   2.995   -15.521 1.00 18.43 ? 175 PRO A CA  1 
ATOM   1233 C C   . PRO A 1 175 ? 2.956   3.377   -16.820 1.00 18.44 ? 175 PRO A C   1 
ATOM   1234 O O   . PRO A 1 175 ? 3.242   2.511   -17.643 1.00 18.18 ? 175 PRO A O   1 
ATOM   1235 C CB  . PRO A 1 175 ? 3.187   2.350   -14.511 1.00 18.09 ? 175 PRO A CB  1 
ATOM   1236 C CG  . PRO A 1 175 ? 2.358   1.221   -13.856 1.00 18.19 ? 175 PRO A CG  1 
ATOM   1237 C CD  . PRO A 1 175 ? 1.518   0.720   -14.990 1.00 18.70 ? 175 PRO A CD  1 
ATOM   1238 N N   . THR A 1 176 ? 3.247   4.666   -16.981 1.00 18.71 ? 176 THR A N   1 
ATOM   1239 C CA  . THR A 1 176 ? 3.969   5.167   -18.149 1.00 19.31 ? 176 THR A CA  1 
ATOM   1240 C C   . THR A 1 176 ? 5.451   5.323   -17.799 1.00 19.50 ? 176 THR A C   1 
ATOM   1241 O O   . THR A 1 176 ? 6.286   5.563   -18.685 1.00 20.37 ? 176 THR A O   1 
ATOM   1242 C CB  . THR A 1 176 ? 3.428   6.529   -18.623 1.00 19.01 ? 176 THR A CB  1 
ATOM   1243 O OG1 . THR A 1 176 ? 3.519   7.470   -17.550 1.00 18.47 ? 176 THR A OG1 1 
ATOM   1244 C CG2 . THR A 1 176 ? 1.968   6.411   -19.083 1.00 19.47 ? 176 THR A CG2 1 
ATOM   1245 N N   . LYS A 1 177 ? 5.757   5.176   -16.506 1.00 19.07 ? 177 LYS A N   1 
ATOM   1246 C CA  . LYS A 1 177 ? 7.127   5.166   -15.979 1.00 19.91 ? 177 LYS A CA  1 
ATOM   1247 C C   . LYS A 1 177 ? 7.199   4.086   -14.908 1.00 19.47 ? 177 LYS A C   1 
ATOM   1248 O O   . LYS A 1 177 ? 6.174   3.729   -14.310 1.00 19.59 ? 177 LYS A O   1 
ATOM   1249 C CB  . LYS A 1 177 ? 7.490   6.529   -15.362 1.00 19.17 ? 177 LYS A CB  1 
ATOM   1250 C CG  . LYS A 1 177 ? 7.774   7.627   -16.389 1.00 21.69 ? 177 LYS A CG  1 
ATOM   1251 C CD  . LYS A 1 177 ? 7.969   8.995   -15.742 1.00 22.75 ? 177 LYS A CD  1 
ATOM   1252 C CE  . LYS A 1 177 ? 8.441   10.020  -16.789 1.00 28.97 ? 177 LYS A CE  1 
ATOM   1253 N NZ  . LYS A 1 177 ? 8.026   11.439  -16.469 1.00 30.09 ? 177 LYS A NZ  1 
ATOM   1254 N N   . SER A 1 178 ? 8.400   3.562   -14.675 1.00 19.43 ? 178 SER A N   1 
ATOM   1255 C CA  . SER A 1 178 ? 8.630   2.580   -13.609 1.00 19.23 ? 178 SER A CA  1 
ATOM   1256 C C   . SER A 1 178 ? 8.649   3.262   -12.246 1.00 18.01 ? 178 SER A C   1 
ATOM   1257 O O   . SER A 1 178 ? 9.544   4.061   -11.943 1.00 17.44 ? 178 SER A O   1 
ATOM   1258 C CB  . SER A 1 178 ? 9.931   1.805   -13.846 1.00 19.74 ? 178 SER A CB  1 
ATOM   1259 O OG  . SER A 1 178 ? 10.171  0.862   -12.796 1.00 22.80 ? 178 SER A OG  1 
ATOM   1260 N N   . VAL A 1 179 ? 7.671   2.919   -11.407 1.00 15.98 ? 179 VAL A N   1 
ATOM   1261 C CA  . VAL A 1 179 ? 7.588   3.519   -10.096 1.00 14.67 ? 179 VAL A CA  1 
ATOM   1262 C C   . VAL A 1 179 ? 7.944   2.445   -9.075  1.00 15.38 ? 179 VAL A C   1 
ATOM   1263 O O   . VAL A 1 179 ? 7.224   1.469   -8.926  1.00 14.40 ? 179 VAL A O   1 
ATOM   1264 C CB  . VAL A 1 179 ? 6.199   4.121   -9.818  1.00 13.93 ? 179 VAL A CB  1 
ATOM   1265 C CG1 . VAL A 1 179 ? 6.171   4.744   -8.423  1.00 10.96 ? 179 VAL A CG1 1 
ATOM   1266 C CG2 . VAL A 1 179 ? 5.815   5.163   -10.925 1.00 14.37 ? 179 VAL A CG2 1 
ATOM   1267 N N   . CYS A 1 180 ? 9.071   2.638   -8.403  1.00 15.35 ? 180 CYS A N   1 
ATOM   1268 C CA  . CYS A 1 180 ? 9.658   1.600   -7.579  1.00 16.58 ? 180 CYS A CA  1 
ATOM   1269 C C   . CYS A 1 180 ? 9.770   2.059   -6.137  1.00 15.06 ? 180 CYS A C   1 
ATOM   1270 O O   . CYS A 1 180 ? 10.114  3.214   -5.856  1.00 15.15 ? 180 CYS A O   1 
ATOM   1271 C CB  . CYS A 1 180 ? 11.040  1.237   -8.127  1.00 16.67 ? 180 CYS A CB  1 
ATOM   1272 S SG  . CYS A 1 180 ? 11.015  0.264   -9.660  1.00 25.96 ? 180 CYS A SG  1 
ATOM   1273 N N   . ILE A 1 181 ? 9.465   1.149   -5.220  1.00 13.98 ? 181 ILE A N   1 
ATOM   1274 C CA  . ILE A 1 181 ? 9.789   1.343   -3.813  1.00 13.84 ? 181 ILE A CA  1 
ATOM   1275 C C   . ILE A 1 181 ? 11.257  0.924   -3.589  1.00 14.25 ? 181 ILE A C   1 
ATOM   1276 O O   . ILE A 1 181 ? 11.605  -0.282  -3.564  1.00 14.01 ? 181 ILE A O   1 
ATOM   1277 C CB  . ILE A 1 181 ? 8.816   0.558   -2.896  1.00 13.97 ? 181 ILE A CB  1 
ATOM   1278 C CG1 . ILE A 1 181 ? 7.381   1.004   -3.185  1.00 13.54 ? 181 ILE A CG1 1 
ATOM   1279 C CG2 . ILE A 1 181 ? 9.202   0.716   -1.393  1.00 12.35 ? 181 ILE A CG2 1 
ATOM   1280 C CD1 . ILE A 1 181 ? 6.282   0.213   -2.442  1.00 13.31 ? 181 ILE A CD1 1 
ATOM   1281 N N   . THR A 1 182 ? 12.127  1.925   -3.436  1.00 13.67 ? 182 THR A N   1 
ATOM   1282 C CA  . THR A 1 182 ? 13.581  1.669   -3.380  1.00 13.57 ? 182 THR A CA  1 
ATOM   1283 C C   . THR A 1 182 ? 14.097  1.346   -1.967  1.00 13.81 ? 182 THR A C   1 
ATOM   1284 O O   . THR A 1 182 ? 15.196  0.812   -1.822  1.00 14.10 ? 182 THR A O   1 
ATOM   1285 C CB  . THR A 1 182 ? 14.384  2.858   -3.935  1.00 13.52 ? 182 THR A CB  1 
ATOM   1286 O OG1 . THR A 1 182 ? 14.129  4.004   -3.117  1.00 14.46 ? 182 THR A OG1 1 
ATOM   1287 C CG2 . THR A 1 182 ? 14.010  3.151   -5.412  1.00 14.42 ? 182 THR A CG2 1 
ATOM   1288 N N   . ALA A 1 183 ? 13.329  1.725   -0.949  1.00 13.62 ? 183 ALA A N   1 
ATOM   1289 C CA  . ALA A 1 183 ? 13.590  1.389   0.459   1.00 13.93 ? 183 ALA A CA  1 
ATOM   1290 C C   . ALA A 1 183 ? 12.266  1.465   1.198   1.00 13.69 ? 183 ALA A C   1 
ATOM   1291 O O   . ALA A 1 183 ? 11.353  2.203   0.785   1.00 13.90 ? 183 ALA A O   1 
ATOM   1292 C CB  . ALA A 1 183 ? 14.572  2.356   1.094   1.00 12.53 ? 183 ALA A CB  1 
ATOM   1293 N N   . SER A 1 184 ? 12.157  0.710   2.289   1.00 13.36 ? 184 SER A N   1 
ATOM   1294 C CA  . SER A 1 184 ? 10.937  0.737   3.110   1.00 13.25 ? 184 SER A CA  1 
ATOM   1295 C C   . SER A 1 184 ? 11.300  0.330   4.538   1.00 14.16 ? 184 SER A C   1 
ATOM   1296 O O   . SER A 1 184 ? 12.304  -0.376  4.760   1.00 13.88 ? 184 SER A O   1 
ATOM   1297 C CB  . SER A 1 184 ? 9.830   -0.164  2.520   1.00 12.63 ? 184 SER A CB  1 
ATOM   1298 O OG  . SER A 1 184 ? 10.157  -1.552  2.548   1.00 12.48 ? 184 SER A OG  1 
ATOM   1299 N N   . GLY A 1 185 ? 10.516  0.783   5.506   1.00 15.38 ? 185 GLY A N   1 
ATOM   1300 C CA  . GLY A 1 185 ? 10.717  0.335   6.890   1.00 15.76 ? 185 GLY A CA  1 
ATOM   1301 C C   . GLY A 1 185 ? 10.175  1.325   7.893   1.00 17.03 ? 185 GLY A C   1 
ATOM   1302 O O   . GLY A 1 185 ? 9.251   2.071   7.604   1.00 15.57 ? 185 GLY A O   1 
ATOM   1303 N N   . VAL A 1 186 ? 10.764  1.316   9.082   1.00 18.13 ? 186 VAL A N   1 
ATOM   1304 C CA  . VAL A 1 186 ? 10.392  2.252   10.136  1.00 20.22 ? 186 VAL A CA  1 
ATOM   1305 C C   . VAL A 1 186 ? 11.575  3.160   10.467  1.00 21.22 ? 186 VAL A C   1 
ATOM   1306 O O   . VAL A 1 186 ? 12.719  2.838   10.115  1.00 21.82 ? 186 VAL A O   1 
ATOM   1307 C CB  . VAL A 1 186 ? 9.914   1.507   11.398  1.00 20.74 ? 186 VAL A CB  1 
ATOM   1308 C CG1 . VAL A 1 186 ? 8.607   0.738   11.098  1.00 20.79 ? 186 VAL A CG1 1 
ATOM   1309 C CG2 . VAL A 1 186 ? 11.022  0.559   11.929  1.00 20.73 ? 186 VAL A CG2 1 
ATOM   1310 O OXT . VAL A 1 186 ? 11.416  4.224   11.079  1.00 21.24 ? 186 VAL A OXT 1 
HETATM 1311 O O   . HOH B 2 .   ? -4.160  -7.606  -0.757  1.00 12.51 ? 187 HOH A O   1 
HETATM 1312 O O   . HOH B 2 .   ? -10.701 -9.045  1.260   1.00 9.38  ? 188 HOH A O   1 
HETATM 1313 O O   . HOH B 2 .   ? 4.504   -1.916  -4.406  1.00 13.58 ? 189 HOH A O   1 
HETATM 1314 O O   . HOH B 2 .   ? 3.073   -4.308  -7.199  1.00 10.50 ? 190 HOH A O   1 
HETATM 1315 O O   . HOH B 2 .   ? 3.893   -9.697  13.762  1.00 13.70 ? 191 HOH A O   1 
HETATM 1316 O O   . HOH B 2 .   ? -7.780  -1.795  -5.762  1.00 20.03 ? 192 HOH A O   1 
HETATM 1317 O O   . HOH B 2 .   ? 19.768  7.377   -11.790 1.00 18.46 ? 193 HOH A O   1 
HETATM 1318 O O   . HOH B 2 .   ? -11.059 -0.115  9.011   1.00 11.76 ? 194 HOH A O   1 
HETATM 1319 O O   . HOH B 2 .   ? 8.259   -8.986  6.690   1.00 13.15 ? 195 HOH A O   1 
HETATM 1320 O O   . HOH B 2 .   ? -8.760  -4.439  -5.205  1.00 13.73 ? 196 HOH A O   1 
HETATM 1321 O O   . HOH B 2 .   ? 1.393   -2.810  14.158  1.00 13.54 ? 197 HOH A O   1 
HETATM 1322 O O   . HOH B 2 .   ? -1.830  -9.611  -2.416  1.00 11.30 ? 198 HOH A O   1 
HETATM 1323 O O   . HOH B 2 .   ? 10.592  4.207   -16.542 1.00 23.76 ? 199 HOH A O   1 
HETATM 1324 O O   . HOH B 2 .   ? 5.886   -5.052  -8.063  1.00 15.87 ? 200 HOH A O   1 
HETATM 1325 O O   . HOH B 2 .   ? 5.472   1.154   -12.026 1.00 15.71 ? 201 HOH A O   1 
HETATM 1326 O O   . HOH B 2 .   ? -14.302 0.512   3.975   1.00 12.33 ? 202 HOH A O   1 
HETATM 1327 O O   . HOH B 2 .   ? -2.001  -4.988  5.409   1.00 11.48 ? 203 HOH A O   1 
HETATM 1328 O O   . HOH B 2 .   ? -10.016 -5.531  2.245   1.00 11.93 ? 204 HOH A O   1 
HETATM 1329 O O   . HOH B 2 .   ? -12.376 -0.064  6.469   1.00 14.53 ? 205 HOH A O   1 
HETATM 1330 O O   . HOH B 2 .   ? -1.217  -3.685  14.783  1.00 19.84 ? 206 HOH A O   1 
HETATM 1331 O O   . HOH B 2 .   ? -1.049  -9.881  14.226  0.50 20.23 ? 207 HOH A O   1 
HETATM 1332 O O   . HOH B 2 .   ? -9.086  -6.901  14.647  1.00 19.27 ? 208 HOH A O   1 
HETATM 1333 O O   . HOH B 2 .   ? -14.336 11.055  -5.342  1.00 16.76 ? 209 HOH A O   1 
HETATM 1334 O O   . HOH B 2 .   ? -5.296  4.145   -20.838 1.00 18.69 ? 210 HOH A O   1 
HETATM 1335 O O   . HOH B 2 .   ? 9.314   -16.478 7.004   1.00 24.01 ? 211 HOH A O   1 
HETATM 1336 O O   . HOH B 2 .   ? -13.637 6.972   8.279   1.00 24.76 ? 212 HOH A O   1 
HETATM 1337 O O   . HOH B 2 .   ? 12.532  -16.783 6.209   1.00 16.48 ? 213 HOH A O   1 
HETATM 1338 O O   . HOH B 2 .   ? 1.233   9.055   -17.193 1.00 15.85 ? 214 HOH A O   1 
HETATM 1339 O O   . HOH B 2 .   ? 16.656  -0.438  0.079   1.00 19.34 ? 215 HOH A O   1 
HETATM 1340 O O   . HOH B 2 .   ? -8.461  -6.926  7.282   1.00 11.44 ? 216 HOH A O   1 
HETATM 1341 O O   . HOH B 2 .   ? 14.920  -0.919  2.434   1.00 21.76 ? 217 HOH A O   1 
HETATM 1342 O O   . HOH B 2 .   ? 5.340   -1.081  16.232  1.00 25.20 ? 218 HOH A O   1 
HETATM 1343 O O   . HOH B 2 .   ? -10.346 7.998   -0.202  1.00 22.80 ? 219 HOH A O   1 
HETATM 1344 O O   . HOH B 2 .   ? -12.296 11.221  -9.549  1.00 20.01 ? 220 HOH A O   1 
HETATM 1345 O O   . HOH B 2 .   ? -8.330  1.219   -15.430 1.00 20.04 ? 221 HOH A O   1 
HETATM 1346 O O   . HOH B 2 .   ? -6.572  13.138  -7.926  1.00 19.75 ? 222 HOH A O   1 
HETATM 1347 O O   . HOH B 2 .   ? -14.557 -10.782 7.574   1.00 22.86 ? 223 HOH A O   1 
HETATM 1348 O O   . HOH B 2 .   ? 12.021  3.542   -10.727 1.00 15.32 ? 224 HOH A O   1 
HETATM 1349 O O   . HOH B 2 .   ? 12.127  -9.904  4.071   1.00 16.35 ? 225 HOH A O   1 
HETATM 1350 O O   . HOH B 2 .   ? 5.527   12.473  -12.044 1.00 21.80 ? 226 HOH A O   1 
HETATM 1351 O O   . HOH B 2 .   ? 16.109  4.605   -1.507  1.00 19.87 ? 227 HOH A O   1 
HETATM 1352 O O   . HOH B 2 .   ? -9.628  6.508   -23.711 1.00 24.27 ? 228 HOH A O   1 
HETATM 1353 O O   . HOH B 2 .   ? -9.927  -0.803  -6.187  1.00 27.38 ? 229 HOH A O   1 
HETATM 1354 O O   . HOH B 2 .   ? -6.421  -5.533  -8.190  1.00 29.82 ? 230 HOH A O   1 
HETATM 1355 O O   . HOH B 2 .   ? 6.944   2.458   13.524  1.00 27.56 ? 231 HOH A O   1 
HETATM 1356 O O   . HOH B 2 .   ? -19.167 -4.680  4.506   1.00 26.39 ? 232 HOH A O   1 
HETATM 1357 O O   . HOH B 2 .   ? 8.342   -9.802  14.005  1.00 24.06 ? 233 HOH A O   1 
HETATM 1358 O O   . HOH B 2 .   ? -13.892 -14.689 -0.771  1.00 20.35 ? 234 HOH A O   1 
HETATM 1359 O O   . HOH B 2 .   ? -9.157  -15.165 5.045   1.00 19.31 ? 235 HOH A O   1 
HETATM 1360 O O   . HOH B 2 .   ? 10.873  13.431  0.280   1.00 23.45 ? 236 HOH A O   1 
HETATM 1361 O O   . HOH B 2 .   ? -7.740  8.166   -15.239 1.00 22.37 ? 237 HOH A O   1 
HETATM 1362 O O   . HOH B 2 .   ? -16.548 7.426   2.258   1.00 30.19 ? 238 HOH A O   1 
HETATM 1363 O O   . HOH B 2 .   ? -16.717 -3.370  11.000  1.00 24.97 ? 239 HOH A O   1 
HETATM 1364 O O   . HOH B 2 .   ? -6.315  -0.088  -22.734 1.00 26.87 ? 240 HOH A O   1 
HETATM 1365 O O   . HOH B 2 .   ? -11.181 0.276   -12.338 1.00 25.63 ? 241 HOH A O   1 
HETATM 1366 O O   . HOH B 2 .   ? 2.839   8.711   19.691  1.00 27.78 ? 242 HOH A O   1 
HETATM 1367 O O   . HOH B 2 .   ? -1.044  11.674  -16.194 1.00 34.82 ? 243 HOH A O   1 
HETATM 1368 O O   . HOH B 2 .   ? 13.773  8.857   -3.252  1.00 21.33 ? 244 HOH A O   1 
HETATM 1369 O O   . HOH B 2 .   ? -3.815  -5.316  -9.697  1.00 22.64 ? 245 HOH A O   1 
HETATM 1370 O O   . HOH B 2 .   ? 14.112  9.483   -15.227 1.00 32.45 ? 246 HOH A O   1 
HETATM 1371 O O   . HOH B 2 .   ? 8.419   13.732  0.968   1.00 31.34 ? 247 HOH A O   1 
HETATM 1372 O O   . HOH B 2 .   ? 14.599  6.440   -4.428  1.00 16.95 ? 248 HOH A O   1 
HETATM 1373 O O   . HOH B 2 .   ? -5.226  14.089  -4.656  1.00 24.81 ? 249 HOH A O   1 
HETATM 1374 O O   . HOH B 2 .   ? -15.772 -9.424  4.187   1.00 21.24 ? 250 HOH A O   1 
HETATM 1375 O O   . HOH B 2 .   ? -19.787 0.976   -0.818  1.00 33.62 ? 251 HOH A O   1 
HETATM 1376 O O   . HOH B 2 .   ? -5.913  11.054  4.473   1.00 26.63 ? 252 HOH A O   1 
HETATM 1377 O O   . HOH B 2 .   ? -11.394 -1.796  16.035  1.00 25.45 ? 253 HOH A O   1 
HETATM 1378 O O   . HOH B 2 .   ? 7.444   -0.141  14.337  1.00 30.02 ? 254 HOH A O   1 
HETATM 1379 O O   . HOH B 2 .   ? 12.994  -18.760 -2.671  1.00 20.37 ? 255 HOH A O   1 
HETATM 1380 O O   . HOH B 2 .   ? -14.094 -7.502  1.236   1.00 21.36 ? 256 HOH A O   1 
HETATM 1381 O O   . HOH B 2 .   ? -1.295  13.815  -9.813  1.00 24.72 ? 257 HOH A O   1 
HETATM 1382 O O   . HOH B 2 .   ? 5.502   9.183   -18.580 1.00 34.65 ? 258 HOH A O   1 
HETATM 1383 O O   . HOH B 2 .   ? 2.062   -2.652  -14.507 1.00 21.78 ? 259 HOH A O   1 
HETATM 1384 O O   . HOH B 2 .   ? -1.889  -2.571  -14.187 1.00 31.17 ? 260 HOH A O   1 
HETATM 1385 O O   . HOH B 2 .   ? -4.736  7.608   -20.056 1.00 25.96 ? 261 HOH A O   1 
HETATM 1386 O O   . HOH B 2 .   ? -3.584  12.087  4.989   1.00 25.90 ? 262 HOH A O   1 
HETATM 1387 O O   . HOH B 2 .   ? -14.524 -2.964  -4.822  1.00 21.91 ? 263 HOH A O   1 
HETATM 1388 O O   . HOH B 2 .   ? -11.934 -16.753 -0.580  1.00 22.26 ? 264 HOH A O   1 
HETATM 1389 O O   . HOH B 2 .   ? -2.692  -7.887  15.350  1.00 16.06 ? 265 HOH A O   1 
HETATM 1390 O O   . HOH B 2 .   ? 2.678   -1.581  16.231  1.00 23.60 ? 266 HOH A O   1 
HETATM 1391 O O   . HOH B 2 .   ? -6.003  -7.618  -6.081  1.00 31.82 ? 267 HOH A O   1 
HETATM 1392 O O   . HOH B 2 .   ? -2.731  12.865  -12.117 1.00 31.15 ? 268 HOH A O   1 
HETATM 1393 O O   . HOH B 2 .   ? 13.557  9.332   -0.559  1.00 29.12 ? 269 HOH A O   1 
HETATM 1394 O O   . HOH B 2 .   ? -14.359 -6.104  -5.013  1.00 32.86 ? 270 HOH A O   1 
HETATM 1395 O O   . HOH B 2 .   ? -15.957 -7.329  9.164   1.00 31.65 ? 271 HOH A O   1 
HETATM 1396 O O   . HOH B 2 .   ? -13.882 -6.739  -2.561  1.00 23.43 ? 272 HOH A O   1 
HETATM 1397 O O   . HOH B 2 .   ? -13.435 -14.032 -3.717  1.00 28.21 ? 273 HOH A O   1 
HETATM 1398 O O   . HOH B 2 .   ? -9.803  -5.501  -7.550  1.00 33.06 ? 274 HOH A O   1 
HETATM 1399 O O   . HOH B 2 .   ? 15.872  13.187  -7.494  1.00 36.34 ? 275 HOH A O   1 
HETATM 1400 O O   . HOH B 2 .   ? 3.951   -15.378 4.603   1.00 23.11 ? 276 HOH A O   1 
HETATM 1401 O O   . HOH B 2 .   ? -6.491  10.267  -16.747 1.00 29.49 ? 277 HOH A O   1 
HETATM 1402 O O   . HOH B 2 .   ? -15.672 -8.018  -1.095  1.00 30.28 ? 278 HOH A O   1 
HETATM 1403 O O   . HOH B 2 .   ? 12.928  1.311   -11.828 1.00 24.44 ? 279 HOH A O   1 
HETATM 1404 O O   . HOH B 2 .   ? 3.719   16.350  -6.972  1.00 27.17 ? 280 HOH A O   1 
HETATM 1405 O O   . HOH B 2 .   ? 6.763   -3.810  16.195  1.00 30.65 ? 281 HOH A O   1 
HETATM 1406 O O   . HOH B 2 .   ? 11.261  -11.101 12.886  1.00 28.31 ? 282 HOH A O   1 
HETATM 1407 O O   . HOH B 2 .   ? -11.985 -5.463  -5.423  1.00 28.92 ? 283 HOH A O   1 
HETATM 1408 O O   . HOH B 2 .   ? 4.805   16.323  2.915   1.00 30.11 ? 284 HOH A O   1 
HETATM 1409 O O   . HOH B 2 .   ? -17.193 -6.954  2.265   1.00 28.30 ? 285 HOH A O   1 
HETATM 1410 O O   . HOH B 2 .   ? 2.209   -15.620 -5.487  1.00 35.25 ? 286 HOH A O   1 
HETATM 1411 O O   . HOH B 2 .   ? 11.529  -21.188 -2.862  1.00 27.31 ? 287 HOH A O   1 
HETATM 1412 O O   . HOH B 2 .   ? 1.605   -2.236  -17.016 1.00 33.31 ? 288 HOH A O   1 
HETATM 1413 O O   . HOH B 2 .   ? 1.282   10.206  -19.577 1.00 34.63 ? 289 HOH A O   1 
HETATM 1414 O O   . HOH B 2 .   ? 5.823   -0.615  -14.335 1.00 34.08 ? 290 HOH A O   1 
HETATM 1415 O O   . HOH B 2 .   ? -3.788  13.794  12.155  1.00 36.72 ? 291 HOH A O   1 
HETATM 1416 O O   . HOH B 2 .   ? -11.092 7.377   6.963   1.00 30.43 ? 292 HOH A O   1 
HETATM 1417 O O   . HOH B 2 .   ? -6.245  -2.356  -20.924 1.00 35.45 ? 293 HOH A O   1 
HETATM 1418 O O   . HOH B 2 .   ? -13.237 0.325   -7.843  1.00 29.70 ? 294 HOH A O   1 
HETATM 1419 O O   . HOH B 2 .   ? -2.694  12.800  -14.659 1.00 33.16 ? 295 HOH A O   1 
HETATM 1420 O O   . HOH B 2 .   ? -1.458  -14.456 -1.304  1.00 35.83 ? 296 HOH A O   1 
HETATM 1421 O O   . HOH B 2 .   ? -11.707 13.951  -8.858  1.00 26.26 ? 297 HOH A O   1 
HETATM 1422 O O   . HOH B 2 .   ? 7.691   11.861  3.850   1.00 39.52 ? 298 HOH A O   1 
HETATM 1423 O O   . HOH B 2 .   ? -12.853 14.085  -6.148  1.00 41.55 ? 299 HOH A O   1 
HETATM 1424 O O   . HOH B 2 .   ? -1.332  -6.524  17.087  1.00 32.15 ? 300 HOH A O   1 
HETATM 1425 O O   . HOH B 2 .   ? 5.350   -4.700  -10.953 1.00 35.13 ? 301 HOH A O   1 
HETATM 1426 O O   . HOH B 2 .   ? -7.647  11.498  6.331   1.00 24.86 ? 302 HOH A O   1 
HETATM 1427 O O   . HOH B 2 .   ? -9.375  -1.136  -13.675 1.00 41.71 ? 303 HOH A O   1 
HETATM 1428 O O   . HOH B 2 .   ? -0.959  -5.007  -13.883 1.00 47.50 ? 304 HOH A O   1 
HETATM 1429 O O   . HOH B 2 .   ? -6.623  -10.733 -2.938  1.00 28.96 ? 305 HOH A O   1 
HETATM 1430 O O   . HOH B 2 .   ? 11.616  10.349  -14.453 1.00 41.80 ? 306 HOH A O   1 
HETATM 1431 O O   . HOH B 2 .   ? 13.367  -2.821  4.933   1.00 47.65 ? 307 HOH A O   1 
HETATM 1432 O O   . HOH B 2 .   ? -10.149 10.722  6.337   1.00 40.88 ? 308 HOH A O   1 
HETATM 1433 O O   . HOH B 2 .   ? -4.548  -2.728  18.882  1.00 37.13 ? 309 HOH A O   1 
HETATM 1434 O O   . HOH B 2 .   ? -4.664  8.854   14.420  1.00 34.16 ? 310 HOH A O   1 
HETATM 1435 O O   . HOH B 2 .   ? 3.481   -0.104  -17.939 1.00 27.95 ? 311 HOH A O   1 
HETATM 1436 O O   . HOH B 2 .   ? -6.806  4.733   14.292  1.00 32.14 ? 312 HOH A O   1 
HETATM 1437 O O   . HOH B 2 .   ? 5.959   15.003  -10.719 1.00 36.27 ? 313 HOH A O   1 
HETATM 1438 O O   . HOH B 2 .   ? 14.157  -6.622  8.654   1.00 34.93 ? 314 HOH A O   1 
HETATM 1439 O O   . HOH B 2 .   ? 18.469  1.373   1.236   1.00 33.56 ? 315 HOH A O   1 
HETATM 1440 O O   . HOH B 2 .   ? -1.287  1.527   18.138  1.00 33.91 ? 316 HOH A O   1 
HETATM 1441 O O   . HOH B 2 .   ? -10.879 -3.054  -9.885  1.00 28.63 ? 317 HOH A O   1 
HETATM 1442 O O   . HOH B 2 .   ? -4.560  -5.464  19.185  1.00 35.36 ? 318 HOH A O   1 
HETATM 1443 O O   . HOH B 2 .   ? 1.599   -5.212  -14.646 1.00 34.94 ? 319 HOH A O   1 
HETATM 1444 O O   . HOH B 2 .   ? 5.991   18.132  -6.548  1.00 36.42 ? 320 HOH A O   1 
HETATM 1445 O O   . HOH B 2 .   ? 4.857   -2.364  -12.534 1.00 31.18 ? 321 HOH A O   1 
HETATM 1446 O O   . HOH B 2 .   ? 9.066   5.279   11.446  1.00 32.55 ? 322 HOH A O   1 
HETATM 1447 O O   . HOH B 2 .   ? -11.977 14.555  1.362   1.00 40.48 ? 323 HOH A O   1 
HETATM 1448 O O   . HOH B 2 .   ? 9.895   -9.280  -2.048  1.00 26.30 ? 324 HOH A O   1 
HETATM 1449 O O   . HOH B 2 .   ? -3.813  -1.767  -15.496 1.00 41.10 ? 325 HOH A O   1 
HETATM 1450 O O   . HOH B 2 .   ? -16.842 10.385  0.694   1.00 41.49 ? 326 HOH A O   1 
HETATM 1451 O O   . HOH B 2 .   ? -12.017 -8.878  14.039  1.00 29.18 ? 327 HOH A O   1 
HETATM 1452 O O   . HOH B 2 .   ? -6.407  14.068  2.890   1.00 25.42 ? 328 HOH A O   1 
HETATM 1453 O O   . HOH B 2 .   ? -1.123  -19.831 3.275   1.00 37.86 ? 329 HOH A O   1 
HETATM 1454 O O   . HOH B 2 .   ? -1.263  7.527   -20.182 1.00 37.91 ? 330 HOH A O   1 
HETATM 1455 O O   . HOH B 2 .   ? -7.872  -17.771 4.603   1.00 28.35 ? 331 HOH A O   1 
HETATM 1456 O O   . HOH B 2 .   ? -10.517 -16.832 -2.868  1.00 37.13 ? 332 HOH A O   1 
HETATM 1457 O O   . HOH B 2 .   ? 7.780   8.098   18.769  1.00 42.95 ? 333 HOH A O   1 
HETATM 1458 O O   . HOH B 2 .   ? -9.458  8.358   8.909   1.00 34.36 ? 334 HOH A O   1 
HETATM 1459 O O   . HOH B 2 .   ? -11.753 -3.264  -7.057  1.00 36.29 ? 335 HOH A O   1 
HETATM 1460 O O   . HOH B 2 .   ? -0.108  -14.712 -4.504  1.00 32.62 ? 336 HOH A O   1 
HETATM 1461 O O   . HOH B 2 .   ? 7.943   -6.818  -7.815  1.00 30.91 ? 337 HOH A O   1 
HETATM 1462 O O   . HOH B 2 .   ? 4.322   -16.743 -6.790  1.00 48.33 ? 338 HOH A O   1 
HETATM 1463 O O   . HOH B 2 .   ? 8.404   0.198   20.147  1.00 36.58 ? 339 HOH A O   1 
HETATM 1464 O O   . HOH B 2 .   ? -12.496 -0.520  -10.134 1.00 34.81 ? 340 HOH A O   1 
HETATM 1465 O O   . HOH B 2 .   ? 14.888  -3.590  3.072   1.00 45.45 ? 341 HOH A O   1 
HETATM 1466 O O   . HOH B 2 .   ? 9.685   -19.941 1.113   1.00 33.70 ? 342 HOH A O   1 
HETATM 1467 O O   . HOH B 2 .   ? 0.315   17.498  -2.114  1.00 40.39 ? 343 HOH A O   1 
HETATM 1468 O O   . HOH B 2 .   ? -6.801  -0.949  -14.058 1.00 31.11 ? 344 HOH A O   1 
HETATM 1469 O O   . HOH B 2 .   ? -12.284 -19.589 -0.236  1.00 36.03 ? 345 HOH A O   1 
HETATM 1470 O O   . HOH B 2 .   ? -4.698  -9.267  -3.110  1.00 37.73 ? 346 HOH A O   1 
HETATM 1471 O O   . HOH B 2 .   ? 5.405   11.752  -15.134 1.00 43.19 ? 347 HOH A O   1 
HETATM 1472 O O   . HOH B 2 .   ? 6.974   15.603  -0.657  1.00 34.11 ? 348 HOH A O   1 
HETATM 1473 O O   . HOH B 2 .   ? -10.687 -16.251 1.971   1.00 37.22 ? 349 HOH A O   1 
HETATM 1474 O O   . HOH B 2 .   ? -4.822  16.673  -9.186  1.00 44.47 ? 350 HOH A O   1 
HETATM 1475 O O   . HOH B 2 .   ? -4.763  -18.394 1.016   1.00 38.13 ? 351 HOH A O   1 
HETATM 1476 O O   . HOH B 2 .   ? -7.746  9.022   10.673  1.00 42.44 ? 352 HOH A O   1 
HETATM 1477 O O   . HOH B 2 .   ? 9.537   -7.364  -5.724  1.00 29.14 ? 353 HOH A O   1 
HETATM 1478 O O   . HOH B 2 .   ? 7.037   15.156  -5.431  1.00 36.79 ? 354 HOH A O   1 
HETATM 1479 O O   . HOH B 2 .   ? 13.043  -0.788  8.994   1.00 23.13 ? 355 HOH A O   1 
HETATM 1480 O O   . HOH B 2 .   ? -20.254 4.923   1.446   1.00 36.38 ? 356 HOH A O   1 
HETATM 1481 O O   . HOH B 2 .   ? 9.441   7.990   9.323   1.00 43.48 ? 357 HOH A O   1 
HETATM 1482 O O   . HOH B 2 .   ? 14.394  1.828   8.391   1.00 37.13 ? 358 HOH A O   1 
HETATM 1483 O O   . HOH B 2 .   ? -18.490 -7.326  -0.548  1.00 46.97 ? 359 HOH A O   1 
HETATM 1484 O O   . HOH B 2 .   ? -1.817  -21.266 1.180   1.00 40.93 ? 360 HOH A O   1 
HETATM 1485 O O   . HOH B 2 .   ? -16.709 3.240   12.417  1.00 46.40 ? 361 HOH A O   1 
HETATM 1486 O O   . HOH B 2 .   ? 9.288   -5.579  15.456  1.00 35.35 ? 362 HOH A O   1 
HETATM 1487 O O   . HOH B 2 .   ? 7.641   16.039  -3.270  1.00 32.44 ? 363 HOH A O   1 
HETATM 1488 O O   . HOH B 2 .   ? -8.703  -2.692  18.206  1.00 45.59 ? 364 HOH A O   1 
HETATM 1489 O O   . HOH B 2 .   ? -16.836 10.858  6.456   1.00 42.82 ? 365 HOH A O   1 
HETATM 1490 O O   . HOH B 2 .   ? 19.771  4.702   -16.329 1.00 37.00 ? 366 HOH A O   1 
HETATM 1491 O O   . HOH B 2 .   ? -15.651 12.453  1.822   1.00 32.13 ? 367 HOH A O   1 
HETATM 1492 O O   . HOH B 2 .   ? 11.360  10.224  7.348   1.00 39.96 ? 368 HOH A O   1 
HETATM 1493 O O   . HOH B 2 .   ? -7.158  -13.632 -4.324  1.00 37.98 ? 369 HOH A O   1 
HETATM 1494 O O   . HOH B 2 .   ? 6.190   11.760  9.177   1.00 33.83 ? 370 HOH A O   1 
HETATM 1495 O O   . HOH B 2 .   ? -6.991  8.055   13.140  1.00 41.08 ? 371 HOH A O   1 
HETATM 1496 O O   . HOH B 2 .   ? 12.023  -3.962  12.573  1.00 38.56 ? 372 HOH A O   1 
HETATM 1497 O O   . HOH B 2 .   ? 9.973   14.820  -2.866  1.00 43.10 ? 373 HOH A O   1 
HETATM 1498 O O   . HOH B 2 .   ? -6.663  12.895  8.341   1.00 41.55 ? 374 HOH A O   1 
HETATM 1499 O O   . HOH B 2 .   ? -4.886  14.459  -11.258 1.00 44.41 ? 375 HOH A O   1 
HETATM 1500 O O   . HOH B 2 .   ? -4.540  7.387   16.943  1.00 39.36 ? 376 HOH A O   1 
HETATM 1501 O O   . HOH B 2 .   ? 10.990  3.311   15.140  1.00 37.16 ? 377 HOH A O   1 
HETATM 1502 O O   . HOH B 2 .   ? -3.329  4.057   -22.378 1.00 39.37 ? 378 HOH A O   1 
HETATM 1503 O O   . HOH B 2 .   ? 4.316   16.439  0.397   1.00 24.16 ? 379 HOH A O   1 
HETATM 1504 O O   . HOH B 2 .   ? 12.298  -19.726 1.937   1.00 24.26 ? 380 HOH A O   1 
HETATM 1505 O O   . HOH B 2 .   ? -2.434  -17.817 0.826   1.00 37.85 ? 381 HOH A O   1 
HETATM 1506 O O   . HOH B 2 .   ? 9.158   13.049  -8.861  1.00 35.41 ? 382 HOH A O   1 
HETATM 1507 O O   . HOH B 2 .   ? 13.310  -2.577  10.897  1.00 25.37 ? 383 HOH A O   1 
HETATM 1508 O O   . HOH B 2 .   ? 17.642  4.108   0.890   1.00 38.51 ? 384 HOH A O   1 
HETATM 1509 O O   . HOH B 2 .   ? -3.680  -4.649  -12.334 1.00 43.94 ? 385 HOH A O   1 
HETATM 1510 O O   . HOH B 2 .   ? 8.187   13.261  -6.371  1.00 39.56 ? 386 HOH A O   1 
HETATM 1511 O O   . HOH B 2 .   ? -0.583  16.387  -9.614  1.00 47.33 ? 387 HOH A O   1 
HETATM 1512 O O   . HOH B 2 .   ? -10.989 11.207  -14.434 1.00 31.04 ? 388 HOH A O   1 
HETATM 1513 O O   . HOH B 2 .   ? -1.427  -13.915 1.679   1.00 31.81 ? 389 HOH A O   1 
HETATM 1514 O O   . HOH B 2 .   ? -6.440  -17.267 6.263   1.00 24.16 ? 390 HOH A O   1 
HETATM 1515 O O   . HOH B 2 .   ? 12.264  0.083   -6.893  1.00 21.45 ? 391 HOH A O   1 
HETATM 1516 O O   . HOH B 2 .   ? 10.171  -18.217 -5.791  1.00 35.42 ? 392 HOH A O   1 
HETATM 1517 O O   . HOH B 2 .   ? -16.725 -1.221  -5.310  1.00 46.42 ? 393 HOH A O   1 
HETATM 1518 O O   . HOH B 2 .   ? 9.685   -21.778 -0.553  1.00 32.89 ? 394 HOH A O   1 
HETATM 1519 O O   . HOH B 2 .   ? 9.191   -0.068  -15.722 1.00 56.30 ? 395 HOH A O   1 
HETATM 1520 O O   . HOH B 2 .   ? 13.076  3.723   -8.664  1.00 31.26 ? 396 HOH A O   1 
HETATM 1521 O O   . HOH B 2 .   ? -1.695  1.347   -22.483 1.00 39.66 ? 397 HOH A O   1 
HETATM 1522 O O   . HOH B 2 .   ? 2.792   16.222  -8.836  1.00 41.51 ? 398 HOH A O   1 
HETATM 1523 O O   . HOH B 2 .   ? -17.383 11.310  -1.697  1.00 40.02 ? 399 HOH A O   1 
HETATM 1524 O O   . HOH B 2 .   ? 13.911  7.847   -16.753 1.00 38.19 ? 400 HOH A O   1 
HETATM 1525 O O   . HOH B 2 .   ? -17.407 10.112  -4.947  1.00 40.14 ? 401 HOH A O   1 
# 
loop_
_pdbx_poly_seq_scheme.asym_id 
_pdbx_poly_seq_scheme.entity_id 
_pdbx_poly_seq_scheme.seq_id 
_pdbx_poly_seq_scheme.mon_id 
_pdbx_poly_seq_scheme.ndb_seq_num 
_pdbx_poly_seq_scheme.pdb_seq_num 
_pdbx_poly_seq_scheme.auth_seq_num 
_pdbx_poly_seq_scheme.pdb_mon_id 
_pdbx_poly_seq_scheme.auth_mon_id 
_pdbx_poly_seq_scheme.pdb_strand_id 
_pdbx_poly_seq_scheme.pdb_ins_code 
_pdbx_poly_seq_scheme.hetero 
A 1 1   MET 1   1   ?   ?   ?   A . n 
A 1 2   HIS 2   2   ?   ?   ?   A . n 
A 1 3   HIS 3   3   ?   ?   ?   A . n 
A 1 4   HIS 4   4   ?   ?   ?   A . n 
A 1 5   HIS 5   5   ?   ?   ?   A . n 
A 1 6   HIS 6   6   ?   ?   ?   A . n 
A 1 7   HIS 7   7   ?   ?   ?   A . n 
A 1 8   SER 8   8   ?   ?   ?   A . n 
A 1 9   SER 9   9   ?   ?   ?   A . n 
A 1 10  GLY 10  10  ?   ?   ?   A . n 
A 1 11  ARG 11  11  ?   ?   ?   A . n 
A 1 12  GLU 12  12  ?   ?   ?   A . n 
A 1 13  ASN 13  13  ?   ?   ?   A . n 
A 1 14  LEU 14  14  14  LEU LEU A . n 
A 1 15  TYR 15  15  15  TYR TYR A . n 
A 1 16  PHE 16  16  16  PHE PHE A . n 
A 1 17  GLN 17  17  17  GLN GLN A . n 
A 1 18  GLY 18  18  18  GLY GLY A . n 
A 1 19  ASN 19  19  19  ASN ASN A . n 
A 1 20  PRO 20  20  20  PRO PRO A . n 
A 1 21  VAL 21  21  21  VAL VAL A . n 
A 1 22  VAL 22  22  22  VAL VAL A . n 
A 1 23  TYR 23  23  23  TYR TYR A . n 
A 1 24  PHE 24  24  24  PHE PHE A . n 
A 1 25  ASP 25  25  25  ASP ASP A . n 
A 1 26  ILE 26  26  26  ILE ILE A . n 
A 1 27  SER 27  27  27  SER SER A . n 
A 1 28  ILE 28  28  28  ILE ILE A . n 
A 1 29  GLY 29  29  29  GLY GLY A . n 
A 1 30  GLN 30  30  30  GLN GLN A . n 
A 1 31  THR 31  31  31  THR THR A . n 
A 1 32  PRO 32  32  32  PRO PRO A . n 
A 1 33  ALA 33  33  33  ALA ALA A . n 
A 1 34  GLY 34  34  34  GLY GLY A . n 
A 1 35  ARG 35  35  35  ARG ARG A . n 
A 1 36  ILE 36  36  36  ILE ILE A . n 
A 1 37  THR 37  37  37  THR THR A . n 
A 1 38  MET 38  38  38  MET MET A . n 
A 1 39  GLU 39  39  39  GLU GLU A . n 
A 1 40  LEU 40  40  40  LEU LEU A . n 
A 1 41  PHE 41  41  41  PHE PHE A . n 
A 1 42  ALA 42  42  42  ALA ALA A . n 
A 1 43  ASP 43  43  43  ASP ASP A . n 
A 1 44  LYS 44  44  44  LYS LYS A . n 
A 1 45  VAL 45  45  45  VAL VAL A . n 
A 1 46  PRO 46  46  46  PRO PRO A . n 
A 1 47  ILE 47  47  47  ILE ILE A . n 
A 1 48  THR 48  48  48  THR THR A . n 
A 1 49  ALA 49  49  49  ALA ALA A . n 
A 1 50  GLU 50  50  50  GLU GLU A . n 
A 1 51  ASN 51  51  51  ASN ASN A . n 
A 1 52  PHE 52  52  52  PHE PHE A . n 
A 1 53  ARG 53  53  53  ARG ARG A . n 
A 1 54  ALA 54  54  54  ALA ALA A . n 
A 1 55  LEU 55  55  55  LEU LEU A . n 
A 1 56  CYS 56  56  56  CYS CYS A . n 
A 1 57  THR 57  57  57  THR THR A . n 
A 1 58  GLY 58  58  58  GLY GLY A . n 
A 1 59  GLU 59  59  59  GLU GLU A . n 
A 1 60  LYS 60  60  60  LYS LYS A . n 
A 1 61  GLY 61  61  61  GLY GLY A . n 
A 1 62  MET 62  62  62  MET MET A . n 
A 1 63  GLY 63  63  63  GLY GLY A . n 
A 1 64  GLN 64  64  64  GLN GLN A . n 
A 1 65  SER 65  65  65  SER SER A . n 
A 1 66  GLY 66  66  66  GLY GLY A . n 
A 1 67  LYS 67  67  67  LYS LYS A . n 
A 1 68  PRO 68  68  68  PRO PRO A . n 
A 1 69  LEU 69  69  69  LEU LEU A . n 
A 1 70  CYS 70  70  70  CYS CYS A . n 
A 1 71  TYR 71  71  71  TYR TYR A . n 
A 1 72  THR 72  72  72  THR THR A . n 
A 1 73  GLY 73  73  73  GLY GLY A . n 
A 1 74  SER 74  74  74  SER SER A . n 
A 1 75  PHE 75  75  75  PHE PHE A . n 
A 1 76  PHE 76  76  76  PHE PHE A . n 
A 1 77  HIS 77  77  77  HIS HIS A . n 
A 1 78  ARG 78  78  78  ARG ARG A . n 
A 1 79  ILE 79  79  79  ILE ILE A . n 
A 1 80  ILE 80  80  80  ILE ILE A . n 
A 1 81  PRO 81  81  81  PRO PRO A . n 
A 1 82  GLN 82  82  82  GLN GLN A . n 
A 1 83  PHE 83  83  83  PHE PHE A . n 
A 1 84  MET 84  84  84  MET MET A . n 
A 1 85  ILE 85  85  85  ILE ILE A . n 
A 1 86  GLN 86  86  86  GLN GLN A . n 
A 1 87  GLY 87  87  87  GLY GLY A . n 
A 1 88  GLY 88  88  88  GLY GLY A . n 
A 1 89  ASP 89  89  89  ASP ASP A . n 
A 1 90  PHE 90  90  90  PHE PHE A . n 
A 1 91  THR 91  91  91  THR THR A . n 
A 1 92  ARG 92  92  92  ARG ARG A . n 
A 1 93  GLY 93  93  93  GLY GLY A . n 
A 1 94  ASP 94  94  94  ASP ASP A . n 
A 1 95  GLY 95  95  95  GLY GLY A . n 
A 1 96  THR 96  96  96  THR THR A . n 
A 1 97  GLY 97  97  97  GLY GLY A . n 
A 1 98  GLY 98  98  98  GLY GLY A . n 
A 1 99  GLU 99  99  99  GLU GLU A . n 
A 1 100 SER 100 100 100 SER SER A . n 
A 1 101 ILE 101 101 101 ILE ILE A . n 
A 1 102 TYR 102 102 102 TYR TYR A . n 
A 1 103 GLY 103 103 103 GLY GLY A . n 
A 1 104 SER 104 104 ?   ?   ?   A . n 
A 1 105 LYS 105 105 105 LYS LYS A . n 
A 1 106 PHE 106 106 106 PHE PHE A . n 
A 1 107 ARG 107 107 107 ARG ARG A . n 
A 1 108 ASP 108 108 108 ASP ASP A . n 
A 1 109 GLU 109 109 109 GLU GLU A . n 
A 1 110 ASN 110 110 110 ASN ASN A . n 
A 1 111 PHE 111 111 111 PHE PHE A . n 
A 1 112 VAL 112 112 112 VAL VAL A . n 
A 1 113 TYR 113 113 113 TYR TYR A . n 
A 1 114 THR 114 114 114 THR THR A . n 
A 1 115 HIS 115 115 115 HIS HIS A . n 
A 1 116 ASP 116 116 116 ASP ASP A . n 
A 1 117 ALA 117 117 117 ALA ALA A . n 
A 1 118 PRO 118 118 118 PRO PRO A . n 
A 1 119 PHE 119 119 119 PHE PHE A . n 
A 1 120 LEU 120 120 120 LEU LEU A . n 
A 1 121 LEU 121 121 121 LEU LEU A . n 
A 1 122 SER 122 122 122 SER SER A . n 
A 1 123 MET 123 123 123 MET MET A . n 
A 1 124 ALA 124 124 124 ALA ALA A . n 
A 1 125 ASN 125 125 125 ASN ASN A . n 
A 1 126 ALA 126 126 126 ALA ALA A . n 
A 1 127 GLY 127 127 127 GLY GLY A . n 
A 1 128 PRO 128 128 128 PRO PRO A . n 
A 1 129 ASN 129 129 129 ASN ASN A . n 
A 1 130 THR 130 130 130 THR THR A . n 
A 1 131 ASN 131 131 131 ASN ASN A . n 
A 1 132 GLY 132 132 132 GLY GLY A . n 
A 1 133 SER 133 133 133 SER SER A . n 
A 1 134 GLN 134 134 134 GLN GLN A . n 
A 1 135 PHE 135 135 135 PHE PHE A . n 
A 1 136 PHE 136 136 136 PHE PHE A . n 
A 1 137 ILE 137 137 137 ILE ILE A . n 
A 1 138 THR 138 138 138 THR THR A . n 
A 1 139 THR 139 139 139 THR THR A . n 
A 1 140 VAL 140 140 140 VAL VAL A . n 
A 1 141 PRO 141 141 141 PRO PRO A . n 
A 1 142 CYS 142 142 142 CYS CYS A . n 
A 1 143 PRO 143 143 143 PRO PRO A . n 
A 1 144 TRP 144 144 144 TRP TRP A . n 
A 1 145 LEU 145 145 145 LEU LEU A . n 
A 1 146 ASP 146 146 146 ASP ASP A . n 
A 1 147 GLY 147 147 147 GLY GLY A . n 
A 1 148 LYS 148 148 148 LYS LYS A . n 
A 1 149 HIS 149 149 149 HIS HIS A . n 
A 1 150 VAL 150 150 150 VAL VAL A . n 
A 1 151 VAL 151 151 151 VAL VAL A . n 
A 1 152 PHE 152 152 152 PHE PHE A . n 
A 1 153 GLY 153 153 153 GLY GLY A . n 
A 1 154 LYS 154 154 154 LYS LYS A . n 
A 1 155 VAL 155 155 155 VAL VAL A . n 
A 1 156 LEU 156 156 156 LEU LEU A . n 
A 1 157 GLU 157 157 157 GLU GLU A . n 
A 1 158 GLY 158 158 158 GLY GLY A . n 
A 1 159 MET 159 159 159 MET MET A . n 
A 1 160 GLU 160 160 160 GLU GLU A . n 
A 1 161 VAL 161 161 161 VAL VAL A . n 
A 1 162 VAL 162 162 162 VAL VAL A . n 
A 1 163 LYS 163 163 163 LYS LYS A . n 
A 1 164 SER 164 164 164 SER SER A . n 
A 1 165 ILE 165 165 165 ILE ILE A . n 
A 1 166 GLU 166 166 166 GLU GLU A . n 
A 1 167 LYS 167 167 167 LYS LYS A . n 
A 1 168 CYS 168 168 168 CYS CYS A . n 
A 1 169 GLY 169 169 169 GLY GLY A . n 
A 1 170 SER 170 170 170 SER SER A . n 
A 1 171 GLN 171 171 171 GLN GLN A . n 
A 1 172 ASN 172 172 172 ASN ASN A . n 
A 1 173 GLY 173 173 173 GLY GLY A . n 
A 1 174 LYS 174 174 174 LYS LYS A . n 
A 1 175 PRO 175 175 175 PRO PRO A . n 
A 1 176 THR 176 176 176 THR THR A . n 
A 1 177 LYS 177 177 177 LYS LYS A . n 
A 1 178 SER 178 178 178 SER SER A . n 
A 1 179 VAL 179 179 179 VAL VAL A . n 
A 1 180 CYS 180 180 180 CYS CYS A . n 
A 1 181 ILE 181 181 181 ILE ILE A . n 
A 1 182 THR 182 182 182 THR THR A . n 
A 1 183 ALA 183 183 183 ALA ALA A . n 
A 1 184 SER 184 184 184 SER SER A . n 
A 1 185 GLY 185 185 185 GLY GLY A . n 
A 1 186 VAL 186 186 186 VAL VAL A . n 
# 
_pdbx_SG_project.id                    1 
_pdbx_SG_project.project_name          ? 
_pdbx_SG_project.full_name_of_center   'Structural Genomics Consortium' 
_pdbx_SG_project.initial_of_center     SGC 
# 
loop_
_pdbx_nonpoly_scheme.asym_id 
_pdbx_nonpoly_scheme.entity_id 
_pdbx_nonpoly_scheme.mon_id 
_pdbx_nonpoly_scheme.ndb_seq_num 
_pdbx_nonpoly_scheme.pdb_seq_num 
_pdbx_nonpoly_scheme.auth_seq_num 
_pdbx_nonpoly_scheme.pdb_mon_id 
_pdbx_nonpoly_scheme.auth_mon_id 
_pdbx_nonpoly_scheme.pdb_strand_id 
_pdbx_nonpoly_scheme.pdb_ins_code 
B 2 HOH 1   187 1   HOH HOH A . 
B 2 HOH 2   188 2   HOH HOH A . 
B 2 HOH 3   189 3   HOH HOH A . 
B 2 HOH 4   190 4   HOH HOH A . 
B 2 HOH 5   191 5   HOH HOH A . 
B 2 HOH 6   192 6   HOH HOH A . 
B 2 HOH 7   193 7   HOH HOH A . 
B 2 HOH 8   194 8   HOH HOH A . 
B 2 HOH 9   195 9   HOH HOH A . 
B 2 HOH 10  196 10  HOH HOH A . 
B 2 HOH 11  197 11  HOH HOH A . 
B 2 HOH 12  198 12  HOH HOH A . 
B 2 HOH 13  199 13  HOH HOH A . 
B 2 HOH 14  200 15  HOH HOH A . 
B 2 HOH 15  201 16  HOH HOH A . 
B 2 HOH 16  202 17  HOH HOH A . 
B 2 HOH 17  203 18  HOH HOH A . 
B 2 HOH 18  204 19  HOH HOH A . 
B 2 HOH 19  205 20  HOH HOH A . 
B 2 HOH 20  206 21  HOH HOH A . 
B 2 HOH 21  207 22  HOH HOH A . 
B 2 HOH 22  208 23  HOH HOH A . 
B 2 HOH 23  209 24  HOH HOH A . 
B 2 HOH 24  210 25  HOH HOH A . 
B 2 HOH 25  211 26  HOH HOH A . 
B 2 HOH 26  212 27  HOH HOH A . 
B 2 HOH 27  213 28  HOH HOH A . 
B 2 HOH 28  214 29  HOH HOH A . 
B 2 HOH 29  215 30  HOH HOH A . 
B 2 HOH 30  216 31  HOH HOH A . 
B 2 HOH 31  217 32  HOH HOH A . 
B 2 HOH 32  218 33  HOH HOH A . 
B 2 HOH 33  219 34  HOH HOH A . 
B 2 HOH 34  220 35  HOH HOH A . 
B 2 HOH 35  221 37  HOH HOH A . 
B 2 HOH 36  222 38  HOH HOH A . 
B 2 HOH 37  223 39  HOH HOH A . 
B 2 HOH 38  224 40  HOH HOH A . 
B 2 HOH 39  225 41  HOH HOH A . 
B 2 HOH 40  226 42  HOH HOH A . 
B 2 HOH 41  227 43  HOH HOH A . 
B 2 HOH 42  228 44  HOH HOH A . 
B 2 HOH 43  229 45  HOH HOH A . 
B 2 HOH 44  230 46  HOH HOH A . 
B 2 HOH 45  231 47  HOH HOH A . 
B 2 HOH 46  232 49  HOH HOH A . 
B 2 HOH 47  233 50  HOH HOH A . 
B 2 HOH 48  234 51  HOH HOH A . 
B 2 HOH 49  235 52  HOH HOH A . 
B 2 HOH 50  236 53  HOH HOH A . 
B 2 HOH 51  237 54  HOH HOH A . 
B 2 HOH 52  238 55  HOH HOH A . 
B 2 HOH 53  239 56  HOH HOH A . 
B 2 HOH 54  240 57  HOH HOH A . 
B 2 HOH 55  241 58  HOH HOH A . 
B 2 HOH 56  242 59  HOH HOH A . 
B 2 HOH 57  243 60  HOH HOH A . 
B 2 HOH 58  244 61  HOH HOH A . 
B 2 HOH 59  245 62  HOH HOH A . 
B 2 HOH 60  246 63  HOH HOH A . 
B 2 HOH 61  247 64  HOH HOH A . 
B 2 HOH 62  248 65  HOH HOH A . 
B 2 HOH 63  249 66  HOH HOH A . 
B 2 HOH 64  250 67  HOH HOH A . 
B 2 HOH 65  251 68  HOH HOH A . 
B 2 HOH 66  252 69  HOH HOH A . 
B 2 HOH 67  253 70  HOH HOH A . 
B 2 HOH 68  254 71  HOH HOH A . 
B 2 HOH 69  255 72  HOH HOH A . 
B 2 HOH 70  256 73  HOH HOH A . 
B 2 HOH 71  257 74  HOH HOH A . 
B 2 HOH 72  258 75  HOH HOH A . 
B 2 HOH 73  259 76  HOH HOH A . 
B 2 HOH 74  260 77  HOH HOH A . 
B 2 HOH 75  261 78  HOH HOH A . 
B 2 HOH 76  262 79  HOH HOH A . 
B 2 HOH 77  263 80  HOH HOH A . 
B 2 HOH 78  264 81  HOH HOH A . 
B 2 HOH 79  265 84  HOH HOH A . 
B 2 HOH 80  266 85  HOH HOH A . 
B 2 HOH 81  267 86  HOH HOH A . 
B 2 HOH 82  268 87  HOH HOH A . 
B 2 HOH 83  269 88  HOH HOH A . 
B 2 HOH 84  270 89  HOH HOH A . 
B 2 HOH 85  271 90  HOH HOH A . 
B 2 HOH 86  272 91  HOH HOH A . 
B 2 HOH 87  273 92  HOH HOH A . 
B 2 HOH 88  274 93  HOH HOH A . 
B 2 HOH 89  275 94  HOH HOH A . 
B 2 HOH 90  276 95  HOH HOH A . 
B 2 HOH 91  277 96  HOH HOH A . 
B 2 HOH 92  278 98  HOH HOH A . 
B 2 HOH 93  279 99  HOH HOH A . 
B 2 HOH 94  280 100 HOH HOH A . 
B 2 HOH 95  281 103 HOH HOH A . 
B 2 HOH 96  282 104 HOH HOH A . 
B 2 HOH 97  283 105 HOH HOH A . 
B 2 HOH 98  284 106 HOH HOH A . 
B 2 HOH 99  285 107 HOH HOH A . 
B 2 HOH 100 286 108 HOH HOH A . 
B 2 HOH 101 287 109 HOH HOH A . 
B 2 HOH 102 288 111 HOH HOH A . 
B 2 HOH 103 289 113 HOH HOH A . 
B 2 HOH 104 290 114 HOH HOH A . 
B 2 HOH 105 291 116 HOH HOH A . 
B 2 HOH 106 292 117 HOH HOH A . 
B 2 HOH 107 293 119 HOH HOH A . 
B 2 HOH 108 294 120 HOH HOH A . 
B 2 HOH 109 295 121 HOH HOH A . 
B 2 HOH 110 296 122 HOH HOH A . 
B 2 HOH 111 297 123 HOH HOH A . 
B 2 HOH 112 298 124 HOH HOH A . 
B 2 HOH 113 299 125 HOH HOH A . 
B 2 HOH 114 300 126 HOH HOH A . 
B 2 HOH 115 301 127 HOH HOH A . 
B 2 HOH 116 302 128 HOH HOH A . 
B 2 HOH 117 303 129 HOH HOH A . 
B 2 HOH 118 304 130 HOH HOH A . 
B 2 HOH 119 305 131 HOH HOH A . 
B 2 HOH 120 306 132 HOH HOH A . 
B 2 HOH 121 307 133 HOH HOH A . 
B 2 HOH 122 308 134 HOH HOH A . 
B 2 HOH 123 309 136 HOH HOH A . 
B 2 HOH 124 310 137 HOH HOH A . 
B 2 HOH 125 311 138 HOH HOH A . 
B 2 HOH 126 312 139 HOH HOH A . 
B 2 HOH 127 313 140 HOH HOH A . 
B 2 HOH 128 314 141 HOH HOH A . 
B 2 HOH 129 315 142 HOH HOH A . 
B 2 HOH 130 316 143 HOH HOH A . 
B 2 HOH 131 317 144 HOH HOH A . 
B 2 HOH 132 318 145 HOH HOH A . 
B 2 HOH 133 319 148 HOH HOH A . 
B 2 HOH 134 320 149 HOH HOH A . 
B 2 HOH 135 321 151 HOH HOH A . 
B 2 HOH 136 322 152 HOH HOH A . 
B 2 HOH 137 323 153 HOH HOH A . 
B 2 HOH 138 324 154 HOH HOH A . 
B 2 HOH 139 325 155 HOH HOH A . 
B 2 HOH 140 326 156 HOH HOH A . 
B 2 HOH 141 327 157 HOH HOH A . 
B 2 HOH 142 328 158 HOH HOH A . 
B 2 HOH 143 329 159 HOH HOH A . 
B 2 HOH 144 330 160 HOH HOH A . 
B 2 HOH 145 331 161 HOH HOH A . 
B 2 HOH 146 332 162 HOH HOH A . 
B 2 HOH 147 333 164 HOH HOH A . 
B 2 HOH 148 334 166 HOH HOH A . 
B 2 HOH 149 335 167 HOH HOH A . 
B 2 HOH 150 336 168 HOH HOH A . 
B 2 HOH 151 337 169 HOH HOH A . 
B 2 HOH 152 338 171 HOH HOH A . 
B 2 HOH 153 339 172 HOH HOH A . 
B 2 HOH 154 340 174 HOH HOH A . 
B 2 HOH 155 341 175 HOH HOH A . 
B 2 HOH 156 342 180 HOH HOH A . 
B 2 HOH 157 343 182 HOH HOH A . 
B 2 HOH 158 344 183 HOH HOH A . 
B 2 HOH 159 345 184 HOH HOH A . 
B 2 HOH 160 346 187 HOH HOH A . 
B 2 HOH 161 347 188 HOH HOH A . 
B 2 HOH 162 348 189 HOH HOH A . 
B 2 HOH 163 349 191 HOH HOH A . 
B 2 HOH 164 350 193 HOH HOH A . 
B 2 HOH 165 351 196 HOH HOH A . 
B 2 HOH 166 352 197 HOH HOH A . 
B 2 HOH 167 353 198 HOH HOH A . 
B 2 HOH 168 354 199 HOH HOH A . 
B 2 HOH 169 355 201 HOH HOH A . 
B 2 HOH 170 356 202 HOH HOH A . 
B 2 HOH 171 357 204 HOH HOH A . 
B 2 HOH 172 358 206 HOH HOH A . 
B 2 HOH 173 359 207 HOH HOH A . 
B 2 HOH 174 360 211 HOH HOH A . 
B 2 HOH 175 361 212 HOH HOH A . 
B 2 HOH 176 362 213 HOH HOH A . 
B 2 HOH 177 363 214 HOH HOH A . 
B 2 HOH 178 364 215 HOH HOH A . 
B 2 HOH 179 365 216 HOH HOH A . 
B 2 HOH 180 366 217 HOH HOH A . 
B 2 HOH 181 367 221 HOH HOH A . 
B 2 HOH 182 368 223 HOH HOH A . 
B 2 HOH 183 369 224 HOH HOH A . 
B 2 HOH 184 370 227 HOH HOH A . 
B 2 HOH 185 371 229 HOH HOH A . 
B 2 HOH 186 372 230 HOH HOH A . 
B 2 HOH 187 373 231 HOH HOH A . 
B 2 HOH 188 374 232 HOH HOH A . 
B 2 HOH 189 375 233 HOH HOH A . 
B 2 HOH 190 376 234 HOH HOH A . 
B 2 HOH 191 377 235 HOH HOH A . 
B 2 HOH 192 378 236 HOH HOH A . 
B 2 HOH 193 379 237 HOH HOH A . 
B 2 HOH 194 380 238 HOH HOH A . 
B 2 HOH 195 381 239 HOH HOH A . 
B 2 HOH 196 382 240 HOH HOH A . 
B 2 HOH 197 383 241 HOH HOH A . 
B 2 HOH 198 384 242 HOH HOH A . 
B 2 HOH 199 385 243 HOH HOH A . 
B 2 HOH 200 386 244 HOH HOH A . 
B 2 HOH 201 387 245 HOH HOH A . 
B 2 HOH 202 388 246 HOH HOH A . 
B 2 HOH 203 389 247 HOH HOH A . 
B 2 HOH 204 390 248 HOH HOH A . 
B 2 HOH 205 391 249 HOH HOH A . 
B 2 HOH 206 392 250 HOH HOH A . 
B 2 HOH 207 393 251 HOH HOH A . 
B 2 HOH 208 394 252 HOH HOH A . 
B 2 HOH 209 395 253 HOH HOH A . 
B 2 HOH 210 396 254 HOH HOH A . 
B 2 HOH 211 397 255 HOH HOH A . 
B 2 HOH 212 398 256 HOH HOH A . 
B 2 HOH 213 399 257 HOH HOH A . 
B 2 HOH 214 400 258 HOH HOH A . 
B 2 HOH 215 401 259 HOH HOH A . 
# 
_pdbx_struct_assembly.id                   1 
_pdbx_struct_assembly.details              author_defined_assembly 
_pdbx_struct_assembly.method_details       ? 
_pdbx_struct_assembly.oligomeric_details   monomeric 
_pdbx_struct_assembly.oligomeric_count     1 
# 
_pdbx_struct_assembly_gen.assembly_id       1 
_pdbx_struct_assembly_gen.oper_expression   1 
_pdbx_struct_assembly_gen.asym_id_list      A,B 
# 
_pdbx_struct_oper_list.id                   1 
_pdbx_struct_oper_list.type                 'identity operation' 
_pdbx_struct_oper_list.name                 1_555 
_pdbx_struct_oper_list.symmetry_operation   x,y,z 
_pdbx_struct_oper_list.matrix[1][1]         1.0000000000 
_pdbx_struct_oper_list.matrix[1][2]         0.0000000000 
_pdbx_struct_oper_list.matrix[1][3]         0.0000000000 
_pdbx_struct_oper_list.vector[1]            0.0000000000 
_pdbx_struct_oper_list.matrix[2][1]         0.0000000000 
_pdbx_struct_oper_list.matrix[2][2]         1.0000000000 
_pdbx_struct_oper_list.matrix[2][3]         0.0000000000 
_pdbx_struct_oper_list.vector[2]            0.0000000000 
_pdbx_struct_oper_list.matrix[3][1]         0.0000000000 
_pdbx_struct_oper_list.matrix[3][2]         0.0000000000 
_pdbx_struct_oper_list.matrix[3][3]         1.0000000000 
_pdbx_struct_oper_list.vector[3]            0.0000000000 
# 
_pdbx_struct_special_symmetry.id              1 
_pdbx_struct_special_symmetry.PDB_model_num   1 
_pdbx_struct_special_symmetry.auth_asym_id    A 
_pdbx_struct_special_symmetry.auth_comp_id    HOH 
_pdbx_struct_special_symmetry.auth_seq_id     207 
_pdbx_struct_special_symmetry.PDB_ins_code    ? 
_pdbx_struct_special_symmetry.label_asym_id   B 
_pdbx_struct_special_symmetry.label_comp_id   HOH 
_pdbx_struct_special_symmetry.label_seq_id    . 
# 
loop_
_pdbx_audit_revision_history.ordinal 
_pdbx_audit_revision_history.data_content_type 
_pdbx_audit_revision_history.major_revision 
_pdbx_audit_revision_history.minor_revision 
_pdbx_audit_revision_history.revision_date 
1 'Structure model' 1 0 2007-05-22 
2 'Structure model' 1 1 2008-05-01 
3 'Structure model' 1 2 2011-07-13 
4 'Structure model' 1 3 2017-10-18 
5 'Structure model' 1 4 2023-08-30 
# 
_pdbx_audit_revision_details.ordinal             1 
_pdbx_audit_revision_details.revision_ordinal    1 
_pdbx_audit_revision_details.data_content_type   'Structure model' 
_pdbx_audit_revision_details.provider            repository 
_pdbx_audit_revision_details.type                'Initial release' 
_pdbx_audit_revision_details.description         ? 
_pdbx_audit_revision_details.details             ? 
# 
loop_
_pdbx_audit_revision_group.ordinal 
_pdbx_audit_revision_group.revision_ordinal 
_pdbx_audit_revision_group.data_content_type 
_pdbx_audit_revision_group.group 
1 2 'Structure model' 'Version format compliance' 
2 3 'Structure model' 'Version format compliance' 
3 4 'Structure model' 'Refinement description'    
4 5 'Structure model' 'Data collection'           
5 5 'Structure model' 'Database references'       
6 5 'Structure model' 'Refinement description'    
# 
loop_
_pdbx_audit_revision_category.ordinal 
_pdbx_audit_revision_category.revision_ordinal 
_pdbx_audit_revision_category.data_content_type 
_pdbx_audit_revision_category.category 
1 4 'Structure model' software                      
2 5 'Structure model' chem_comp_atom                
3 5 'Structure model' chem_comp_bond                
4 5 'Structure model' database_2                    
5 5 'Structure model' pdbx_initial_refinement_model 
6 5 'Structure model' struct_ref_seq_dif            
# 
loop_
_pdbx_audit_revision_item.ordinal 
_pdbx_audit_revision_item.revision_ordinal 
_pdbx_audit_revision_item.data_content_type 
_pdbx_audit_revision_item.item 
1 5 'Structure model' '_database_2.pdbx_DOI'                
2 5 'Structure model' '_database_2.pdbx_database_accession' 
3 5 'Structure model' '_struct_ref_seq_dif.details'         
# 
_pdbx_phasing_MR.entry_id                     2PLU 
_pdbx_phasing_MR.method_rotation              ? 
_pdbx_phasing_MR.method_translation           ? 
_pdbx_phasing_MR.model_details                ? 
_pdbx_phasing_MR.R_factor                     ? 
_pdbx_phasing_MR.R_rigid_body                 ? 
_pdbx_phasing_MR.correlation_coeff_Fo_to_Fc   ? 
_pdbx_phasing_MR.correlation_coeff_Io_to_Ic   ? 
_pdbx_phasing_MR.d_res_high_rotation          2.500 
_pdbx_phasing_MR.d_res_low_rotation           36.270 
_pdbx_phasing_MR.d_res_high_translation       2.500 
_pdbx_phasing_MR.d_res_low_translation        36.270 
_pdbx_phasing_MR.packing                      ? 
_pdbx_phasing_MR.reflns_percent_rotation      ? 
_pdbx_phasing_MR.reflns_percent_translation   ? 
_pdbx_phasing_MR.sigma_F_rotation             ? 
_pdbx_phasing_MR.sigma_F_translation          ? 
_pdbx_phasing_MR.sigma_I_rotation             ? 
_pdbx_phasing_MR.sigma_I_translation          ? 
# 
loop_
_software.name 
_software.version 
_software.date 
_software.type 
_software.contact_author 
_software.contact_author_email 
_software.classification 
_software.location 
_software.language 
_software.citation_id 
_software.pdbx_ordinal 
DENZO       .     ?                package 'Zbyszek Otwinowski' zbyszek@mix.swmed.edu       'data reduction'  
http://www.lnls.br/infra/linhasluz/denzo-hkl.htm ?          ? 1 
SCALEPACK   .     ?                package 'Zbyszek Otwinowski' zbyszek@mix.swmed.edu       'data scaling'    
http://www.lnls.br/infra/linhasluz/denzo-hkl.htm ?          ? 2 
PHASER      .     ?                other   'R. J. Read'         cimr-phaser@lists.cam.ac.uk phasing           
http://www-structmed.cimr.cam.ac.uk/phaser/      ?          ? 3 
REFMAC      .     ?                program 'Murshudov, G.N.'    ccp4@dl.ac.uk               refinement        
http://www.ccp4.ac.uk/main.html                  Fortran_77 ? 4 
PDB_EXTRACT 2.000 'April. 3, 2006' package PDB                  sw-help@rcsb.rutgers.edu    'data extraction' 
http://pdb.rutgers.edu/software/                 C++        ? 5 
HKL-2000    .     ?                ?       ?                    ?                           'data reduction'  ? ?          ? 6 
# 
loop_
_pdbx_validate_close_contact.id 
_pdbx_validate_close_contact.PDB_model_num 
_pdbx_validate_close_contact.auth_atom_id_1 
_pdbx_validate_close_contact.auth_asym_id_1 
_pdbx_validate_close_contact.auth_comp_id_1 
_pdbx_validate_close_contact.auth_seq_id_1 
_pdbx_validate_close_contact.PDB_ins_code_1 
_pdbx_validate_close_contact.label_alt_id_1 
_pdbx_validate_close_contact.auth_atom_id_2 
_pdbx_validate_close_contact.auth_asym_id_2 
_pdbx_validate_close_contact.auth_comp_id_2 
_pdbx_validate_close_contact.auth_seq_id_2 
_pdbx_validate_close_contact.PDB_ins_code_2 
_pdbx_validate_close_contact.label_alt_id_2 
_pdbx_validate_close_contact.dist 
1 1 CB A CYS 180 ? ? O A HOH 391 ? ? 2.09 
2 1 O  A HOH 280 ? ? O A HOH 398 ? ? 2.09 
3 1 CB A SER 27  ? ? O A HOH 396 ? ? 2.15 
# 
_pdbx_validate_torsion.id              1 
_pdbx_validate_torsion.PDB_model_num   1 
_pdbx_validate_torsion.auth_comp_id    PHE 
_pdbx_validate_torsion.auth_asym_id    A 
_pdbx_validate_torsion.auth_seq_id     83 
_pdbx_validate_torsion.PDB_ins_code    ? 
_pdbx_validate_torsion.label_alt_id    ? 
_pdbx_validate_torsion.phi             -144.87 
_pdbx_validate_torsion.psi             -76.61 
# 
loop_
_pdbx_unobs_or_zero_occ_residues.id 
_pdbx_unobs_or_zero_occ_residues.PDB_model_num 
_pdbx_unobs_or_zero_occ_residues.polymer_flag 
_pdbx_unobs_or_zero_occ_residues.occupancy_flag 
_pdbx_unobs_or_zero_occ_residues.auth_asym_id 
_pdbx_unobs_or_zero_occ_residues.auth_comp_id 
_pdbx_unobs_or_zero_occ_residues.auth_seq_id 
_pdbx_unobs_or_zero_occ_residues.PDB_ins_code 
_pdbx_unobs_or_zero_occ_residues.label_asym_id 
_pdbx_unobs_or_zero_occ_residues.label_comp_id 
_pdbx_unobs_or_zero_occ_residues.label_seq_id 
1  1 Y 1 A MET 1   ? A MET 1   
2  1 Y 1 A HIS 2   ? A HIS 2   
3  1 Y 1 A HIS 3   ? A HIS 3   
4  1 Y 1 A HIS 4   ? A HIS 4   
5  1 Y 1 A HIS 5   ? A HIS 5   
6  1 Y 1 A HIS 6   ? A HIS 6   
7  1 Y 1 A HIS 7   ? A HIS 7   
8  1 Y 1 A SER 8   ? A SER 8   
9  1 Y 1 A SER 9   ? A SER 9   
10 1 Y 1 A GLY 10  ? A GLY 10  
11 1 Y 1 A ARG 11  ? A ARG 11  
12 1 Y 1 A GLU 12  ? A GLU 12  
13 1 Y 1 A ASN 13  ? A ASN 13  
14 1 Y 1 A SER 104 ? A SER 104 
# 
loop_
_chem_comp_atom.comp_id 
_chem_comp_atom.atom_id 
_chem_comp_atom.type_symbol 
_chem_comp_atom.pdbx_aromatic_flag 
_chem_comp_atom.pdbx_stereo_config 
_chem_comp_atom.pdbx_ordinal 
ALA N    N N N 1   
ALA CA   C N S 2   
ALA C    C N N 3   
ALA O    O N N 4   
ALA CB   C N N 5   
ALA OXT  O N N 6   
ALA H    H N N 7   
ALA H2   H N N 8   
ALA HA   H N N 9   
ALA HB1  H N N 10  
ALA HB2  H N N 11  
ALA HB3  H N N 12  
ALA HXT  H N N 13  
ARG N    N N N 14  
ARG CA   C N S 15  
ARG C    C N N 16  
ARG O    O N N 17  
ARG CB   C N N 18  
ARG CG   C N N 19  
ARG CD   C N N 20  
ARG NE   N N N 21  
ARG CZ   C N N 22  
ARG NH1  N N N 23  
ARG NH2  N N N 24  
ARG OXT  O N N 25  
ARG H    H N N 26  
ARG H2   H N N 27  
ARG HA   H N N 28  
ARG HB2  H N N 29  
ARG HB3  H N N 30  
ARG HG2  H N N 31  
ARG HG3  H N N 32  
ARG HD2  H N N 33  
ARG HD3  H N N 34  
ARG HE   H N N 35  
ARG HH11 H N N 36  
ARG HH12 H N N 37  
ARG HH21 H N N 38  
ARG HH22 H N N 39  
ARG HXT  H N N 40  
ASN N    N N N 41  
ASN CA   C N S 42  
ASN C    C N N 43  
ASN O    O N N 44  
ASN CB   C N N 45  
ASN CG   C N N 46  
ASN OD1  O N N 47  
ASN ND2  N N N 48  
ASN OXT  O N N 49  
ASN H    H N N 50  
ASN H2   H N N 51  
ASN HA   H N N 52  
ASN HB2  H N N 53  
ASN HB3  H N N 54  
ASN HD21 H N N 55  
ASN HD22 H N N 56  
ASN HXT  H N N 57  
ASP N    N N N 58  
ASP CA   C N S 59  
ASP C    C N N 60  
ASP O    O N N 61  
ASP CB   C N N 62  
ASP CG   C N N 63  
ASP OD1  O N N 64  
ASP OD2  O N N 65  
ASP OXT  O N N 66  
ASP H    H N N 67  
ASP H2   H N N 68  
ASP HA   H N N 69  
ASP HB2  H N N 70  
ASP HB3  H N N 71  
ASP HD2  H N N 72  
ASP HXT  H N N 73  
CYS N    N N N 74  
CYS CA   C N R 75  
CYS C    C N N 76  
CYS O    O N N 77  
CYS CB   C N N 78  
CYS SG   S N N 79  
CYS OXT  O N N 80  
CYS H    H N N 81  
CYS H2   H N N 82  
CYS HA   H N N 83  
CYS HB2  H N N 84  
CYS HB3  H N N 85  
CYS HG   H N N 86  
CYS HXT  H N N 87  
GLN N    N N N 88  
GLN CA   C N S 89  
GLN C    C N N 90  
GLN O    O N N 91  
GLN CB   C N N 92  
GLN CG   C N N 93  
GLN CD   C N N 94  
GLN OE1  O N N 95  
GLN NE2  N N N 96  
GLN OXT  O N N 97  
GLN H    H N N 98  
GLN H2   H N N 99  
GLN HA   H N N 100 
GLN HB2  H N N 101 
GLN HB3  H N N 102 
GLN HG2  H N N 103 
GLN HG3  H N N 104 
GLN HE21 H N N 105 
GLN HE22 H N N 106 
GLN HXT  H N N 107 
GLU N    N N N 108 
GLU CA   C N S 109 
GLU C    C N N 110 
GLU O    O N N 111 
GLU CB   C N N 112 
GLU CG   C N N 113 
GLU CD   C N N 114 
GLU OE1  O N N 115 
GLU OE2  O N N 116 
GLU OXT  O N N 117 
GLU H    H N N 118 
GLU H2   H N N 119 
GLU HA   H N N 120 
GLU HB2  H N N 121 
GLU HB3  H N N 122 
GLU HG2  H N N 123 
GLU HG3  H N N 124 
GLU HE2  H N N 125 
GLU HXT  H N N 126 
GLY N    N N N 127 
GLY CA   C N N 128 
GLY C    C N N 129 
GLY O    O N N 130 
GLY OXT  O N N 131 
GLY H    H N N 132 
GLY H2   H N N 133 
GLY HA2  H N N 134 
GLY HA3  H N N 135 
GLY HXT  H N N 136 
HIS N    N N N 137 
HIS CA   C N S 138 
HIS C    C N N 139 
HIS O    O N N 140 
HIS CB   C N N 141 
HIS CG   C Y N 142 
HIS ND1  N Y N 143 
HIS CD2  C Y N 144 
HIS CE1  C Y N 145 
HIS NE2  N Y N 146 
HIS OXT  O N N 147 
HIS H    H N N 148 
HIS H2   H N N 149 
HIS HA   H N N 150 
HIS HB2  H N N 151 
HIS HB3  H N N 152 
HIS HD1  H N N 153 
HIS HD2  H N N 154 
HIS HE1  H N N 155 
HIS HE2  H N N 156 
HIS HXT  H N N 157 
HOH O    O N N 158 
HOH H1   H N N 159 
HOH H2   H N N 160 
ILE N    N N N 161 
ILE CA   C N S 162 
ILE C    C N N 163 
ILE O    O N N 164 
ILE CB   C N S 165 
ILE CG1  C N N 166 
ILE CG2  C N N 167 
ILE CD1  C N N 168 
ILE OXT  O N N 169 
ILE H    H N N 170 
ILE H2   H N N 171 
ILE HA   H N N 172 
ILE HB   H N N 173 
ILE HG12 H N N 174 
ILE HG13 H N N 175 
ILE HG21 H N N 176 
ILE HG22 H N N 177 
ILE HG23 H N N 178 
ILE HD11 H N N 179 
ILE HD12 H N N 180 
ILE HD13 H N N 181 
ILE HXT  H N N 182 
LEU N    N N N 183 
LEU CA   C N S 184 
LEU C    C N N 185 
LEU O    O N N 186 
LEU CB   C N N 187 
LEU CG   C N N 188 
LEU CD1  C N N 189 
LEU CD2  C N N 190 
LEU OXT  O N N 191 
LEU H    H N N 192 
LEU H2   H N N 193 
LEU HA   H N N 194 
LEU HB2  H N N 195 
LEU HB3  H N N 196 
LEU HG   H N N 197 
LEU HD11 H N N 198 
LEU HD12 H N N 199 
LEU HD13 H N N 200 
LEU HD21 H N N 201 
LEU HD22 H N N 202 
LEU HD23 H N N 203 
LEU HXT  H N N 204 
LYS N    N N N 205 
LYS CA   C N S 206 
LYS C    C N N 207 
LYS O    O N N 208 
LYS CB   C N N 209 
LYS CG   C N N 210 
LYS CD   C N N 211 
LYS CE   C N N 212 
LYS NZ   N N N 213 
LYS OXT  O N N 214 
LYS H    H N N 215 
LYS H2   H N N 216 
LYS HA   H N N 217 
LYS HB2  H N N 218 
LYS HB3  H N N 219 
LYS HG2  H N N 220 
LYS HG3  H N N 221 
LYS HD2  H N N 222 
LYS HD3  H N N 223 
LYS HE2  H N N 224 
LYS HE3  H N N 225 
LYS HZ1  H N N 226 
LYS HZ2  H N N 227 
LYS HZ3  H N N 228 
LYS HXT  H N N 229 
MET N    N N N 230 
MET CA   C N S 231 
MET C    C N N 232 
MET O    O N N 233 
MET CB   C N N 234 
MET CG   C N N 235 
MET SD   S N N 236 
MET CE   C N N 237 
MET OXT  O N N 238 
MET H    H N N 239 
MET H2   H N N 240 
MET HA   H N N 241 
MET HB2  H N N 242 
MET HB3  H N N 243 
MET HG2  H N N 244 
MET HG3  H N N 245 
MET HE1  H N N 246 
MET HE2  H N N 247 
MET HE3  H N N 248 
MET HXT  H N N 249 
PHE N    N N N 250 
PHE CA   C N S 251 
PHE C    C N N 252 
PHE O    O N N 253 
PHE CB   C N N 254 
PHE CG   C Y N 255 
PHE CD1  C Y N 256 
PHE CD2  C Y N 257 
PHE CE1  C Y N 258 
PHE CE2  C Y N 259 
PHE CZ   C Y N 260 
PHE OXT  O N N 261 
PHE H    H N N 262 
PHE H2   H N N 263 
PHE HA   H N N 264 
PHE HB2  H N N 265 
PHE HB3  H N N 266 
PHE HD1  H N N 267 
PHE HD2  H N N 268 
PHE HE1  H N N 269 
PHE HE2  H N N 270 
PHE HZ   H N N 271 
PHE HXT  H N N 272 
PRO N    N N N 273 
PRO CA   C N S 274 
PRO C    C N N 275 
PRO O    O N N 276 
PRO CB   C N N 277 
PRO CG   C N N 278 
PRO CD   C N N 279 
PRO OXT  O N N 280 
PRO H    H N N 281 
PRO HA   H N N 282 
PRO HB2  H N N 283 
PRO HB3  H N N 284 
PRO HG2  H N N 285 
PRO HG3  H N N 286 
PRO HD2  H N N 287 
PRO HD3  H N N 288 
PRO HXT  H N N 289 
SER N    N N N 290 
SER CA   C N S 291 
SER C    C N N 292 
SER O    O N N 293 
SER CB   C N N 294 
SER OG   O N N 295 
SER OXT  O N N 296 
SER H    H N N 297 
SER H2   H N N 298 
SER HA   H N N 299 
SER HB2  H N N 300 
SER HB3  H N N 301 
SER HG   H N N 302 
SER HXT  H N N 303 
THR N    N N N 304 
THR CA   C N S 305 
THR C    C N N 306 
THR O    O N N 307 
THR CB   C N R 308 
THR OG1  O N N 309 
THR CG2  C N N 310 
THR OXT  O N N 311 
THR H    H N N 312 
THR H2   H N N 313 
THR HA   H N N 314 
THR HB   H N N 315 
THR HG1  H N N 316 
THR HG21 H N N 317 
THR HG22 H N N 318 
THR HG23 H N N 319 
THR HXT  H N N 320 
TRP N    N N N 321 
TRP CA   C N S 322 
TRP C    C N N 323 
TRP O    O N N 324 
TRP CB   C N N 325 
TRP CG   C Y N 326 
TRP CD1  C Y N 327 
TRP CD2  C Y N 328 
TRP NE1  N Y N 329 
TRP CE2  C Y N 330 
TRP CE3  C Y N 331 
TRP CZ2  C Y N 332 
TRP CZ3  C Y N 333 
TRP CH2  C Y N 334 
TRP OXT  O N N 335 
TRP H    H N N 336 
TRP H2   H N N 337 
TRP HA   H N N 338 
TRP HB2  H N N 339 
TRP HB3  H N N 340 
TRP HD1  H N N 341 
TRP HE1  H N N 342 
TRP HE3  H N N 343 
TRP HZ2  H N N 344 
TRP HZ3  H N N 345 
TRP HH2  H N N 346 
TRP HXT  H N N 347 
TYR N    N N N 348 
TYR CA   C N S 349 
TYR C    C N N 350 
TYR O    O N N 351 
TYR CB   C N N 352 
TYR CG   C Y N 353 
TYR CD1  C Y N 354 
TYR CD2  C Y N 355 
TYR CE1  C Y N 356 
TYR CE2  C Y N 357 
TYR CZ   C Y N 358 
TYR OH   O N N 359 
TYR OXT  O N N 360 
TYR H    H N N 361 
TYR H2   H N N 362 
TYR HA   H N N 363 
TYR HB2  H N N 364 
TYR HB3  H N N 365 
TYR HD1  H N N 366 
TYR HD2  H N N 367 
TYR HE1  H N N 368 
TYR HE2  H N N 369 
TYR HH   H N N 370 
TYR HXT  H N N 371 
VAL N    N N N 372 
VAL CA   C N S 373 
VAL C    C N N 374 
VAL O    O N N 375 
VAL CB   C N N 376 
VAL CG1  C N N 377 
VAL CG2  C N N 378 
VAL OXT  O N N 379 
VAL H    H N N 380 
VAL H2   H N N 381 
VAL HA   H N N 382 
VAL HB   H N N 383 
VAL HG11 H N N 384 
VAL HG12 H N N 385 
VAL HG13 H N N 386 
VAL HG21 H N N 387 
VAL HG22 H N N 388 
VAL HG23 H N N 389 
VAL HXT  H N N 390 
# 
loop_
_chem_comp_bond.comp_id 
_chem_comp_bond.atom_id_1 
_chem_comp_bond.atom_id_2 
_chem_comp_bond.value_order 
_chem_comp_bond.pdbx_aromatic_flag 
_chem_comp_bond.pdbx_stereo_config 
_chem_comp_bond.pdbx_ordinal 
ALA N   CA   sing N N 1   
ALA N   H    sing N N 2   
ALA N   H2   sing N N 3   
ALA CA  C    sing N N 4   
ALA CA  CB   sing N N 5   
ALA CA  HA   sing N N 6   
ALA C   O    doub N N 7   
ALA C   OXT  sing N N 8   
ALA CB  HB1  sing N N 9   
ALA CB  HB2  sing N N 10  
ALA CB  HB3  sing N N 11  
ALA OXT HXT  sing N N 12  
ARG N   CA   sing N N 13  
ARG N   H    sing N N 14  
ARG N   H2   sing N N 15  
ARG CA  C    sing N N 16  
ARG CA  CB   sing N N 17  
ARG CA  HA   sing N N 18  
ARG C   O    doub N N 19  
ARG C   OXT  sing N N 20  
ARG CB  CG   sing N N 21  
ARG CB  HB2  sing N N 22  
ARG CB  HB3  sing N N 23  
ARG CG  CD   sing N N 24  
ARG CG  HG2  sing N N 25  
ARG CG  HG3  sing N N 26  
ARG CD  NE   sing N N 27  
ARG CD  HD2  sing N N 28  
ARG CD  HD3  sing N N 29  
ARG NE  CZ   sing N N 30  
ARG NE  HE   sing N N 31  
ARG CZ  NH1  sing N N 32  
ARG CZ  NH2  doub N N 33  
ARG NH1 HH11 sing N N 34  
ARG NH1 HH12 sing N N 35  
ARG NH2 HH21 sing N N 36  
ARG NH2 HH22 sing N N 37  
ARG OXT HXT  sing N N 38  
ASN N   CA   sing N N 39  
ASN N   H    sing N N 40  
ASN N   H2   sing N N 41  
ASN CA  C    sing N N 42  
ASN CA  CB   sing N N 43  
ASN CA  HA   sing N N 44  
ASN C   O    doub N N 45  
ASN C   OXT  sing N N 46  
ASN CB  CG   sing N N 47  
ASN CB  HB2  sing N N 48  
ASN CB  HB3  sing N N 49  
ASN CG  OD1  doub N N 50  
ASN CG  ND2  sing N N 51  
ASN ND2 HD21 sing N N 52  
ASN ND2 HD22 sing N N 53  
ASN OXT HXT  sing N N 54  
ASP N   CA   sing N N 55  
ASP N   H    sing N N 56  
ASP N   H2   sing N N 57  
ASP CA  C    sing N N 58  
ASP CA  CB   sing N N 59  
ASP CA  HA   sing N N 60  
ASP C   O    doub N N 61  
ASP C   OXT  sing N N 62  
ASP CB  CG   sing N N 63  
ASP CB  HB2  sing N N 64  
ASP CB  HB3  sing N N 65  
ASP CG  OD1  doub N N 66  
ASP CG  OD2  sing N N 67  
ASP OD2 HD2  sing N N 68  
ASP OXT HXT  sing N N 69  
CYS N   CA   sing N N 70  
CYS N   H    sing N N 71  
CYS N   H2   sing N N 72  
CYS CA  C    sing N N 73  
CYS CA  CB   sing N N 74  
CYS CA  HA   sing N N 75  
CYS C   O    doub N N 76  
CYS C   OXT  sing N N 77  
CYS CB  SG   sing N N 78  
CYS CB  HB2  sing N N 79  
CYS CB  HB3  sing N N 80  
CYS SG  HG   sing N N 81  
CYS OXT HXT  sing N N 82  
GLN N   CA   sing N N 83  
GLN N   H    sing N N 84  
GLN N   H2   sing N N 85  
GLN CA  C    sing N N 86  
GLN CA  CB   sing N N 87  
GLN CA  HA   sing N N 88  
GLN C   O    doub N N 89  
GLN C   OXT  sing N N 90  
GLN CB  CG   sing N N 91  
GLN CB  HB2  sing N N 92  
GLN CB  HB3  sing N N 93  
GLN CG  CD   sing N N 94  
GLN CG  HG2  sing N N 95  
GLN CG  HG3  sing N N 96  
GLN CD  OE1  doub N N 97  
GLN CD  NE2  sing N N 98  
GLN NE2 HE21 sing N N 99  
GLN NE2 HE22 sing N N 100 
GLN OXT HXT  sing N N 101 
GLU N   CA   sing N N 102 
GLU N   H    sing N N 103 
GLU N   H2   sing N N 104 
GLU CA  C    sing N N 105 
GLU CA  CB   sing N N 106 
GLU CA  HA   sing N N 107 
GLU C   O    doub N N 108 
GLU C   OXT  sing N N 109 
GLU CB  CG   sing N N 110 
GLU CB  HB2  sing N N 111 
GLU CB  HB3  sing N N 112 
GLU CG  CD   sing N N 113 
GLU CG  HG2  sing N N 114 
GLU CG  HG3  sing N N 115 
GLU CD  OE1  doub N N 116 
GLU CD  OE2  sing N N 117 
GLU OE2 HE2  sing N N 118 
GLU OXT HXT  sing N N 119 
GLY N   CA   sing N N 120 
GLY N   H    sing N N 121 
GLY N   H2   sing N N 122 
GLY CA  C    sing N N 123 
GLY CA  HA2  sing N N 124 
GLY CA  HA3  sing N N 125 
GLY C   O    doub N N 126 
GLY C   OXT  sing N N 127 
GLY OXT HXT  sing N N 128 
HIS N   CA   sing N N 129 
HIS N   H    sing N N 130 
HIS N   H2   sing N N 131 
HIS CA  C    sing N N 132 
HIS CA  CB   sing N N 133 
HIS CA  HA   sing N N 134 
HIS C   O    doub N N 135 
HIS C   OXT  sing N N 136 
HIS CB  CG   sing N N 137 
HIS CB  HB2  sing N N 138 
HIS CB  HB3  sing N N 139 
HIS CG  ND1  sing Y N 140 
HIS CG  CD2  doub Y N 141 
HIS ND1 CE1  doub Y N 142 
HIS ND1 HD1  sing N N 143 
HIS CD2 NE2  sing Y N 144 
HIS CD2 HD2  sing N N 145 
HIS CE1 NE2  sing Y N 146 
HIS CE1 HE1  sing N N 147 
HIS NE2 HE2  sing N N 148 
HIS OXT HXT  sing N N 149 
HOH O   H1   sing N N 150 
HOH O   H2   sing N N 151 
ILE N   CA   sing N N 152 
ILE N   H    sing N N 153 
ILE N   H2   sing N N 154 
ILE CA  C    sing N N 155 
ILE CA  CB   sing N N 156 
ILE CA  HA   sing N N 157 
ILE C   O    doub N N 158 
ILE C   OXT  sing N N 159 
ILE CB  CG1  sing N N 160 
ILE CB  CG2  sing N N 161 
ILE CB  HB   sing N N 162 
ILE CG1 CD1  sing N N 163 
ILE CG1 HG12 sing N N 164 
ILE CG1 HG13 sing N N 165 
ILE CG2 HG21 sing N N 166 
ILE CG2 HG22 sing N N 167 
ILE CG2 HG23 sing N N 168 
ILE CD1 HD11 sing N N 169 
ILE CD1 HD12 sing N N 170 
ILE CD1 HD13 sing N N 171 
ILE OXT HXT  sing N N 172 
LEU N   CA   sing N N 173 
LEU N   H    sing N N 174 
LEU N   H2   sing N N 175 
LEU CA  C    sing N N 176 
LEU CA  CB   sing N N 177 
LEU CA  HA   sing N N 178 
LEU C   O    doub N N 179 
LEU C   OXT  sing N N 180 
LEU CB  CG   sing N N 181 
LEU CB  HB2  sing N N 182 
LEU CB  HB3  sing N N 183 
LEU CG  CD1  sing N N 184 
LEU CG  CD2  sing N N 185 
LEU CG  HG   sing N N 186 
LEU CD1 HD11 sing N N 187 
LEU CD1 HD12 sing N N 188 
LEU CD1 HD13 sing N N 189 
LEU CD2 HD21 sing N N 190 
LEU CD2 HD22 sing N N 191 
LEU CD2 HD23 sing N N 192 
LEU OXT HXT  sing N N 193 
LYS N   CA   sing N N 194 
LYS N   H    sing N N 195 
LYS N   H2   sing N N 196 
LYS CA  C    sing N N 197 
LYS CA  CB   sing N N 198 
LYS CA  HA   sing N N 199 
LYS C   O    doub N N 200 
LYS C   OXT  sing N N 201 
LYS CB  CG   sing N N 202 
LYS CB  HB2  sing N N 203 
LYS CB  HB3  sing N N 204 
LYS CG  CD   sing N N 205 
LYS CG  HG2  sing N N 206 
LYS CG  HG3  sing N N 207 
LYS CD  CE   sing N N 208 
LYS CD  HD2  sing N N 209 
LYS CD  HD3  sing N N 210 
LYS CE  NZ   sing N N 211 
LYS CE  HE2  sing N N 212 
LYS CE  HE3  sing N N 213 
LYS NZ  HZ1  sing N N 214 
LYS NZ  HZ2  sing N N 215 
LYS NZ  HZ3  sing N N 216 
LYS OXT HXT  sing N N 217 
MET N   CA   sing N N 218 
MET N   H    sing N N 219 
MET N   H2   sing N N 220 
MET CA  C    sing N N 221 
MET CA  CB   sing N N 222 
MET CA  HA   sing N N 223 
MET C   O    doub N N 224 
MET C   OXT  sing N N 225 
MET CB  CG   sing N N 226 
MET CB  HB2  sing N N 227 
MET CB  HB3  sing N N 228 
MET CG  SD   sing N N 229 
MET CG  HG2  sing N N 230 
MET CG  HG3  sing N N 231 
MET SD  CE   sing N N 232 
MET CE  HE1  sing N N 233 
MET CE  HE2  sing N N 234 
MET CE  HE3  sing N N 235 
MET OXT HXT  sing N N 236 
PHE N   CA   sing N N 237 
PHE N   H    sing N N 238 
PHE N   H2   sing N N 239 
PHE CA  C    sing N N 240 
PHE CA  CB   sing N N 241 
PHE CA  HA   sing N N 242 
PHE C   O    doub N N 243 
PHE C   OXT  sing N N 244 
PHE CB  CG   sing N N 245 
PHE CB  HB2  sing N N 246 
PHE CB  HB3  sing N N 247 
PHE CG  CD1  doub Y N 248 
PHE CG  CD2  sing Y N 249 
PHE CD1 CE1  sing Y N 250 
PHE CD1 HD1  sing N N 251 
PHE CD2 CE2  doub Y N 252 
PHE CD2 HD2  sing N N 253 
PHE CE1 CZ   doub Y N 254 
PHE CE1 HE1  sing N N 255 
PHE CE2 CZ   sing Y N 256 
PHE CE2 HE2  sing N N 257 
PHE CZ  HZ   sing N N 258 
PHE OXT HXT  sing N N 259 
PRO N   CA   sing N N 260 
PRO N   CD   sing N N 261 
PRO N   H    sing N N 262 
PRO CA  C    sing N N 263 
PRO CA  CB   sing N N 264 
PRO CA  HA   sing N N 265 
PRO C   O    doub N N 266 
PRO C   OXT  sing N N 267 
PRO CB  CG   sing N N 268 
PRO CB  HB2  sing N N 269 
PRO CB  HB3  sing N N 270 
PRO CG  CD   sing N N 271 
PRO CG  HG2  sing N N 272 
PRO CG  HG3  sing N N 273 
PRO CD  HD2  sing N N 274 
PRO CD  HD3  sing N N 275 
PRO OXT HXT  sing N N 276 
SER N   CA   sing N N 277 
SER N   H    sing N N 278 
SER N   H2   sing N N 279 
SER CA  C    sing N N 280 
SER CA  CB   sing N N 281 
SER CA  HA   sing N N 282 
SER C   O    doub N N 283 
SER C   OXT  sing N N 284 
SER CB  OG   sing N N 285 
SER CB  HB2  sing N N 286 
SER CB  HB3  sing N N 287 
SER OG  HG   sing N N 288 
SER OXT HXT  sing N N 289 
THR N   CA   sing N N 290 
THR N   H    sing N N 291 
THR N   H2   sing N N 292 
THR CA  C    sing N N 293 
THR CA  CB   sing N N 294 
THR CA  HA   sing N N 295 
THR C   O    doub N N 296 
THR C   OXT  sing N N 297 
THR CB  OG1  sing N N 298 
THR CB  CG2  sing N N 299 
THR CB  HB   sing N N 300 
THR OG1 HG1  sing N N 301 
THR CG2 HG21 sing N N 302 
THR CG2 HG22 sing N N 303 
THR CG2 HG23 sing N N 304 
THR OXT HXT  sing N N 305 
TRP N   CA   sing N N 306 
TRP N   H    sing N N 307 
TRP N   H2   sing N N 308 
TRP CA  C    sing N N 309 
TRP CA  CB   sing N N 310 
TRP CA  HA   sing N N 311 
TRP C   O    doub N N 312 
TRP C   OXT  sing N N 313 
TRP CB  CG   sing N N 314 
TRP CB  HB2  sing N N 315 
TRP CB  HB3  sing N N 316 
TRP CG  CD1  doub Y N 317 
TRP CG  CD2  sing Y N 318 
TRP CD1 NE1  sing Y N 319 
TRP CD1 HD1  sing N N 320 
TRP CD2 CE2  doub Y N 321 
TRP CD2 CE3  sing Y N 322 
TRP NE1 CE2  sing Y N 323 
TRP NE1 HE1  sing N N 324 
TRP CE2 CZ2  sing Y N 325 
TRP CE3 CZ3  doub Y N 326 
TRP CE3 HE3  sing N N 327 
TRP CZ2 CH2  doub Y N 328 
TRP CZ2 HZ2  sing N N 329 
TRP CZ3 CH2  sing Y N 330 
TRP CZ3 HZ3  sing N N 331 
TRP CH2 HH2  sing N N 332 
TRP OXT HXT  sing N N 333 
TYR N   CA   sing N N 334 
TYR N   H    sing N N 335 
TYR N   H2   sing N N 336 
TYR CA  C    sing N N 337 
TYR CA  CB   sing N N 338 
TYR CA  HA   sing N N 339 
TYR C   O    doub N N 340 
TYR C   OXT  sing N N 341 
TYR CB  CG   sing N N 342 
TYR CB  HB2  sing N N 343 
TYR CB  HB3  sing N N 344 
TYR CG  CD1  doub Y N 345 
TYR CG  CD2  sing Y N 346 
TYR CD1 CE1  sing Y N 347 
TYR CD1 HD1  sing N N 348 
TYR CD2 CE2  doub Y N 349 
TYR CD2 HD2  sing N N 350 
TYR CE1 CZ   doub Y N 351 
TYR CE1 HE1  sing N N 352 
TYR CE2 CZ   sing Y N 353 
TYR CE2 HE2  sing N N 354 
TYR CZ  OH   sing N N 355 
TYR OH  HH   sing N N 356 
TYR OXT HXT  sing N N 357 
VAL N   CA   sing N N 358 
VAL N   H    sing N N 359 
VAL N   H2   sing N N 360 
VAL CA  C    sing N N 361 
VAL CA  CB   sing N N 362 
VAL CA  HA   sing N N 363 
VAL C   O    doub N N 364 
VAL C   OXT  sing N N 365 
VAL CB  CG1  sing N N 366 
VAL CB  CG2  sing N N 367 
VAL CB  HB   sing N N 368 
VAL CG1 HG11 sing N N 369 
VAL CG1 HG12 sing N N 370 
VAL CG1 HG13 sing N N 371 
VAL CG2 HG21 sing N N 372 
VAL CG2 HG22 sing N N 373 
VAL CG2 HG23 sing N N 374 
VAL OXT HXT  sing N N 375 
# 
_pdbx_entity_nonpoly.entity_id   2 
_pdbx_entity_nonpoly.name        water 
_pdbx_entity_nonpoly.comp_id     HOH 
# 
_pdbx_initial_refinement_model.id               1 
_pdbx_initial_refinement_model.entity_id_list   ? 
_pdbx_initial_refinement_model.type             'experimental model' 
_pdbx_initial_refinement_model.source_name      PDB 
_pdbx_initial_refinement_model.accession_code   1DYW 
_pdbx_initial_refinement_model.details          'PDB entry 1DYW' 
# 
